data_7CLG
#
_entry.id   7CLG
#
_cell.length_a   86.583
_cell.length_b   175.679
_cell.length_c   89.379
_cell.angle_alpha   90.000
_cell.angle_beta   115.680
_cell.angle_gamma   90.000
#
_symmetry.space_group_name_H-M   'P 1 21 1'
#
loop_
_entity.id
_entity.type
_entity.pdbx_description
1 polymer 'Putative helicase'
2 non-polymer 'SULFATE ION'
3 water water
#
_entity_poly.entity_id   1
_entity_poly.type   'polypeptide(L)'
_entity_poly.pdbx_seq_one_letter_code
;(MSE)SRLLNDFNQSLHKGFIDKHISHKGNYTPKLLVNNKNEKVLSTIIDELQKCETFYFSVAFITESGLASLKAQLLDL
SNKGVKGKILTSNYLGFNSPK(MSE)YGELLKLKNVEVRLTDIAGFHAKGYIFEHKDYSS(MSE)VIGSSNLTSNALKVN
YEHNVLLST(MSE)KNGDLVDSVKSEFDLLWQKSTPLTEQWINSYKESFEYRSLEKLAEVEQTQ(MSE)LLADKVKKSVE
IVPNL(MSE)QAEALRSLKAIRDKAKDKALIISATGTGKTILCALDVREVNPNKFLFIVHNEGILNRAKEEFKKVLPIKN
DSDFGLLTGKHRDVDAKYLFATIQTLSRDDNFKQFDENEFDYIVFDEAHRSAASTYQRVFNYFKPKF(MSE)LG(MSE)T
ATPERSDELSIFELFDYNIAYEIRLQAALESDILCPFHYFGVTDYVHQGIKEDDVTKLRYLTSDERVNYIIQKTDYYGYS
GEILQGLIFVSSKKEAYDLADKLSSKGIKSVALTGDDSVNYRQIVIEKLKEGKINYIITVDLFNEGIDIPEVNQVV
(MSE)LRPTESSIIFIQQLGRGLRKSSNKEYVTVIDFIGNYKTNYLIPIALSGDQSQNKDNYKKFLTNNDSINGVSTINF
EEVAKKQIYNSLDAVSLNQNKLILKAYEEVENRLGH(MSE)PLL(MSE)DFIQQHSIDPSVIFSKFSNYYEFLVRYKKID
TLLTENESKNLVFFSRQIAPGLKRIDSLVLEELLKNELTYDELKNK(MSE)LNEVKDITEDDIDTSLRILDFSFYNAGIE
KIYGSPIIERNER(MSE)IRLSDAFTNALSNQTFN(MSE)FLEDLIELSKYNNEKYQKGKNGLILYNKYSREDFSKIFNW
NKNGSSVI(MSE)GY(MSE)IKSQE(MSE)PIFITYDKHEDISDSTKYEDEFLSQDELKWFTKSNRTLESKEVQKILSHR
AKGIK(MSE)YIFVQKKDDDGIYFYYLGTAGYIEGSEKQDK(MSE)PNGSNVVT(MSE)DLALDKAVRDDIYRYLTN
;
_entity_poly.pdbx_strand_id   A,B
#
loop_
_chem_comp.id
_chem_comp.type
_chem_comp.name
_chem_comp.formula
SO4 non-polymer 'SULFATE ION' 'O4 S -2'
#
# COMPACT_ATOMS: atom_id res chain seq x y z
N SER A 2 6.00 13.75 -32.71
CA SER A 2 5.15 14.82 -33.24
C SER A 2 3.70 14.59 -32.82
N ARG A 3 3.02 13.67 -33.50
CA ARG A 3 1.65 13.34 -33.13
C ARG A 3 1.59 12.79 -31.71
N LEU A 4 2.60 12.02 -31.32
CA LEU A 4 2.66 11.49 -29.96
C LEU A 4 2.72 12.62 -28.94
N LEU A 5 3.57 13.62 -29.20
CA LEU A 5 3.76 14.69 -28.24
C LEU A 5 2.50 15.55 -28.09
N ASN A 6 1.87 15.91 -29.22
CA ASN A 6 0.66 16.71 -29.14
C ASN A 6 -0.44 15.99 -28.39
N ASP A 7 -0.57 14.68 -28.62
CA ASP A 7 -1.47 13.87 -27.81
C ASP A 7 -1.06 13.89 -26.35
N PHE A 8 0.25 13.70 -26.10
CA PHE A 8 0.74 13.58 -24.74
C PHE A 8 0.51 14.85 -23.95
N ASN A 9 0.91 15.99 -24.51
CA ASN A 9 0.77 17.25 -23.80
C ASN A 9 -0.68 17.55 -23.47
N GLN A 10 -1.61 17.15 -24.33
CA GLN A 10 -3.02 17.32 -24.01
C GLN A 10 -3.42 16.46 -22.84
N SER A 11 -2.82 15.28 -22.70
CA SER A 11 -3.15 14.39 -21.60
C SER A 11 -2.52 14.84 -20.30
N LEU A 12 -1.27 15.29 -20.35
CA LEU A 12 -0.67 15.96 -19.20
C LEU A 12 -1.50 17.16 -18.78
N HIS A 13 -1.92 17.97 -19.76
CA HIS A 13 -2.71 19.16 -19.46
C HIS A 13 -4.03 18.79 -18.78
N LYS A 14 -4.70 17.75 -19.27
CA LYS A 14 -6.00 17.40 -18.71
C LYS A 14 -5.85 16.81 -17.32
N GLY A 15 -4.91 15.90 -17.14
CA GLY A 15 -4.72 15.30 -15.84
C GLY A 15 -4.25 16.31 -14.81
N PHE A 16 -3.24 17.11 -15.17
CA PHE A 16 -2.52 17.91 -14.20
C PHE A 16 -2.88 19.39 -14.21
N ILE A 17 -3.59 19.90 -15.23
CA ILE A 17 -3.79 21.35 -15.29
C ILE A 17 -5.25 21.75 -15.43
N ASP A 18 -5.99 21.10 -16.33
CA ASP A 18 -7.38 21.48 -16.58
C ASP A 18 -8.19 20.21 -16.85
N LYS A 19 -9.05 19.84 -15.89
CA LYS A 19 -9.87 18.64 -16.05
C LYS A 19 -10.91 18.78 -17.15
N HIS A 20 -11.23 20.01 -17.57
CA HIS A 20 -12.41 20.23 -18.39
C HIS A 20 -12.12 20.18 -19.89
N ILE A 21 -10.89 20.39 -20.32
CA ILE A 21 -10.60 20.27 -21.74
C ILE A 21 -10.63 18.79 -22.15
N SER A 22 -10.74 18.57 -23.45
CA SER A 22 -10.65 17.22 -23.99
C SER A 22 -9.20 16.91 -24.35
N HIS A 23 -8.96 15.73 -24.90
CA HIS A 23 -7.59 15.35 -25.23
C HIS A 23 -7.60 14.24 -26.28
N LYS A 24 -6.52 14.18 -27.05
CA LYS A 24 -6.25 13.07 -27.93
C LYS A 24 -5.24 12.15 -27.25
N GLY A 25 -5.39 10.86 -27.47
CA GLY A 25 -4.53 9.88 -26.85
C GLY A 25 -5.04 9.42 -25.50
N ASN A 26 -4.38 8.38 -24.99
CA ASN A 26 -4.77 7.71 -23.76
C ASN A 26 -3.61 7.73 -22.77
N TYR A 27 -3.20 8.93 -22.38
CA TYR A 27 -2.05 9.12 -21.51
C TYR A 27 -2.39 9.91 -20.25
N THR A 28 -3.67 10.09 -19.96
CA THR A 28 -4.08 10.82 -18.76
C THR A 28 -3.83 9.99 -17.53
N PRO A 29 -3.23 10.55 -16.48
CA PRO A 29 -3.04 9.78 -15.24
C PRO A 29 -4.39 9.36 -14.67
N LYS A 30 -4.43 8.16 -14.09
CA LYS A 30 -5.65 7.57 -13.58
C LYS A 30 -5.50 7.22 -12.12
N LEU A 31 -6.57 7.39 -11.36
CA LEU A 31 -6.63 6.97 -9.96
C LEU A 31 -7.24 5.57 -9.93
N LEU A 32 -6.41 4.58 -9.59
CA LEU A 32 -6.87 3.20 -9.51
C LEU A 32 -7.33 2.93 -8.09
N VAL A 33 -8.63 2.71 -7.92
CA VAL A 33 -9.19 2.21 -6.68
C VAL A 33 -10.05 1.01 -7.03
N ASN A 34 -10.18 0.10 -6.06
CA ASN A 34 -11.07 -1.04 -6.24
C ASN A 34 -12.49 -0.57 -6.01
N ASN A 35 -13.15 -0.18 -7.09
CA ASN A 35 -14.56 0.20 -7.08
C ASN A 35 -15.42 -0.94 -7.59
N LYS A 36 -16.68 -0.93 -7.21
CA LYS A 36 -17.56 -1.96 -7.75
C LYS A 36 -17.96 -1.70 -9.22
N ASN A 37 -17.30 -0.70 -9.81
CA ASN A 37 -17.38 -0.42 -11.23
C ASN A 37 -16.03 -0.44 -11.93
N GLU A 38 -14.92 -0.37 -11.19
CA GLU A 38 -13.57 -0.37 -11.74
C GLU A 38 -12.61 -0.98 -10.71
N LYS A 39 -11.66 -1.77 -11.18
CA LYS A 39 -10.73 -2.44 -10.28
C LYS A 39 -9.31 -2.37 -10.83
N VAL A 40 -8.33 -2.58 -9.94
CA VAL A 40 -6.93 -2.41 -10.29
C VAL A 40 -6.49 -3.52 -11.23
N LEU A 41 -6.99 -4.73 -11.00
CA LEU A 41 -6.59 -5.87 -11.83
C LEU A 41 -6.89 -5.62 -13.29
N SER A 42 -8.05 -5.04 -13.59
CA SER A 42 -8.40 -4.69 -14.97
C SER A 42 -7.27 -3.92 -15.62
N THR A 43 -6.83 -2.84 -14.98
CA THR A 43 -5.81 -1.97 -15.54
C THR A 43 -4.46 -2.66 -15.61
N ILE A 44 -4.14 -3.51 -14.62
CA ILE A 44 -2.87 -4.22 -14.64
C ILE A 44 -2.84 -5.21 -15.79
N ILE A 45 -3.92 -5.99 -15.94
CA ILE A 45 -4.06 -6.87 -17.09
C ILE A 45 -3.99 -6.04 -18.36
N ASP A 46 -4.70 -4.91 -18.36
CA ASP A 46 -4.79 -4.06 -19.55
C ASP A 46 -3.41 -3.59 -19.99
N GLU A 47 -2.62 -3.06 -19.06
CA GLU A 47 -1.27 -2.62 -19.40
C GLU A 47 -0.37 -3.79 -19.75
N LEU A 48 -0.62 -4.96 -19.18
CA LEU A 48 0.18 -6.14 -19.52
C LEU A 48 0.02 -6.52 -20.98
N GLN A 49 -1.22 -6.45 -21.49
CA GLN A 49 -1.51 -6.99 -22.82
C GLN A 49 -0.79 -6.20 -23.91
N LYS A 50 -0.67 -4.89 -23.75
CA LYS A 50 -0.22 -4.02 -24.82
C LYS A 50 1.22 -3.55 -24.64
N CYS A 51 1.98 -4.16 -23.75
CA CYS A 51 3.33 -3.72 -23.48
C CYS A 51 4.35 -4.60 -24.20
N GLU A 52 5.57 -4.07 -24.30
CA GLU A 52 6.71 -4.81 -24.81
C GLU A 52 7.37 -5.63 -23.70
N THR A 53 7.68 -4.98 -22.60
CA THR A 53 8.40 -5.55 -21.48
C THR A 53 7.83 -4.93 -20.22
N PHE A 54 7.74 -5.71 -19.15
CA PHE A 54 7.34 -5.20 -17.85
C PHE A 54 8.41 -5.55 -16.83
N TYR A 55 8.44 -4.79 -15.74
CA TYR A 55 9.22 -5.19 -14.58
C TYR A 55 8.52 -4.69 -13.32
N PHE A 56 8.11 -5.64 -12.48
CA PHE A 56 7.42 -5.32 -11.22
C PHE A 56 8.41 -5.30 -10.07
N SER A 57 8.24 -4.34 -9.18
CA SER A 57 9.02 -4.23 -7.96
C SER A 57 8.00 -4.28 -6.81
N VAL A 58 7.49 -5.47 -6.53
CA VAL A 58 6.34 -5.67 -5.66
C VAL A 58 6.75 -6.50 -4.45
N ALA A 59 6.35 -6.06 -3.26
CA ALA A 59 6.86 -6.65 -2.04
C ALA A 59 6.19 -7.98 -1.72
N PHE A 60 4.85 -8.00 -1.69
CA PHE A 60 4.11 -9.18 -1.29
C PHE A 60 3.32 -9.73 -2.48
N ILE A 61 3.49 -11.03 -2.74
CA ILE A 61 2.78 -11.75 -3.79
C ILE A 61 2.15 -12.98 -3.16
N THR A 62 0.88 -13.24 -3.49
CA THR A 62 0.18 -14.44 -3.04
C THR A 62 -0.17 -15.32 -4.24
N GLU A 63 -0.32 -16.62 -3.94
CA GLU A 63 -0.76 -17.57 -4.95
C GLU A 63 -2.06 -17.13 -5.63
N SER A 64 -3.02 -16.63 -4.84
CA SER A 64 -4.34 -16.33 -5.38
C SER A 64 -4.32 -15.12 -6.31
N GLY A 65 -3.38 -14.20 -6.13
CA GLY A 65 -3.27 -13.09 -7.07
C GLY A 65 -2.50 -13.47 -8.32
N LEU A 66 -1.47 -14.30 -8.18
CA LEU A 66 -0.66 -14.70 -9.33
C LEU A 66 -1.47 -15.50 -10.35
N ALA A 67 -2.54 -16.18 -9.90
CA ALA A 67 -3.40 -16.92 -10.83
C ALA A 67 -4.12 -15.99 -11.79
N SER A 68 -4.46 -14.78 -11.35
CA SER A 68 -5.12 -13.83 -12.23
C SER A 68 -4.18 -13.37 -13.34
N LEU A 69 -2.96 -12.99 -12.94
CA LEU A 69 -1.95 -12.65 -13.93
C LEU A 69 -1.48 -13.87 -14.74
N LYS A 70 -1.78 -15.08 -14.25
CA LYS A 70 -1.19 -16.29 -14.83
C LYS A 70 -1.61 -16.48 -16.28
N ALA A 71 -2.92 -16.45 -16.53
CA ALA A 71 -3.41 -16.67 -17.89
C ALA A 71 -2.88 -15.59 -18.84
N GLN A 72 -2.91 -14.33 -18.39
CA GLN A 72 -2.38 -13.26 -19.22
C GLN A 72 -0.89 -13.46 -19.47
N LEU A 73 -0.14 -13.78 -18.41
CA LEU A 73 1.30 -13.93 -18.55
C LEU A 73 1.66 -15.10 -19.46
N LEU A 74 0.84 -16.14 -19.50
CA LEU A 74 1.08 -17.24 -20.43
C LEU A 74 0.93 -16.77 -21.86
N ASP A 75 -0.15 -16.04 -22.16
CA ASP A 75 -0.33 -15.46 -23.49
C ASP A 75 0.86 -14.60 -23.86
N LEU A 76 1.28 -13.72 -22.94
CA LEU A 76 2.47 -12.92 -23.18
C LEU A 76 3.67 -13.78 -23.52
N SER A 77 3.83 -14.92 -22.83
CA SER A 77 4.98 -15.77 -23.07
C SER A 77 5.05 -16.24 -24.51
N ASN A 78 3.91 -16.67 -25.07
CA ASN A 78 3.89 -17.19 -26.43
C ASN A 78 4.08 -16.10 -27.47
N LYS A 79 3.90 -14.83 -27.11
CA LYS A 79 4.13 -13.70 -28.00
C LYS A 79 5.57 -13.23 -27.98
N GLY A 80 6.42 -13.82 -27.15
CA GLY A 80 7.78 -13.37 -27.03
C GLY A 80 8.00 -12.24 -26.04
N VAL A 81 7.06 -12.04 -25.12
CA VAL A 81 7.15 -10.98 -24.12
C VAL A 81 7.72 -11.56 -22.85
N LYS A 82 8.80 -10.96 -22.35
CA LYS A 82 9.41 -11.37 -21.10
C LYS A 82 9.39 -10.22 -20.10
N GLY A 83 9.33 -10.56 -18.81
CA GLY A 83 9.29 -9.55 -17.78
C GLY A 83 10.25 -9.85 -16.65
N LYS A 84 10.28 -8.92 -15.69
CA LYS A 84 11.06 -9.08 -14.46
C LYS A 84 10.13 -8.89 -13.26
N ILE A 85 10.42 -9.63 -12.19
CA ILE A 85 9.72 -9.46 -10.92
C ILE A 85 10.74 -9.41 -9.80
N LEU A 86 10.52 -8.49 -8.88
CA LEU A 86 11.40 -8.26 -7.74
C LEU A 86 10.61 -8.46 -6.48
N THR A 87 11.12 -9.29 -5.56
CA THR A 87 10.36 -9.54 -4.34
C THR A 87 11.34 -9.78 -3.19
N SER A 88 10.79 -9.71 -1.98
CA SER A 88 11.57 -9.88 -0.77
C SER A 88 10.67 -10.47 0.29
N ASN A 89 11.26 -11.23 1.21
CA ASN A 89 10.53 -11.78 2.34
C ASN A 89 10.72 -10.86 3.55
N TYR A 90 10.16 -9.64 3.42
CA TYR A 90 10.35 -8.63 4.46
C TYR A 90 9.71 -9.08 5.78
N LEU A 91 8.44 -9.46 5.74
CA LEU A 91 7.74 -9.87 6.95
C LEU A 91 7.75 -11.37 7.17
N GLY A 92 8.59 -12.08 6.41
CA GLY A 92 8.94 -13.44 6.74
C GLY A 92 8.09 -14.50 6.10
N PHE A 93 6.81 -14.23 5.82
CA PHE A 93 6.04 -15.21 5.06
C PHE A 93 5.70 -14.68 3.68
N ASN A 94 5.98 -15.53 2.71
CA ASN A 94 5.96 -15.38 1.27
C ASN A 94 6.06 -16.85 0.86
N SER A 95 4.94 -17.54 0.88
CA SER A 95 4.96 -18.98 1.12
C SER A 95 5.87 -19.70 0.13
N PRO A 96 6.49 -20.81 0.54
CA PRO A 96 7.45 -21.47 -0.37
C PRO A 96 6.80 -21.96 -1.65
N LYS A 97 5.55 -22.42 -1.57
CA LYS A 97 4.84 -22.84 -2.78
C LYS A 97 4.69 -21.69 -3.76
N MSE A 98 4.24 -20.54 -3.27
CA MSE A 98 4.08 -19.35 -4.10
C MSE A 98 5.36 -19.09 -4.88
O MSE A 98 5.33 -18.67 -6.04
CB MSE A 98 3.69 -18.13 -3.25
CG MSE A 98 3.17 -16.94 -4.03
SE MSE A 98 4.63 -15.84 -4.70
CE MSE A 98 5.57 -15.48 -3.03
N TYR A 99 6.49 -19.37 -4.24
CA TYR A 99 7.78 -19.30 -4.94
C TYR A 99 7.91 -20.40 -5.98
N GLY A 100 7.29 -21.56 -5.78
CA GLY A 100 7.26 -22.56 -6.83
C GLY A 100 6.39 -22.12 -8.01
N GLU A 101 5.31 -21.39 -7.72
CA GLU A 101 4.47 -20.86 -8.80
C GLU A 101 5.19 -19.76 -9.57
N LEU A 102 6.06 -19.00 -8.91
CA LEU A 102 6.85 -18.00 -9.63
C LEU A 102 7.83 -18.68 -10.59
N LEU A 103 8.36 -19.85 -10.21
CA LEU A 103 9.21 -20.60 -11.12
C LEU A 103 8.45 -21.05 -12.36
N LYS A 104 7.16 -21.33 -12.22
CA LYS A 104 6.35 -21.76 -13.36
C LYS A 104 6.31 -20.69 -14.44
N LEU A 105 6.32 -19.41 -14.04
CA LEU A 105 6.27 -18.30 -14.96
C LEU A 105 7.50 -18.31 -15.87
N LYS A 106 7.30 -18.77 -17.11
CA LYS A 106 8.42 -19.04 -18.01
C LYS A 106 9.09 -17.77 -18.56
N ASN A 107 8.31 -16.72 -18.80
CA ASN A 107 8.83 -15.48 -19.37
C ASN A 107 9.07 -14.41 -18.32
N VAL A 108 9.26 -14.81 -17.06
CA VAL A 108 9.45 -13.86 -15.97
C VAL A 108 10.74 -14.20 -15.24
N GLU A 109 11.67 -13.26 -15.21
CA GLU A 109 12.87 -13.37 -14.38
C GLU A 109 12.51 -12.87 -12.98
N VAL A 110 12.42 -13.80 -12.03
CA VAL A 110 12.10 -13.46 -10.65
C VAL A 110 13.40 -13.38 -9.87
N ARG A 111 13.67 -12.23 -9.28
CA ARG A 111 14.83 -12.03 -8.43
C ARG A 111 14.38 -11.80 -6.99
N LEU A 112 15.31 -12.01 -6.07
CA LEU A 112 15.02 -11.96 -4.64
C LEU A 112 16.05 -11.07 -3.97
N THR A 113 15.59 -9.96 -3.40
CA THR A 113 16.43 -9.08 -2.62
C THR A 113 16.13 -9.26 -1.14
N ASP A 114 17.16 -9.11 -0.32
CA ASP A 114 16.95 -9.05 1.12
C ASP A 114 17.45 -7.71 1.64
N ILE A 115 17.11 -6.64 0.92
CA ILE A 115 17.30 -5.29 1.43
C ILE A 115 16.26 -5.02 2.51
N ALA A 116 16.60 -4.14 3.45
CA ALA A 116 15.79 -3.95 4.65
C ALA A 116 14.41 -3.41 4.30
N GLY A 117 13.37 -4.06 4.81
CA GLY A 117 12.03 -3.53 4.72
C GLY A 117 11.51 -3.30 3.32
N PHE A 118 11.86 -4.19 2.38
CA PHE A 118 11.41 -4.01 1.00
C PHE A 118 9.89 -3.98 0.93
N HIS A 119 9.33 -2.79 0.69
CA HIS A 119 7.91 -2.58 0.78
C HIS A 119 7.30 -1.99 -0.48
N ALA A 120 8.08 -1.83 -1.54
CA ALA A 120 7.62 -1.12 -2.74
C ALA A 120 6.62 -1.96 -3.51
N LYS A 121 5.72 -1.28 -4.21
CA LYS A 121 4.84 -1.91 -5.20
C LYS A 121 4.97 -1.11 -6.50
N GLY A 122 5.86 -1.56 -7.38
CA GLY A 122 6.12 -0.84 -8.61
C GLY A 122 5.86 -1.69 -9.84
N TYR A 123 4.76 -1.43 -10.53
CA TYR A 123 4.46 -2.07 -11.80
C TYR A 123 4.80 -1.10 -12.93
N ILE A 124 5.79 -1.45 -13.73
CA ILE A 124 6.21 -0.64 -14.85
C ILE A 124 6.01 -1.43 -16.13
N PHE A 125 5.26 -0.84 -17.06
CA PHE A 125 5.03 -1.41 -18.37
C PHE A 125 5.62 -0.45 -19.39
N GLU A 126 6.55 -0.94 -20.20
CA GLU A 126 7.12 -0.13 -21.27
C GLU A 126 6.67 -0.71 -22.60
N HIS A 127 5.81 0.03 -23.28
CA HIS A 127 5.46 -0.17 -24.66
C HIS A 127 6.55 0.47 -25.52
N LYS A 128 6.50 0.22 -26.84
CA LYS A 128 7.61 0.72 -27.65
C LYS A 128 7.57 2.24 -27.75
N ASP A 129 6.37 2.83 -27.78
CA ASP A 129 6.31 4.29 -27.91
C ASP A 129 6.45 5.01 -26.58
N TYR A 130 5.98 4.42 -25.49
CA TYR A 130 5.94 5.12 -24.22
C TYR A 130 6.00 4.11 -23.08
N SER A 131 5.78 4.59 -21.86
CA SER A 131 5.85 3.74 -20.67
C SER A 131 4.70 4.08 -19.73
N SER A 132 4.37 3.10 -18.87
CA SER A 132 3.31 3.22 -17.89
C SER A 132 3.86 2.88 -16.52
N MSE A 133 3.30 3.52 -15.50
CA MSE A 133 3.71 3.28 -14.13
C MSE A 133 2.52 3.25 -13.19
O MSE A 133 1.76 4.22 -13.12
CB MSE A 133 4.70 4.37 -13.68
CG MSE A 133 5.90 4.53 -14.60
SE MSE A 133 7.07 5.93 -13.99
CE MSE A 133 6.83 5.62 -12.08
N VAL A 134 2.36 2.15 -12.47
CA VAL A 134 1.36 2.02 -11.43
C VAL A 134 2.07 1.97 -10.08
N ILE A 135 1.80 2.96 -9.22
CA ILE A 135 2.49 3.11 -7.95
C ILE A 135 1.46 3.34 -6.86
N GLY A 136 1.59 2.62 -5.76
CA GLY A 136 0.67 2.82 -4.65
C GLY A 136 0.77 1.76 -3.59
N SER A 137 -0.39 1.25 -3.15
CA SER A 137 -0.49 0.36 -2.01
C SER A 137 -0.93 -1.05 -2.36
N SER A 138 -1.16 -1.33 -3.64
CA SER A 138 -1.64 -2.64 -4.04
C SER A 138 -0.48 -3.62 -4.14
N ASN A 139 -0.58 -4.70 -3.39
CA ASN A 139 0.33 -5.83 -3.54
C ASN A 139 -0.18 -6.75 -4.64
N LEU A 140 0.66 -7.71 -5.02
CA LEU A 140 0.24 -8.72 -5.99
C LEU A 140 -0.59 -9.80 -5.29
N THR A 141 -1.70 -9.36 -4.73
CA THR A 141 -2.66 -10.22 -4.04
C THR A 141 -4.06 -9.93 -4.56
N SER A 142 -4.91 -10.95 -4.51
CA SER A 142 -6.24 -10.81 -5.08
C SER A 142 -7.08 -9.81 -4.28
N ASN A 143 -6.78 -9.66 -2.99
CA ASN A 143 -7.52 -8.69 -2.20
C ASN A 143 -7.07 -7.26 -2.47
N ALA A 144 -5.79 -7.06 -2.79
CA ALA A 144 -5.29 -5.75 -3.16
C ALA A 144 -5.66 -5.36 -4.58
N LEU A 145 -6.10 -6.31 -5.40
CA LEU A 145 -6.37 -6.06 -6.81
C LEU A 145 -7.86 -6.09 -7.15
N LYS A 146 -8.74 -6.42 -6.20
CA LYS A 146 -10.16 -6.49 -6.51
C LYS A 146 -11.08 -6.08 -5.35
N VAL A 147 -10.59 -6.10 -4.12
CA VAL A 147 -11.51 -5.93 -2.99
C VAL A 147 -11.11 -4.71 -2.15
N ASN A 148 -9.91 -4.76 -1.57
CA ASN A 148 -9.51 -3.77 -0.58
C ASN A 148 -9.51 -2.37 -1.19
N TYR A 149 -9.89 -1.38 -0.39
CA TYR A 149 -9.83 0.01 -0.81
C TYR A 149 -8.37 0.46 -0.85
N GLU A 150 -7.79 0.45 -2.04
CA GLU A 150 -6.37 0.75 -2.23
C GLU A 150 -6.25 2.11 -2.89
N HIS A 151 -4.99 2.57 -3.04
CA HIS A 151 -4.70 3.86 -3.67
C HIS A 151 -3.49 3.72 -4.58
N ASN A 152 -3.74 3.61 -5.88
CA ASN A 152 -2.68 3.58 -6.88
C ASN A 152 -2.86 4.71 -7.88
N VAL A 153 -1.75 5.16 -8.47
CA VAL A 153 -1.77 6.16 -9.51
C VAL A 153 -1.10 5.59 -10.75
N LEU A 154 -1.86 5.50 -11.85
CA LEU A 154 -1.33 5.09 -13.13
C LEU A 154 -0.80 6.31 -13.87
N LEU A 155 0.46 6.24 -14.31
CA LEU A 155 1.11 7.38 -14.95
C LEU A 155 1.70 6.96 -16.29
N SER A 156 1.15 7.50 -17.38
CA SER A 156 1.75 7.36 -18.69
C SER A 156 2.84 8.41 -18.88
N THR A 157 3.90 8.03 -19.59
CA THR A 157 5.10 8.86 -19.70
C THR A 157 5.89 8.42 -20.92
N MSE A 158 6.72 9.33 -21.41
CA MSE A 158 7.60 9.03 -22.53
C MSE A 158 8.85 8.31 -22.08
O MSE A 158 9.16 8.28 -20.89
CB MSE A 158 7.99 10.31 -23.27
CG MSE A 158 6.83 11.27 -23.49
SE MSE A 158 6.45 11.58 -25.37
CE MSE A 158 5.69 13.36 -25.20
N LYS A 159 9.59 7.75 -23.03
CA LYS A 159 10.79 6.99 -22.69
C LYS A 159 11.87 7.87 -22.08
N ASN A 160 11.82 9.18 -22.30
CA ASN A 160 12.82 10.10 -21.77
C ASN A 160 12.32 10.86 -20.55
N GLY A 161 11.16 10.52 -20.01
CA GLY A 161 10.67 11.20 -18.82
C GLY A 161 11.64 11.04 -17.66
N ASP A 162 11.67 12.06 -16.79
CA ASP A 162 12.60 12.02 -15.67
C ASP A 162 12.12 11.07 -14.59
N LEU A 163 10.82 10.97 -14.39
CA LEU A 163 10.30 10.11 -13.34
C LEU A 163 10.63 8.65 -13.61
N VAL A 164 10.55 8.22 -14.87
CA VAL A 164 10.89 6.84 -15.18
C VAL A 164 12.39 6.62 -15.05
N ASP A 165 13.20 7.65 -15.27
CA ASP A 165 14.64 7.54 -15.04
C ASP A 165 14.92 7.13 -13.60
N SER A 166 14.24 7.78 -12.65
CA SER A 166 14.47 7.47 -11.24
C SER A 166 14.02 6.04 -10.91
N VAL A 167 12.82 5.67 -11.33
CA VAL A 167 12.30 4.35 -10.98
C VAL A 167 13.12 3.26 -11.67
N LYS A 168 13.45 3.44 -12.95
CA LYS A 168 14.23 2.42 -13.65
C LYS A 168 15.62 2.30 -13.06
N SER A 169 16.26 3.43 -12.73
CA SER A 169 17.61 3.37 -12.17
C SER A 169 17.61 2.81 -10.76
N GLU A 170 16.53 3.04 -10.01
CA GLU A 170 16.44 2.45 -8.67
C GLU A 170 16.25 0.94 -8.75
N PHE A 171 15.39 0.49 -9.67
CA PHE A 171 15.18 -0.94 -9.85
C PHE A 171 16.45 -1.64 -10.28
N ASP A 172 17.17 -1.08 -11.27
CA ASP A 172 18.41 -1.67 -11.74
C ASP A 172 19.42 -1.78 -10.61
N LEU A 173 19.41 -0.84 -9.67
CA LEU A 173 20.41 -0.82 -8.61
C LEU A 173 20.34 -2.07 -7.76
N LEU A 174 19.13 -2.43 -7.30
CA LEU A 174 18.98 -3.58 -6.42
C LEU A 174 18.49 -4.83 -7.14
N TRP A 175 18.25 -4.77 -8.44
CA TRP A 175 18.16 -6.01 -9.21
C TRP A 175 19.53 -6.66 -9.29
N GLN A 176 20.57 -5.86 -9.53
CA GLN A 176 21.93 -6.40 -9.54
C GLN A 176 22.32 -6.91 -8.16
N LYS A 177 21.82 -6.27 -7.10
CA LYS A 177 22.14 -6.67 -5.74
C LYS A 177 21.29 -7.83 -5.23
N SER A 178 20.28 -8.25 -5.99
CA SER A 178 19.38 -9.31 -5.54
C SER A 178 19.77 -10.64 -6.17
N THR A 179 19.36 -11.75 -5.50
CA THR A 179 19.76 -13.04 -6.03
C THR A 179 18.65 -13.65 -6.88
N PRO A 180 18.99 -14.30 -7.99
CA PRO A 180 17.97 -14.85 -8.88
C PRO A 180 17.21 -16.00 -8.23
N LEU A 181 15.91 -16.07 -8.51
CA LEU A 181 15.09 -17.15 -8.00
C LEU A 181 15.40 -18.41 -8.78
N THR A 182 16.13 -19.32 -8.15
CA THR A 182 16.41 -20.64 -8.71
C THR A 182 15.77 -21.68 -7.80
N GLU A 183 15.55 -22.87 -8.36
CA GLU A 183 14.94 -23.96 -7.59
C GLU A 183 15.83 -24.41 -6.41
N GLN A 184 17.15 -24.44 -6.60
CA GLN A 184 18.04 -24.79 -5.50
C GLN A 184 17.83 -23.90 -4.28
N TRP A 185 17.68 -22.58 -4.51
CA TRP A 185 17.46 -21.68 -3.38
C TRP A 185 16.12 -21.94 -2.70
N ILE A 186 15.08 -22.25 -3.49
CA ILE A 186 13.77 -22.56 -2.91
C ILE A 186 13.90 -23.74 -1.97
N ASN A 187 14.49 -24.85 -2.43
CA ASN A 187 14.66 -26.02 -1.58
C ASN A 187 15.51 -25.71 -0.36
N SER A 188 16.53 -24.86 -0.52
CA SER A 188 17.42 -24.53 0.59
C SER A 188 16.66 -23.86 1.73
N TYR A 189 15.58 -23.14 1.42
CA TYR A 189 14.85 -22.37 2.42
C TYR A 189 14.35 -23.27 3.55
N LYS A 190 14.70 -22.92 4.78
CA LYS A 190 14.20 -23.58 5.97
C LYS A 190 13.91 -22.53 7.04
N GLU A 191 12.68 -22.54 7.56
CA GLU A 191 12.27 -21.61 8.59
C GLU A 191 11.09 -22.19 9.34
N SER A 192 10.85 -21.65 10.54
CA SER A 192 9.76 -22.12 11.38
C SER A 192 8.93 -20.96 11.89
N ILE A 221 -25.68 -18.85 13.36
CA ILE A 221 -25.90 -17.71 14.23
C ILE A 221 -26.28 -16.48 13.41
N VAL A 222 -25.31 -15.93 12.70
CA VAL A 222 -25.52 -14.70 11.94
C VAL A 222 -26.23 -15.04 10.63
N PRO A 223 -27.34 -14.35 10.30
CA PRO A 223 -28.02 -14.61 9.03
C PRO A 223 -27.54 -13.68 7.91
N ASN A 224 -27.11 -14.26 6.80
CA ASN A 224 -26.64 -13.46 5.68
C ASN A 224 -27.79 -12.63 5.10
N LEU A 225 -27.45 -11.68 4.23
CA LEU A 225 -28.47 -10.87 3.58
C LEU A 225 -29.32 -11.71 2.64
N MSE A 226 -28.75 -12.76 2.07
CA MSE A 226 -29.50 -13.69 1.23
C MSE A 226 -30.47 -14.53 2.05
O MSE A 226 -31.58 -14.82 1.61
CB MSE A 226 -28.56 -14.62 0.46
CG MSE A 226 -29.23 -15.90 0.00
SE MSE A 226 -28.13 -16.93 -1.20
CE MSE A 226 -27.60 -15.38 -2.24
N GLN A 227 -30.02 -14.91 3.25
CA GLN A 227 -30.91 -15.60 4.19
C GLN A 227 -32.23 -14.85 4.31
N ALA A 228 -32.15 -13.53 4.48
CA ALA A 228 -33.36 -12.70 4.59
C ALA A 228 -34.34 -12.95 3.46
N GLU A 229 -33.84 -13.05 2.23
CA GLU A 229 -34.71 -13.38 1.10
C GLU A 229 -35.34 -14.76 1.28
N ALA A 230 -34.52 -15.75 1.61
CA ALA A 230 -34.98 -17.12 1.77
C ALA A 230 -36.03 -17.25 2.85
N LEU A 231 -35.64 -17.03 4.11
CA LEU A 231 -36.58 -17.19 5.23
C LEU A 231 -37.78 -16.25 5.11
N ARG A 232 -37.69 -15.19 4.30
CA ARG A 232 -38.89 -14.44 3.95
C ARG A 232 -39.83 -15.27 3.09
N SER A 233 -39.29 -15.98 2.09
CA SER A 233 -40.12 -16.81 1.23
C SER A 233 -40.75 -17.95 2.01
N LEU A 234 -39.98 -18.60 2.90
CA LEU A 234 -40.54 -19.67 3.72
C LEU A 234 -41.59 -19.11 4.68
N LYS A 235 -41.36 -17.91 5.21
CA LYS A 235 -42.35 -17.29 6.08
C LYS A 235 -43.63 -16.94 5.31
N ALA A 236 -43.48 -16.50 4.07
CA ALA A 236 -44.66 -16.23 3.24
C ALA A 236 -45.43 -17.51 2.95
N ILE A 237 -44.70 -18.60 2.67
CA ILE A 237 -45.35 -19.88 2.47
C ILE A 237 -45.98 -20.37 3.77
N ARG A 238 -45.30 -20.12 4.89
CA ARG A 238 -45.83 -20.53 6.19
C ARG A 238 -47.12 -19.79 6.53
N ASP A 239 -47.28 -18.55 6.05
CA ASP A 239 -48.53 -17.83 6.26
C ASP A 239 -49.71 -18.57 5.64
N LYS A 240 -49.51 -19.13 4.45
CA LYS A 240 -50.54 -19.91 3.79
C LYS A 240 -50.63 -21.30 4.42
N ALA A 241 -51.56 -22.11 3.90
CA ALA A 241 -51.80 -23.45 4.41
C ALA A 241 -50.89 -24.50 3.79
N LYS A 242 -50.13 -24.16 2.74
CA LYS A 242 -49.26 -25.12 2.09
C LYS A 242 -48.19 -25.62 3.06
N ASP A 243 -47.97 -26.93 3.06
CA ASP A 243 -47.02 -27.57 3.97
C ASP A 243 -45.87 -28.24 3.22
N LYS A 244 -45.64 -27.85 1.97
CA LYS A 244 -44.58 -28.44 1.14
C LYS A 244 -43.91 -27.35 0.31
N ALA A 245 -42.58 -27.32 0.36
CA ALA A 245 -41.81 -26.36 -0.42
C ALA A 245 -40.42 -26.94 -0.67
N LEU A 246 -39.77 -26.44 -1.72
CA LEU A 246 -38.44 -26.89 -2.11
C LEU A 246 -37.59 -25.69 -2.50
N ILE A 247 -36.29 -25.77 -2.20
CA ILE A 247 -35.32 -24.76 -2.63
C ILE A 247 -34.35 -25.40 -3.62
N ILE A 248 -33.99 -24.64 -4.65
CA ILE A 248 -33.12 -25.11 -5.73
C ILE A 248 -31.75 -24.46 -5.54
N SER A 249 -30.70 -25.28 -5.51
CA SER A 249 -29.32 -24.80 -5.44
C SER A 249 -28.59 -25.33 -6.66
N ALA A 250 -28.27 -24.43 -7.60
CA ALA A 250 -27.67 -24.84 -8.86
C ALA A 250 -26.35 -25.57 -8.61
N THR A 251 -25.52 -25.04 -7.71
CA THR A 251 -24.27 -25.71 -7.37
C THR A 251 -24.51 -26.86 -6.41
N GLY A 252 -25.53 -26.76 -5.57
CA GLY A 252 -25.78 -27.75 -4.56
C GLY A 252 -25.09 -27.52 -3.24
N THR A 253 -24.75 -26.27 -2.93
CA THR A 253 -24.01 -25.94 -1.72
C THR A 253 -24.78 -24.89 -0.93
N GLY A 254 -24.29 -24.62 0.28
CA GLY A 254 -24.93 -23.66 1.16
C GLY A 254 -26.27 -24.08 1.70
N LYS A 255 -26.63 -25.37 1.55
CA LYS A 255 -27.95 -25.82 1.94
C LYS A 255 -28.07 -26.03 3.45
N THR A 256 -26.96 -26.30 4.13
CA THR A 256 -27.02 -26.68 5.53
C THR A 256 -27.41 -25.50 6.42
N ILE A 257 -26.73 -24.36 6.26
CA ILE A 257 -26.94 -23.24 7.16
C ILE A 257 -28.25 -22.51 6.87
N LEU A 258 -28.85 -22.72 5.70
CA LEU A 258 -30.14 -22.11 5.41
C LEU A 258 -31.27 -22.87 6.09
N CYS A 259 -31.25 -24.21 5.98
CA CYS A 259 -32.29 -25.01 6.61
C CYS A 259 -32.29 -24.80 8.12
N ALA A 260 -31.13 -25.01 8.76
CA ALA A 260 -31.05 -24.89 10.21
C ALA A 260 -31.49 -23.50 10.69
N LEU A 261 -31.31 -22.47 9.87
CA LEU A 261 -31.83 -21.16 10.21
C LEU A 261 -33.36 -21.14 10.18
N ASP A 262 -33.97 -21.90 9.26
CA ASP A 262 -35.42 -22.02 9.24
C ASP A 262 -35.92 -22.98 10.31
N VAL A 263 -35.16 -24.03 10.61
CA VAL A 263 -35.53 -24.94 11.70
C VAL A 263 -35.53 -24.19 13.02
N ARG A 264 -34.71 -23.15 13.16
CA ARG A 264 -34.68 -22.38 14.39
C ARG A 264 -35.90 -21.45 14.52
N GLU A 265 -36.45 -20.97 13.40
CA GLU A 265 -37.57 -20.04 13.46
C GLU A 265 -38.75 -20.65 14.21
N VAL A 266 -39.31 -21.72 13.68
CA VAL A 266 -40.24 -22.58 14.41
C VAL A 266 -39.54 -23.91 14.64
N ASN A 267 -39.51 -24.36 15.91
CA ASN A 267 -38.83 -25.59 16.27
C ASN A 267 -39.85 -26.71 16.42
N PRO A 268 -40.03 -27.58 15.41
CA PRO A 268 -41.04 -28.63 15.53
C PRO A 268 -40.77 -29.65 16.61
N ASN A 269 -39.57 -29.65 17.20
CA ASN A 269 -39.17 -30.59 18.26
C ASN A 269 -39.49 -32.05 17.92
N LYS A 270 -39.69 -32.34 16.64
CA LYS A 270 -39.87 -33.69 16.13
C LYS A 270 -39.16 -33.82 14.80
N PHE A 271 -37.93 -33.28 14.74
CA PHE A 271 -37.23 -33.02 13.49
C PHE A 271 -36.43 -34.23 13.03
N LEU A 272 -36.39 -34.43 11.72
CA LEU A 272 -35.67 -35.53 11.11
C LEU A 272 -35.05 -35.06 9.80
N PHE A 273 -33.76 -35.34 9.63
CA PHE A 273 -32.98 -34.91 8.46
C PHE A 273 -32.64 -36.13 7.62
N ILE A 274 -32.92 -36.04 6.32
CA ILE A 274 -32.83 -37.19 5.41
C ILE A 274 -31.99 -36.79 4.21
N VAL A 275 -30.96 -37.60 3.91
CA VAL A 275 -30.08 -37.38 2.78
C VAL A 275 -29.75 -38.72 2.13
N HIS A 276 -29.03 -38.65 1.01
CA HIS A 276 -28.54 -39.84 0.33
C HIS A 276 -27.04 -40.08 0.54
N ASN A 277 -26.28 -39.02 0.80
CA ASN A 277 -24.85 -39.15 1.06
C ASN A 277 -24.60 -39.31 2.55
N GLU A 278 -23.56 -40.07 2.88
CA GLU A 278 -23.24 -40.36 4.28
C GLU A 278 -22.23 -39.38 4.86
N GLY A 279 -21.20 -39.01 4.09
CA GLY A 279 -20.24 -38.02 4.56
C GLY A 279 -20.84 -36.65 4.79
N ILE A 280 -22.04 -36.40 4.24
CA ILE A 280 -22.70 -35.13 4.45
C ILE A 280 -23.52 -35.14 5.74
N LEU A 281 -23.88 -36.33 6.22
CA LEU A 281 -24.72 -36.42 7.41
C LEU A 281 -24.03 -35.79 8.61
N ASN A 282 -22.75 -36.11 8.82
CA ASN A 282 -22.02 -35.55 9.95
C ASN A 282 -21.78 -34.06 9.78
N ARG A 283 -21.49 -33.62 8.55
CA ARG A 283 -21.31 -32.19 8.30
C ARG A 283 -22.60 -31.43 8.58
N ALA A 284 -23.72 -31.91 8.04
CA ALA A 284 -24.99 -31.23 8.24
C ALA A 284 -25.40 -31.21 9.70
N LYS A 285 -25.06 -32.27 10.45
CA LYS A 285 -25.40 -32.32 11.87
C LYS A 285 -24.59 -31.28 12.66
N GLU A 286 -23.32 -31.10 12.32
CA GLU A 286 -22.50 -30.11 13.00
C GLU A 286 -22.97 -28.70 12.70
N GLU A 287 -23.36 -28.43 11.44
CA GLU A 287 -23.83 -27.10 11.07
C GLU A 287 -25.11 -26.74 11.79
N PHE A 288 -26.08 -27.66 11.81
CA PHE A 288 -27.31 -27.43 12.55
C PHE A 288 -27.05 -27.28 14.04
N LYS A 289 -26.08 -28.01 14.57
CA LYS A 289 -25.70 -27.85 15.98
C LYS A 289 -25.00 -26.52 16.25
N LYS A 290 -24.56 -25.81 15.21
CA LYS A 290 -23.95 -24.49 15.39
C LYS A 290 -25.00 -23.40 15.49
N VAL A 291 -26.04 -23.47 14.66
CA VAL A 291 -27.11 -22.48 14.71
C VAL A 291 -27.96 -22.66 15.96
N LEU A 292 -28.23 -23.92 16.32
CA LEU A 292 -29.03 -24.21 17.50
C LEU A 292 -28.11 -24.34 18.72
N PRO A 293 -28.30 -23.54 19.77
CA PRO A 293 -27.37 -23.51 20.91
C PRO A 293 -27.55 -24.58 21.97
N ILE A 294 -28.67 -25.31 22.00
CA ILE A 294 -29.00 -26.20 23.11
C ILE A 294 -28.14 -27.46 23.05
N LYS A 295 -28.30 -28.35 24.02
CA LYS A 295 -27.42 -29.51 24.19
C LYS A 295 -27.59 -30.50 23.05
N ASN A 296 -26.76 -31.55 23.09
CA ASN A 296 -26.71 -32.52 22.00
C ASN A 296 -27.91 -33.46 22.03
N ASP A 297 -28.07 -34.19 23.13
CA ASP A 297 -29.17 -35.14 23.26
C ASP A 297 -30.48 -34.42 23.53
N GLY A 301 -29.63 -36.99 16.94
CA GLY A 301 -29.46 -38.42 16.75
C GLY A 301 -29.23 -38.81 15.31
N LEU A 302 -28.48 -39.89 15.09
CA LEU A 302 -28.17 -40.38 13.76
C LEU A 302 -28.05 -41.89 13.80
N LEU A 303 -28.52 -42.55 12.74
CA LEU A 303 -28.51 -44.01 12.61
C LEU A 303 -27.92 -44.34 11.24
N THR A 304 -26.64 -44.03 11.05
CA THR A 304 -25.96 -44.12 9.76
C THR A 304 -25.90 -45.56 9.21
N GLY A 305 -26.45 -46.50 9.96
CA GLY A 305 -26.32 -47.91 9.62
C GLY A 305 -25.52 -48.62 10.69
N LYS A 306 -26.19 -49.49 11.44
CA LYS A 306 -25.61 -50.10 12.64
C LYS A 306 -25.19 -49.04 13.65
N HIS A 307 -25.99 -47.96 13.74
CA HIS A 307 -25.83 -46.91 14.73
C HIS A 307 -27.14 -46.74 15.50
N ARG A 308 -27.04 -46.11 16.67
CA ARG A 308 -27.99 -46.40 17.74
C ARG A 308 -28.57 -45.19 18.49
N ASP A 309 -28.41 -43.97 17.97
CA ASP A 309 -28.88 -42.80 18.70
C ASP A 309 -30.40 -42.81 18.83
N VAL A 310 -31.10 -42.82 17.69
CA VAL A 310 -32.54 -43.10 17.55
C VAL A 310 -33.43 -42.33 18.54
N ASP A 311 -33.00 -41.13 18.93
CA ASP A 311 -33.81 -40.38 19.90
C ASP A 311 -33.42 -38.91 19.88
N ALA A 312 -33.85 -38.20 20.92
CA ALA A 312 -33.63 -36.78 21.19
C ALA A 312 -34.44 -35.86 20.28
N LYS A 313 -35.27 -36.39 19.38
CA LYS A 313 -36.13 -35.60 18.50
C LYS A 313 -35.34 -34.72 17.54
N TYR A 314 -34.12 -35.12 17.18
CA TYR A 314 -33.29 -34.45 16.17
C TYR A 314 -32.55 -35.55 15.42
N LEU A 315 -33.14 -35.99 14.30
CA LEU A 315 -32.65 -37.12 13.54
C LEU A 315 -31.81 -36.65 12.36
N PHE A 316 -30.83 -37.48 11.98
CA PHE A 316 -29.97 -37.27 10.82
C PHE A 316 -29.73 -38.63 10.15
N ALA A 317 -30.79 -39.20 9.57
CA ALA A 317 -30.75 -40.51 8.94
C ALA A 317 -30.60 -40.38 7.43
N THR A 318 -30.21 -41.47 6.80
CA THR A 318 -30.17 -41.54 5.35
C THR A 318 -31.37 -42.31 4.83
N ILE A 319 -31.61 -42.18 3.52
CA ILE A 319 -32.72 -42.91 2.91
C ILE A 319 -32.45 -44.40 2.96
N GLN A 320 -31.18 -44.80 2.83
CA GLN A 320 -30.86 -46.23 2.76
C GLN A 320 -31.10 -46.94 4.08
N THR A 321 -30.70 -46.33 5.20
CA THR A 321 -30.93 -46.95 6.49
C THR A 321 -32.41 -47.04 6.82
N LEU A 322 -33.20 -46.08 6.36
CA LEU A 322 -34.65 -46.16 6.51
C LEU A 322 -35.23 -47.16 5.53
N SER A 323 -34.87 -47.05 4.24
CA SER A 323 -35.46 -47.89 3.21
C SER A 323 -35.19 -49.36 3.44
N ARG A 324 -34.04 -49.69 4.02
CA ARG A 324 -33.68 -51.09 4.22
C ARG A 324 -34.55 -51.70 5.31
N ASP A 325 -35.33 -52.73 4.94
CA ASP A 325 -36.11 -53.54 5.86
C ASP A 325 -37.21 -52.75 6.57
N ASP A 326 -37.75 -51.72 5.92
CA ASP A 326 -38.87 -50.95 6.43
C ASP A 326 -38.64 -50.42 7.83
N ASN A 327 -37.86 -49.34 7.96
CA ASN A 327 -37.54 -48.76 9.26
C ASN A 327 -38.20 -47.40 9.46
N PHE A 328 -39.34 -47.18 8.80
CA PHE A 328 -40.16 -46.01 9.08
C PHE A 328 -41.31 -46.32 10.03
N LYS A 329 -41.59 -47.60 10.28
CA LYS A 329 -42.60 -48.06 11.21
C LYS A 329 -42.18 -47.91 12.68
N GLN A 330 -41.05 -47.25 12.93
CA GLN A 330 -40.57 -47.07 14.30
C GLN A 330 -41.23 -45.88 15.00
N PHE A 331 -41.78 -44.93 14.25
CA PHE A 331 -42.37 -43.72 14.82
C PHE A 331 -43.71 -43.45 14.17
N ASP A 332 -44.48 -42.57 14.80
CA ASP A 332 -45.81 -42.24 14.32
C ASP A 332 -45.76 -41.63 12.93
N GLU A 333 -46.86 -41.81 12.19
CA GLU A 333 -47.00 -41.10 10.92
C GLU A 333 -47.05 -39.60 11.14
N ASN A 334 -47.62 -39.16 12.25
CA ASN A 334 -47.66 -37.74 12.60
C ASN A 334 -46.57 -37.41 13.61
N ASP A 337 -41.85 -33.23 12.31
CA ASP A 337 -42.76 -32.25 11.71
C ASP A 337 -42.00 -31.32 10.76
N TYR A 338 -40.69 -31.60 10.58
CA TYR A 338 -39.83 -30.79 9.70
C TYR A 338 -38.99 -31.75 8.85
N ILE A 339 -39.64 -32.37 7.87
CA ILE A 339 -38.96 -33.30 7.00
C ILE A 339 -38.27 -32.52 5.87
N VAL A 340 -37.03 -32.87 5.57
CA VAL A 340 -36.33 -32.29 4.42
C VAL A 340 -35.40 -33.34 3.85
N PHE A 341 -35.37 -33.43 2.51
CA PHE A 341 -34.86 -34.62 1.81
C PHE A 341 -33.67 -34.31 0.90
N ASP A 342 -33.62 -35.03 -0.22
CA ASP A 342 -32.59 -34.88 -1.24
C ASP A 342 -33.23 -35.14 -2.60
N GLU A 343 -32.46 -34.88 -3.67
CA GLU A 343 -32.97 -35.18 -5.00
C GLU A 343 -33.19 -36.67 -5.17
N ALA A 344 -32.15 -37.47 -4.89
CA ALA A 344 -32.20 -38.92 -5.05
C ALA A 344 -32.90 -39.62 -3.89
N HIS A 345 -33.43 -38.87 -2.92
CA HIS A 345 -34.16 -39.45 -1.80
C HIS A 345 -35.63 -39.67 -2.17
N GLN A 353 -35.63 -44.24 -2.01
CA GLN A 353 -36.96 -44.80 -1.83
C GLN A 353 -38.00 -43.70 -1.72
N ARG A 354 -39.25 -44.03 -2.04
CA ARG A 354 -40.34 -43.07 -2.02
C ARG A 354 -41.51 -43.45 -1.12
N VAL A 355 -41.67 -44.74 -0.80
CA VAL A 355 -42.75 -45.12 0.11
C VAL A 355 -42.51 -44.57 1.51
N PHE A 356 -41.27 -44.19 1.81
CA PHE A 356 -40.94 -43.54 3.08
C PHE A 356 -41.24 -42.05 3.07
N ASN A 357 -41.87 -41.53 2.02
CA ASN A 357 -42.32 -40.15 1.97
C ASN A 357 -43.81 -40.04 2.29
N TYR A 358 -44.41 -41.09 2.86
CA TYR A 358 -45.87 -41.18 2.92
C TYR A 358 -46.45 -40.46 4.13
N PHE A 359 -45.73 -40.43 5.25
CA PHE A 359 -46.32 -39.98 6.51
C PHE A 359 -46.30 -38.45 6.59
N LYS A 360 -47.39 -37.86 7.30
CA LYS A 360 -47.78 -36.45 7.30
C LYS A 360 -47.13 -35.69 8.46
N PRO A 361 -46.51 -34.56 8.19
CA PRO A 361 -46.06 -33.68 9.28
C PRO A 361 -46.44 -32.22 9.04
N LYS A 362 -45.93 -31.32 9.89
CA LYS A 362 -46.33 -29.92 9.83
C LYS A 362 -45.68 -29.17 8.68
N PHE A 363 -44.43 -29.50 8.34
CA PHE A 363 -43.73 -28.69 7.35
C PHE A 363 -42.65 -29.54 6.66
N MSE A 364 -43.07 -30.36 5.71
CA MSE A 364 -42.12 -31.12 4.89
C MSE A 364 -41.45 -30.19 3.87
O MSE A 364 -42.05 -29.21 3.42
CB MSE A 364 -42.85 -32.27 4.18
N LEU A 365 -40.20 -30.50 3.51
CA LEU A 365 -39.45 -29.68 2.57
C LEU A 365 -38.43 -30.57 1.89
N GLY A 366 -37.64 -29.97 1.00
CA GLY A 366 -36.57 -30.69 0.33
C GLY A 366 -35.58 -29.69 -0.22
N MSE A 367 -34.43 -30.19 -0.66
CA MSE A 367 -33.38 -29.37 -1.27
C MSE A 367 -32.71 -30.14 -2.40
O MSE A 367 -32.23 -31.26 -2.19
CB MSE A 367 -32.36 -28.93 -0.22
CG MSE A 367 -32.94 -28.02 0.86
SE MSE A 367 -31.65 -27.27 2.11
CE MSE A 367 -31.30 -28.86 3.17
N THR A 368 -32.66 -29.55 -3.59
CA THR A 368 -32.20 -30.25 -4.78
C THR A 368 -31.26 -29.36 -5.60
N ALA A 369 -30.65 -29.97 -6.61
CA ALA A 369 -29.83 -29.29 -7.61
C ALA A 369 -30.23 -29.76 -8.99
N THR A 370 -31.52 -29.64 -9.29
CA THR A 370 -32.10 -30.48 -10.33
C THR A 370 -32.67 -29.65 -11.48
N PRO A 371 -32.61 -30.17 -12.72
CA PRO A 371 -33.34 -29.64 -13.87
C PRO A 371 -34.60 -30.44 -14.18
N PHE A 380 -39.86 -29.09 -6.87
CA PHE A 380 -39.80 -30.21 -7.78
C PHE A 380 -41.16 -30.38 -8.42
N GLU A 381 -41.37 -31.51 -9.11
CA GLU A 381 -42.71 -31.81 -9.58
C GLU A 381 -43.68 -31.99 -8.42
N LEU A 382 -43.18 -32.44 -7.27
CA LEU A 382 -43.99 -32.62 -6.07
C LEU A 382 -44.03 -31.30 -5.29
N PHE A 383 -44.31 -31.39 -3.99
CA PHE A 383 -44.22 -30.26 -3.06
C PHE A 383 -45.21 -29.15 -3.43
N ASP A 384 -46.37 -29.53 -3.95
CA ASP A 384 -47.38 -28.59 -4.43
C ASP A 384 -46.82 -27.61 -5.44
N TYR A 385 -45.78 -28.04 -6.18
CA TYR A 385 -45.12 -27.21 -7.18
C TYR A 385 -44.71 -25.85 -6.63
N ASN A 386 -44.32 -25.82 -5.36
CA ASN A 386 -43.98 -24.58 -4.67
C ASN A 386 -42.48 -24.57 -4.41
N ILE A 387 -41.75 -23.75 -5.16
CA ILE A 387 -40.32 -23.56 -4.97
C ILE A 387 -40.11 -22.35 -4.07
N ALA A 388 -39.39 -22.55 -2.98
CA ALA A 388 -39.21 -21.48 -2.00
C ALA A 388 -38.18 -20.47 -2.46
N TYR A 389 -36.94 -20.91 -2.71
CA TYR A 389 -35.88 -20.03 -3.15
C TYR A 389 -34.93 -20.80 -4.06
N GLU A 390 -34.38 -20.12 -5.06
CA GLU A 390 -33.43 -20.72 -5.98
C GLU A 390 -32.07 -20.08 -5.77
N ILE A 391 -31.11 -20.86 -5.27
CA ILE A 391 -29.76 -20.38 -5.07
C ILE A 391 -29.03 -20.45 -6.41
N ARG A 392 -28.68 -19.29 -6.96
CA ARG A 392 -27.95 -19.20 -8.21
C ARG A 392 -26.51 -18.78 -7.92
N LEU A 393 -25.65 -18.97 -8.93
CA LEU A 393 -24.22 -18.77 -8.74
C LEU A 393 -23.90 -17.33 -8.34
N GLN A 394 -24.41 -16.36 -9.09
CA GLN A 394 -24.08 -14.97 -8.86
C GLN A 394 -24.48 -14.53 -7.45
N ALA A 395 -25.74 -14.78 -7.09
CA ALA A 395 -26.20 -14.41 -5.76
C ALA A 395 -25.41 -15.12 -4.68
N ALA A 396 -25.20 -16.43 -4.85
CA ALA A 396 -24.52 -17.21 -3.81
C ALA A 396 -23.08 -16.76 -3.60
N LEU A 397 -22.43 -16.26 -4.65
CA LEU A 397 -21.08 -15.73 -4.49
C LEU A 397 -21.08 -14.38 -3.79
N GLU A 398 -22.19 -13.65 -3.84
CA GLU A 398 -22.25 -12.34 -3.20
C GLU A 398 -22.31 -12.46 -1.68
N SER A 399 -23.07 -13.43 -1.17
CA SER A 399 -23.16 -13.63 0.26
C SER A 399 -21.96 -14.37 0.85
N ASP A 400 -20.94 -14.67 0.03
CA ASP A 400 -19.71 -15.31 0.49
C ASP A 400 -19.96 -16.67 1.12
N ILE A 401 -21.03 -17.35 0.71
CA ILE A 401 -21.25 -18.73 1.15
C ILE A 401 -20.48 -19.71 0.27
N LEU A 402 -20.04 -19.28 -0.91
CA LEU A 402 -19.26 -20.12 -1.79
C LEU A 402 -17.78 -20.02 -1.46
N CYS A 403 -16.97 -20.71 -2.23
CA CYS A 403 -15.53 -20.63 -2.17
C CYS A 403 -15.02 -19.87 -3.39
N PRO A 404 -13.98 -19.04 -3.22
CA PRO A 404 -13.42 -18.34 -4.39
C PRO A 404 -12.93 -19.31 -5.44
N PHE A 405 -12.98 -18.88 -6.69
CA PHE A 405 -12.56 -19.73 -7.80
C PHE A 405 -11.89 -18.90 -8.88
N HIS A 406 -10.93 -19.52 -9.56
CA HIS A 406 -10.22 -18.91 -10.68
C HIS A 406 -10.40 -19.81 -11.89
N TYR A 407 -11.37 -19.49 -12.73
CA TYR A 407 -11.59 -20.24 -13.97
C TYR A 407 -10.48 -19.94 -14.98
N PHE A 408 -10.16 -20.94 -15.79
CA PHE A 408 -9.11 -20.81 -16.80
C PHE A 408 -9.53 -21.55 -18.06
N GLY A 409 -10.02 -20.79 -19.04
CA GLY A 409 -10.31 -21.35 -20.34
C GLY A 409 -9.05 -21.55 -21.16
N VAL A 410 -8.76 -22.79 -21.54
CA VAL A 410 -7.58 -23.14 -22.29
C VAL A 410 -8.01 -23.88 -23.55
N THR A 411 -7.06 -24.05 -24.47
CA THR A 411 -7.34 -24.69 -25.75
C THR A 411 -6.96 -26.17 -25.70
N ASP A 412 -7.90 -27.04 -26.07
CA ASP A 412 -7.61 -28.46 -26.13
C ASP A 412 -6.51 -28.74 -27.16
N TYR A 413 -5.84 -29.88 -26.98
CA TYR A 413 -4.74 -30.24 -27.88
C TYR A 413 -5.23 -30.43 -29.31
N VAL A 414 -4.40 -29.99 -30.27
CA VAL A 414 -4.74 -30.07 -31.69
C VAL A 414 -4.16 -31.35 -32.27
N HIS A 415 -4.89 -31.95 -33.20
CA HIS A 415 -4.49 -33.22 -33.84
C HIS A 415 -4.31 -34.32 -32.80
N ARG A 427 -6.09 -43.27 -26.84
CA ARG A 427 -7.36 -43.70 -27.39
C ARG A 427 -7.76 -42.83 -28.57
N TYR A 428 -9.07 -42.76 -28.82
CA TYR A 428 -9.61 -41.75 -29.72
C TYR A 428 -9.10 -40.35 -29.33
N LEU A 429 -8.98 -40.08 -28.02
CA LEU A 429 -8.52 -38.78 -27.54
C LEU A 429 -7.77 -38.91 -26.21
N THR A 430 -6.88 -39.89 -26.10
CA THR A 430 -6.11 -40.16 -24.89
C THR A 430 -4.70 -40.63 -25.25
N SER A 431 -4.11 -39.97 -26.24
CA SER A 431 -2.79 -40.36 -26.70
C SER A 431 -1.73 -39.77 -25.78
N ASP A 432 -0.47 -40.05 -26.10
CA ASP A 432 0.63 -39.48 -25.32
C ASP A 432 0.65 -37.96 -25.42
N GLU A 433 0.28 -37.41 -26.58
CA GLU A 433 0.38 -35.97 -26.78
C GLU A 433 -0.68 -35.21 -26.00
N ARG A 434 -1.92 -35.71 -25.99
CA ARG A 434 -2.96 -35.03 -25.23
C ARG A 434 -2.76 -35.22 -23.73
N VAL A 435 -2.17 -36.33 -23.32
CA VAL A 435 -1.89 -36.54 -21.90
C VAL A 435 -0.83 -35.55 -21.42
N ASN A 436 0.32 -35.52 -22.10
CA ASN A 436 1.41 -34.65 -21.68
C ASN A 436 1.05 -33.17 -21.78
N TYR A 437 0.05 -32.83 -22.59
CA TYR A 437 -0.41 -31.45 -22.69
C TYR A 437 -1.31 -31.08 -21.51
N ILE A 438 -2.24 -31.97 -21.16
CA ILE A 438 -3.07 -31.76 -19.98
C ILE A 438 -2.19 -31.65 -18.73
N ILE A 439 -1.10 -32.41 -18.68
CA ILE A 439 -0.20 -32.36 -17.54
C ILE A 439 0.49 -31.00 -17.47
N GLN A 440 1.13 -30.58 -18.56
CA GLN A 440 1.84 -29.31 -18.55
C GLN A 440 0.91 -28.12 -18.39
N LYS A 441 -0.39 -28.29 -18.64
CA LYS A 441 -1.35 -27.22 -18.48
C LYS A 441 -1.90 -27.15 -17.05
N THR A 442 -2.35 -28.29 -16.51
CA THR A 442 -2.80 -28.31 -15.13
C THR A 442 -1.67 -28.00 -14.17
N ASP A 443 -0.42 -28.29 -14.55
CA ASP A 443 0.71 -27.87 -13.74
C ASP A 443 0.83 -26.36 -13.70
N TYR A 444 0.58 -25.70 -14.83
CA TYR A 444 0.75 -24.25 -14.92
C TYR A 444 -0.20 -23.52 -13.99
N TYR A 445 -1.49 -23.52 -14.32
CA TYR A 445 -2.49 -23.00 -13.39
C TYR A 445 -2.68 -24.01 -12.26
N GLY A 446 -1.64 -24.24 -11.48
CA GLY A 446 -1.65 -25.28 -10.47
C GLY A 446 -2.73 -25.18 -9.40
N TYR A 447 -2.65 -26.05 -8.41
CA TYR A 447 -3.68 -26.10 -7.38
C TYR A 447 -3.47 -25.01 -6.33
N SER A 448 -4.57 -24.67 -5.65
CA SER A 448 -4.62 -23.53 -4.75
C SER A 448 -4.08 -23.81 -3.37
N GLY A 449 -3.88 -25.06 -2.99
CA GLY A 449 -3.46 -25.39 -1.64
C GLY A 449 -2.02 -25.84 -1.53
N GLU A 450 -1.78 -27.00 -0.93
CA GLU A 450 -0.43 -27.54 -0.80
C GLU A 450 -0.32 -28.97 -1.32
N ILE A 451 -1.42 -29.71 -1.28
CA ILE A 451 -1.52 -31.03 -1.89
C ILE A 451 -2.63 -30.99 -2.92
N LEU A 452 -2.39 -31.61 -4.08
CA LEU A 452 -3.39 -31.65 -5.15
C LEU A 452 -4.49 -32.64 -4.80
N GLN A 453 -5.72 -32.16 -4.74
CA GLN A 453 -6.89 -33.01 -4.53
C GLN A 453 -7.93 -32.59 -5.57
N GLY A 454 -7.77 -33.04 -6.80
CA GLY A 454 -8.71 -32.61 -7.80
C GLY A 454 -9.62 -33.64 -8.44
N LEU A 455 -10.57 -33.16 -9.23
CA LEU A 455 -11.45 -34.01 -10.04
C LEU A 455 -11.24 -33.71 -11.50
N ILE A 456 -11.56 -34.67 -12.35
CA ILE A 456 -11.46 -34.50 -13.80
C ILE A 456 -12.71 -35.07 -14.44
N PHE A 457 -13.43 -34.25 -15.19
CA PHE A 457 -14.64 -34.67 -15.87
C PHE A 457 -14.31 -34.87 -17.34
N VAL A 458 -14.39 -36.12 -17.81
CA VAL A 458 -14.12 -36.42 -19.20
C VAL A 458 -15.44 -36.74 -19.89
N SER A 459 -15.38 -37.18 -21.15
CA SER A 459 -16.56 -37.21 -21.99
C SER A 459 -17.20 -38.58 -22.13
N SER A 460 -16.47 -39.67 -21.86
CA SER A 460 -17.00 -41.02 -21.99
C SER A 460 -16.43 -41.90 -20.89
N LYS A 461 -17.21 -42.94 -20.53
CA LYS A 461 -16.77 -43.91 -19.55
C LYS A 461 -15.42 -44.52 -19.92
N LYS A 462 -15.23 -44.84 -21.20
CA LYS A 462 -13.98 -45.43 -21.63
C LYS A 462 -12.81 -44.47 -21.45
N GLU A 463 -13.04 -43.16 -21.70
CA GLU A 463 -11.97 -42.19 -21.52
C GLU A 463 -11.54 -42.10 -20.07
N ALA A 464 -12.50 -42.15 -19.14
CA ALA A 464 -12.20 -41.97 -17.73
C ALA A 464 -11.19 -43.01 -17.24
N TYR A 465 -11.41 -44.29 -17.56
CA TYR A 465 -10.52 -45.34 -17.05
C TYR A 465 -9.18 -45.30 -17.77
N ASP A 466 -9.19 -45.10 -19.09
CA ASP A 466 -7.93 -45.12 -19.83
C ASP A 466 -7.07 -43.92 -19.48
N LEU A 467 -7.69 -42.77 -19.25
CA LEU A 467 -6.91 -41.59 -18.89
C LEU A 467 -6.36 -41.73 -17.48
N ALA A 468 -7.12 -42.36 -16.58
CA ALA A 468 -6.62 -42.61 -15.25
C ALA A 468 -5.36 -43.48 -15.28
N ASP A 469 -5.33 -44.47 -16.18
CA ASP A 469 -4.15 -45.32 -16.30
C ASP A 469 -2.97 -44.56 -16.88
N LYS A 470 -3.22 -43.76 -17.92
CA LYS A 470 -2.12 -43.04 -18.56
C LYS A 470 -1.63 -41.91 -17.68
N LEU A 471 -2.54 -41.24 -16.97
CA LEU A 471 -2.15 -40.15 -16.08
C LEU A 471 -1.35 -40.67 -14.91
N SER A 472 -1.75 -41.81 -14.34
CA SER A 472 -1.04 -42.36 -13.20
C SER A 472 0.32 -42.89 -13.58
N SER A 473 0.52 -43.28 -14.84
CA SER A 473 1.81 -43.77 -15.29
C SER A 473 2.86 -42.68 -15.39
N LYS A 474 2.48 -41.42 -15.25
CA LYS A 474 3.42 -40.32 -15.26
C LYS A 474 3.75 -39.79 -13.87
N GLY A 475 3.29 -40.47 -12.83
CA GLY A 475 3.54 -40.04 -11.48
C GLY A 475 2.44 -39.23 -10.84
N ILE A 476 1.25 -39.19 -11.43
CA ILE A 476 0.13 -38.43 -10.91
C ILE A 476 -0.97 -39.44 -10.55
N LYS A 477 -0.98 -39.86 -9.28
CA LYS A 477 -1.89 -40.90 -8.82
C LYS A 477 -3.35 -40.56 -9.08
N SER A 478 -4.00 -41.29 -10.00
CA SER A 478 -5.37 -40.99 -10.37
C SER A 478 -6.17 -42.27 -10.48
N VAL A 479 -7.46 -42.17 -10.19
CA VAL A 479 -8.39 -43.30 -10.24
C VAL A 479 -9.69 -42.83 -10.89
N ALA A 480 -10.20 -43.62 -11.83
CA ALA A 480 -11.49 -43.30 -12.40
C ALA A 480 -12.62 -43.82 -11.51
N LEU A 481 -13.84 -43.36 -11.80
CA LEU A 481 -14.99 -43.76 -11.00
C LEU A 481 -16.31 -43.48 -11.71
N THR A 482 -16.69 -44.38 -12.62
CA THR A 482 -17.90 -44.23 -13.42
C THR A 482 -19.10 -44.82 -12.67
N GLY A 483 -20.30 -44.60 -13.21
CA GLY A 483 -21.54 -45.09 -12.65
C GLY A 483 -21.66 -46.61 -12.57
N ASP A 484 -21.01 -47.35 -13.47
CA ASP A 484 -21.04 -48.81 -13.41
C ASP A 484 -20.01 -49.34 -12.42
N ASP A 485 -19.75 -48.58 -11.36
CA ASP A 485 -18.88 -49.00 -10.26
C ASP A 485 -19.71 -49.40 -9.05
N SER A 486 -19.09 -50.20 -8.19
CA SER A 486 -19.74 -50.63 -6.96
C SER A 486 -19.80 -49.47 -5.96
N VAL A 487 -20.71 -49.59 -5.00
CA VAL A 487 -20.88 -48.53 -4.01
C VAL A 487 -19.74 -48.53 -3.01
N ASN A 488 -19.21 -49.71 -2.68
CA ASN A 488 -18.12 -49.77 -1.70
C ASN A 488 -16.79 -49.37 -2.31
N TYR A 489 -16.57 -49.64 -3.60
CA TYR A 489 -15.35 -49.17 -4.25
C TYR A 489 -15.33 -47.65 -4.37
N ARG A 490 -16.49 -47.02 -4.60
CA ARG A 490 -16.57 -45.57 -4.58
C ARG A 490 -16.15 -45.02 -3.22
N GLN A 491 -16.77 -45.50 -2.15
CA GLN A 491 -16.44 -45.01 -0.81
C GLN A 491 -14.97 -45.28 -0.47
N ILE A 492 -14.38 -46.35 -1.02
CA ILE A 492 -12.96 -46.60 -0.81
C ILE A 492 -12.12 -45.61 -1.61
N VAL A 493 -12.55 -45.30 -2.85
CA VAL A 493 -11.78 -44.38 -3.69
C VAL A 493 -12.05 -42.94 -3.28
N ILE A 494 -13.28 -42.62 -2.87
CA ILE A 494 -13.58 -41.26 -2.43
C ILE A 494 -12.76 -40.91 -1.19
N GLU A 495 -12.77 -41.78 -0.19
CA GLU A 495 -11.96 -41.57 1.00
C GLU A 495 -10.47 -41.73 0.72
N LYS A 496 -10.09 -42.21 -0.47
CA LYS A 496 -8.69 -42.25 -0.85
C LYS A 496 -8.18 -40.87 -1.23
N LEU A 497 -9.06 -40.03 -1.79
CA LEU A 497 -8.70 -38.67 -2.15
C LEU A 497 -8.73 -37.76 -0.93
N LYS A 498 -9.75 -37.92 -0.07
CA LYS A 498 -9.85 -37.10 1.13
C LYS A 498 -8.62 -37.28 2.01
N GLU A 499 -8.04 -38.47 2.04
CA GLU A 499 -6.82 -38.73 2.79
C GLU A 499 -5.56 -38.43 1.98
N GLY A 500 -5.70 -37.82 0.81
CA GLY A 500 -4.57 -37.42 0.01
C GLY A 500 -3.73 -38.59 -0.51
N LYS A 501 -4.30 -39.79 -0.46
CA LYS A 501 -3.62 -40.95 -1.01
C LYS A 501 -3.47 -40.84 -2.53
N ILE A 502 -4.40 -40.15 -3.19
CA ILE A 502 -4.34 -39.89 -4.62
C ILE A 502 -4.54 -38.40 -4.86
N ASN A 503 -4.40 -37.98 -6.11
CA ASN A 503 -4.59 -36.59 -6.49
C ASN A 503 -5.84 -36.33 -7.34
N TYR A 504 -6.33 -37.34 -8.05
CA TYR A 504 -7.39 -37.14 -9.03
C TYR A 504 -8.43 -38.26 -8.97
N ILE A 505 -9.65 -37.91 -9.36
CA ILE A 505 -10.73 -38.86 -9.59
C ILE A 505 -11.39 -38.47 -10.91
N ILE A 506 -11.24 -39.29 -11.93
CA ILE A 506 -11.80 -39.02 -13.25
C ILE A 506 -13.20 -39.60 -13.33
N THR A 507 -14.11 -38.88 -13.98
CA THR A 507 -15.52 -39.26 -13.99
C THR A 507 -16.20 -38.69 -15.22
N VAL A 508 -17.39 -39.23 -15.50
CA VAL A 508 -18.28 -38.71 -16.53
C VAL A 508 -19.68 -38.56 -15.92
N ASP A 509 -20.08 -39.56 -15.13
CA ASP A 509 -21.44 -39.66 -14.61
C ASP A 509 -21.65 -38.91 -13.31
N LEU A 510 -20.70 -39.03 -12.37
CA LEU A 510 -20.95 -38.68 -10.97
C LEU A 510 -20.51 -37.24 -10.71
N PHE A 511 -21.37 -36.31 -11.12
CA PHE A 511 -21.15 -34.89 -10.81
C PHE A 511 -22.28 -34.36 -9.95
N GLY A 514 -22.49 -38.98 -6.07
CA GLY A 514 -21.45 -39.69 -5.36
C GLY A 514 -20.38 -38.78 -4.78
N ILE A 515 -19.65 -38.10 -5.66
CA ILE A 515 -18.56 -37.23 -5.22
C ILE A 515 -19.14 -36.01 -4.51
N ASP A 516 -18.68 -35.77 -3.29
CA ASP A 516 -19.09 -34.60 -2.52
C ASP A 516 -18.00 -34.25 -1.52
N ILE A 517 -16.78 -34.09 -2.02
CA ILE A 517 -15.61 -33.84 -1.17
C ILE A 517 -15.40 -32.34 -1.07
N PRO A 518 -15.42 -31.76 0.12
CA PRO A 518 -15.14 -30.31 0.22
C PRO A 518 -13.71 -29.93 -0.12
N GLU A 519 -12.74 -30.80 0.14
CA GLU A 519 -11.33 -30.46 0.05
C GLU A 519 -10.82 -30.26 -1.37
N VAL A 520 -11.68 -30.26 -2.39
CA VAL A 520 -11.22 -30.30 -3.77
C VAL A 520 -10.47 -29.01 -4.13
N ASN A 521 -9.22 -29.17 -4.59
CA ASN A 521 -8.41 -28.08 -5.13
C ASN A 521 -8.77 -27.75 -6.57
N GLN A 522 -8.62 -28.71 -7.49
CA GLN A 522 -8.77 -28.51 -8.91
C GLN A 522 -10.07 -29.10 -9.43
N VAL A 523 -10.62 -28.48 -10.47
CA VAL A 523 -11.71 -29.06 -11.25
C VAL A 523 -11.27 -28.95 -12.71
N VAL A 524 -10.93 -30.09 -13.30
CA VAL A 524 -10.48 -30.14 -14.70
C VAL A 524 -11.62 -30.64 -15.56
N MSE A 525 -11.81 -30.00 -16.71
CA MSE A 525 -12.89 -30.37 -17.62
C MSE A 525 -12.37 -30.72 -19.01
O MSE A 525 -11.83 -29.87 -19.71
CB MSE A 525 -13.92 -29.25 -17.68
CG MSE A 525 -14.70 -29.13 -16.40
SE MSE A 525 -15.60 -27.44 -16.18
CE MSE A 525 -16.52 -27.34 -17.89
N LEU A 526 -12.55 -31.99 -19.39
CA LEU A 526 -12.08 -32.53 -20.66
C LEU A 526 -13.24 -33.07 -21.48
N ARG A 527 -14.40 -32.44 -21.35
CA ARG A 527 -15.59 -32.83 -22.06
C ARG A 527 -16.30 -31.58 -22.56
N PRO A 528 -16.96 -31.66 -23.71
CA PRO A 528 -17.83 -30.55 -24.14
C PRO A 528 -18.89 -30.23 -23.10
N THR A 529 -19.15 -28.93 -22.91
CA THR A 529 -20.13 -28.48 -21.90
C THR A 529 -21.51 -28.88 -22.39
N GLU A 530 -22.06 -29.93 -21.78
CA GLU A 530 -23.28 -30.52 -22.29
C GLU A 530 -24.46 -29.57 -22.11
N SER A 531 -24.57 -28.94 -20.95
CA SER A 531 -25.68 -28.05 -20.66
C SER A 531 -25.18 -26.89 -19.81
N SER A 532 -26.09 -25.96 -19.54
CA SER A 532 -25.78 -24.90 -18.60
C SER A 532 -25.91 -25.38 -17.16
N ILE A 533 -26.81 -26.34 -16.93
CA ILE A 533 -26.99 -26.88 -15.59
C ILE A 533 -25.85 -27.81 -15.21
N ILE A 534 -25.45 -28.70 -16.12
CA ILE A 534 -24.38 -29.65 -15.83
C ILE A 534 -23.08 -28.92 -15.55
N PHE A 535 -22.83 -27.81 -16.24
CA PHE A 535 -21.61 -27.03 -16.04
C PHE A 535 -21.49 -26.56 -14.60
N ILE A 536 -22.52 -25.88 -14.10
CA ILE A 536 -22.46 -25.31 -12.76
C ILE A 536 -22.42 -26.39 -11.70
N GLN A 537 -23.09 -27.52 -11.92
CA GLN A 537 -23.12 -28.57 -10.92
C GLN A 537 -21.73 -29.15 -10.67
N GLN A 538 -21.00 -29.48 -11.74
CA GLN A 538 -19.65 -30.01 -11.56
C GLN A 538 -18.63 -28.91 -11.33
N LEU A 539 -19.04 -27.64 -11.41
CA LEU A 539 -18.23 -26.58 -10.84
C LEU A 539 -18.41 -26.49 -9.33
N GLY A 540 -19.56 -26.91 -8.82
CA GLY A 540 -19.85 -26.90 -7.41
C GLY A 540 -19.13 -27.94 -6.57
N ARG A 541 -18.34 -28.81 -7.19
CA ARG A 541 -17.58 -29.79 -6.41
C ARG A 541 -16.38 -29.16 -5.72
N GLY A 542 -16.01 -27.94 -6.09
CA GLY A 542 -14.93 -27.26 -5.40
C GLY A 542 -15.42 -26.11 -4.55
N LEU A 543 -16.59 -25.57 -4.89
CA LEU A 543 -17.11 -24.34 -4.29
C LEU A 543 -17.40 -24.45 -2.80
N ARG A 544 -17.29 -25.63 -2.22
CA ARG A 544 -17.43 -25.76 -0.77
C ARG A 544 -16.14 -25.31 -0.08
N LYS A 545 -16.28 -24.74 1.10
CA LYS A 545 -15.13 -24.21 1.80
C LYS A 545 -14.42 -25.31 2.60
N SER A 546 -13.09 -25.23 2.65
CA SER A 546 -12.29 -26.20 3.39
C SER A 546 -11.01 -25.56 3.88
N SER A 547 -10.39 -26.20 4.88
CA SER A 547 -9.21 -25.64 5.51
C SER A 547 -8.01 -25.65 4.59
N ASN A 548 -7.87 -26.70 3.77
CA ASN A 548 -6.66 -26.90 2.99
C ASN A 548 -6.53 -25.91 1.83
N LYS A 549 -7.63 -25.30 1.40
CA LYS A 549 -7.64 -24.52 0.18
C LYS A 549 -8.10 -23.10 0.45
N GLU A 550 -7.44 -22.16 -0.22
CA GLU A 550 -7.85 -20.77 -0.25
C GLU A 550 -8.84 -20.49 -1.38
N TYR A 551 -8.72 -21.19 -2.51
CA TYR A 551 -9.64 -21.01 -3.63
C TYR A 551 -9.70 -22.29 -4.42
N VAL A 552 -10.46 -22.28 -5.51
CA VAL A 552 -10.57 -23.43 -6.40
C VAL A 552 -10.11 -22.99 -7.77
N THR A 553 -8.97 -23.51 -8.21
CA THR A 553 -8.58 -23.29 -9.59
C THR A 553 -9.33 -24.29 -10.46
N VAL A 554 -10.00 -23.78 -11.49
CA VAL A 554 -10.77 -24.59 -12.41
C VAL A 554 -10.17 -24.41 -13.79
N ILE A 555 -9.93 -25.52 -14.49
CA ILE A 555 -9.31 -25.50 -15.81
C ILE A 555 -10.26 -26.19 -16.78
N ASP A 556 -10.82 -25.42 -17.70
CA ASP A 556 -11.73 -25.93 -18.73
C ASP A 556 -11.00 -25.99 -20.06
N PHE A 557 -10.86 -27.20 -20.61
CA PHE A 557 -10.20 -27.41 -21.89
C PHE A 557 -11.23 -27.20 -23.00
N ILE A 558 -11.14 -26.06 -23.69
CA ILE A 558 -12.07 -25.71 -24.75
C ILE A 558 -11.62 -26.42 -26.02
N GLY A 559 -12.44 -27.36 -26.50
CA GLY A 559 -12.18 -28.06 -27.73
C GLY A 559 -12.99 -27.49 -28.89
N ASN A 560 -12.95 -28.21 -30.00
CA ASN A 560 -13.69 -27.82 -31.20
C ASN A 560 -15.20 -27.92 -31.03
N TYR A 561 -15.68 -28.29 -29.83
CA TYR A 561 -17.11 -28.49 -29.60
C TYR A 561 -17.91 -27.26 -30.00
N LYS A 562 -19.11 -27.49 -30.55
CA LYS A 562 -19.98 -26.39 -30.92
C LYS A 562 -20.72 -25.80 -29.73
N THR A 563 -20.69 -26.46 -28.59
CA THR A 563 -21.49 -26.11 -27.42
C THR A 563 -20.73 -25.21 -26.45
N ASN A 564 -19.67 -24.54 -26.90
CA ASN A 564 -18.88 -23.68 -26.02
C ASN A 564 -19.64 -22.41 -25.62
N TYR A 565 -20.57 -21.97 -26.45
CA TYR A 565 -21.31 -20.73 -26.16
C TYR A 565 -22.00 -20.75 -24.81
N LEU A 566 -22.28 -21.94 -24.27
CA LEU A 566 -22.93 -22.04 -22.96
C LEU A 566 -22.04 -21.59 -21.81
N ILE A 567 -20.72 -21.59 -22.01
CA ILE A 567 -19.81 -21.23 -20.92
C ILE A 567 -20.04 -19.81 -20.43
N PRO A 568 -20.05 -18.77 -21.28
CA PRO A 568 -20.37 -17.43 -20.79
C PRO A 568 -21.82 -17.30 -20.35
N ILE A 569 -22.70 -18.16 -20.85
CA ILE A 569 -24.10 -18.09 -20.43
C ILE A 569 -24.26 -18.61 -19.00
N ALA A 570 -23.51 -19.65 -18.66
CA ALA A 570 -23.63 -20.24 -17.32
C ALA A 570 -22.98 -19.34 -16.28
N LEU A 571 -21.83 -18.75 -16.60
CA LEU A 571 -21.10 -17.93 -15.61
C LEU A 571 -21.80 -16.60 -15.39
N SER A 572 -22.17 -15.90 -16.46
CA SER A 572 -22.82 -14.60 -16.32
C SER A 572 -24.11 -14.71 -15.52
N GLY A 573 -24.94 -15.70 -15.82
CA GLY A 573 -26.30 -15.76 -15.31
C GLY A 573 -27.28 -14.92 -16.09
N ASP A 574 -26.88 -14.44 -17.27
CA ASP A 574 -27.71 -13.57 -18.10
C ASP A 574 -28.57 -14.42 -19.01
N GLN A 575 -29.88 -14.44 -18.75
CA GLN A 575 -30.80 -15.28 -19.50
C GLN A 575 -31.31 -14.61 -20.78
N SER A 576 -31.33 -13.28 -20.82
CA SER A 576 -31.64 -12.58 -22.06
C SER A 576 -30.55 -12.89 -23.07
N GLN A 577 -30.77 -13.91 -23.90
CA GLN A 577 -29.69 -14.48 -24.70
C GLN A 577 -29.30 -13.57 -25.86
N ASN A 578 -28.77 -12.40 -25.53
CA ASN A 578 -28.25 -11.47 -26.53
C ASN A 578 -26.74 -11.68 -26.63
N LYS A 579 -26.27 -11.97 -27.84
CA LYS A 579 -24.86 -12.29 -28.03
C LYS A 579 -23.92 -11.12 -27.76
N ASP A 580 -24.44 -9.90 -27.66
CA ASP A 580 -23.60 -8.77 -27.26
C ASP A 580 -23.38 -8.77 -25.75
N ASN A 581 -24.43 -9.08 -24.98
CA ASN A 581 -24.30 -9.14 -23.52
C ASN A 581 -23.31 -10.21 -23.11
N TYR A 582 -23.23 -11.32 -23.84
CA TYR A 582 -22.31 -12.38 -23.50
C TYR A 582 -20.88 -12.03 -23.88
N LYS A 583 -20.68 -11.58 -25.13
CA LYS A 583 -19.34 -11.17 -25.54
C LYS A 583 -18.77 -10.11 -24.61
N LYS A 584 -19.63 -9.21 -24.09
CA LYS A 584 -19.18 -8.23 -23.13
C LYS A 584 -18.64 -8.90 -21.87
N PHE A 585 -19.33 -9.95 -21.41
CA PHE A 585 -18.84 -10.72 -20.26
C PHE A 585 -17.55 -11.46 -20.56
N LEU A 586 -17.21 -11.66 -21.83
CA LEU A 586 -15.93 -12.26 -22.17
C LEU A 586 -14.79 -11.26 -22.03
N THR A 587 -14.96 -10.07 -22.60
CA THR A 587 -13.84 -9.13 -22.72
C THR A 587 -13.40 -8.63 -21.35
N ASN A 588 -14.33 -8.09 -20.57
CA ASN A 588 -13.98 -7.50 -19.29
C ASN A 588 -15.14 -7.70 -18.33
N ASN A 589 -14.91 -8.50 -17.29
CA ASN A 589 -15.84 -8.62 -16.18
C ASN A 589 -15.25 -7.91 -14.96
N ASP A 590 -15.02 -6.61 -15.09
CA ASP A 590 -14.48 -5.86 -13.97
C ASP A 590 -15.50 -5.67 -12.85
N SER A 591 -16.76 -6.00 -13.10
CA SER A 591 -17.77 -6.07 -12.06
C SER A 591 -18.13 -7.53 -11.80
N ILE A 592 -17.22 -8.23 -11.10
CA ILE A 592 -17.51 -9.54 -10.52
C ILE A 592 -16.97 -9.51 -9.09
N ASN A 593 -17.78 -9.00 -8.18
CA ASN A 593 -17.30 -8.69 -6.84
C ASN A 593 -16.80 -9.95 -6.14
N GLY A 594 -15.84 -9.74 -5.23
CA GLY A 594 -15.20 -10.84 -4.54
C GLY A 594 -13.85 -11.16 -5.14
N VAL A 595 -13.22 -12.18 -4.55
CA VAL A 595 -11.84 -12.54 -4.89
C VAL A 595 -11.74 -13.25 -6.23
N SER A 596 -12.82 -13.83 -6.72
CA SER A 596 -12.79 -14.75 -7.85
C SER A 596 -12.57 -14.05 -9.19
N THR A 597 -11.99 -14.79 -10.13
CA THR A 597 -11.68 -14.28 -11.47
C THR A 597 -12.06 -15.32 -12.52
N ILE A 598 -12.28 -14.84 -13.74
CA ILE A 598 -12.53 -15.69 -14.90
C ILE A 598 -11.54 -15.29 -16.00
N ASN A 599 -10.82 -16.27 -16.53
CA ASN A 599 -9.80 -15.98 -17.53
C ASN A 599 -9.89 -16.97 -18.69
N PHE A 600 -9.63 -16.47 -19.90
CA PHE A 600 -9.61 -17.29 -21.11
C PHE A 600 -8.30 -17.05 -21.84
N GLU A 601 -7.59 -18.12 -22.19
CA GLU A 601 -6.46 -17.96 -23.09
C GLU A 601 -6.95 -17.40 -24.41
N GLU A 602 -6.06 -16.68 -25.10
CA GLU A 602 -6.48 -15.94 -26.28
C GLU A 602 -7.04 -16.88 -27.35
N VAL A 603 -6.31 -17.97 -27.63
CA VAL A 603 -6.78 -18.93 -28.62
C VAL A 603 -8.05 -19.62 -28.17
N ALA A 604 -8.28 -19.69 -26.86
CA ALA A 604 -9.51 -20.29 -26.36
C ALA A 604 -10.68 -19.32 -26.43
N LYS A 605 -10.44 -18.03 -26.18
CA LYS A 605 -11.53 -17.07 -26.16
C LYS A 605 -12.16 -16.94 -27.54
N LYS A 606 -11.35 -16.97 -28.61
CA LYS A 606 -11.90 -16.91 -29.95
C LYS A 606 -12.79 -18.11 -30.24
N GLN A 607 -12.42 -19.29 -29.72
CA GLN A 607 -13.25 -20.47 -29.90
C GLN A 607 -14.64 -20.26 -29.32
N ILE A 608 -14.74 -19.58 -28.18
CA ILE A 608 -16.04 -19.25 -27.61
C ILE A 608 -16.76 -18.23 -28.48
N TYR A 609 -16.03 -17.26 -29.02
CA TYR A 609 -16.62 -16.29 -29.94
C TYR A 609 -17.17 -16.99 -31.17
N ASN A 610 -16.38 -17.90 -31.76
CA ASN A 610 -16.86 -18.67 -32.91
C ASN A 610 -18.10 -19.47 -32.54
N SER A 611 -18.07 -20.15 -31.40
CA SER A 611 -19.24 -20.91 -30.98
C SER A 611 -20.44 -20.01 -30.76
N LEU A 612 -20.22 -18.76 -30.39
CA LEU A 612 -21.34 -17.83 -30.25
C LEU A 612 -21.84 -17.35 -31.61
N ASP A 613 -20.93 -17.01 -32.52
CA ASP A 613 -21.34 -16.58 -33.86
C ASP A 613 -21.98 -17.72 -34.63
N ALA A 614 -21.35 -18.90 -34.61
CA ALA A 614 -21.80 -20.01 -35.46
C ALA A 614 -23.14 -20.61 -35.03
N VAL A 615 -23.62 -20.33 -33.82
CA VAL A 615 -24.89 -20.89 -33.36
C VAL A 615 -25.89 -19.76 -33.15
N SER A 616 -27.16 -20.10 -33.29
CA SER A 616 -28.26 -19.19 -32.98
C SER A 616 -28.81 -19.55 -31.60
N LEU A 617 -29.28 -18.54 -30.89
CA LEU A 617 -29.88 -18.71 -29.58
C LEU A 617 -31.38 -18.49 -29.62
N ASN A 618 -31.99 -18.65 -30.80
CA ASN A 618 -33.35 -18.18 -31.04
C ASN A 618 -34.35 -19.26 -31.41
N GLN A 619 -33.89 -20.43 -31.88
CA GLN A 619 -34.78 -21.41 -32.51
C GLN A 619 -36.03 -21.67 -31.67
N ASN A 620 -37.14 -21.87 -32.37
CA ASN A 620 -38.43 -22.10 -31.71
C ASN A 620 -38.41 -23.35 -30.83
N LYS A 621 -37.44 -24.24 -31.01
CA LYS A 621 -37.33 -25.40 -30.14
C LYS A 621 -36.84 -25.01 -28.75
N LEU A 622 -35.98 -24.00 -28.65
CA LEU A 622 -35.49 -23.56 -27.36
C LEU A 622 -36.54 -22.75 -26.61
N ILE A 623 -37.30 -21.93 -27.33
CA ILE A 623 -38.41 -21.21 -26.71
C ILE A 623 -39.43 -22.19 -26.13
N LEU A 624 -39.76 -23.24 -26.90
CA LEU A 624 -40.68 -24.26 -26.42
C LEU A 624 -40.08 -25.03 -25.24
N LYS A 625 -38.81 -25.41 -25.36
CA LYS A 625 -38.13 -26.10 -24.25
C LYS A 625 -38.24 -25.30 -22.97
N ALA A 626 -37.98 -24.00 -23.04
CA ALA A 626 -38.05 -23.16 -21.84
C ALA A 626 -39.46 -23.11 -21.30
N TYR A 627 -40.46 -23.01 -22.18
CA TYR A 627 -41.85 -23.01 -21.73
C TYR A 627 -42.17 -24.29 -20.97
N GLU A 628 -41.75 -25.44 -21.51
CA GLU A 628 -41.98 -26.70 -20.82
C GLU A 628 -41.19 -26.77 -19.52
N GLU A 629 -40.03 -26.12 -19.46
CA GLU A 629 -39.25 -26.12 -18.23
C GLU A 629 -39.94 -25.30 -17.14
N VAL A 630 -40.40 -24.10 -17.49
CA VAL A 630 -41.13 -23.28 -16.54
C VAL A 630 -42.42 -23.99 -16.12
N GLU A 631 -43.14 -24.57 -17.08
CA GLU A 631 -44.40 -25.23 -16.76
C GLU A 631 -44.20 -26.41 -15.81
N ASN A 632 -43.05 -27.07 -15.89
CA ASN A 632 -42.77 -28.17 -14.98
C ASN A 632 -42.29 -27.70 -13.61
N ARG A 633 -41.72 -26.50 -13.52
CA ARG A 633 -41.40 -25.92 -12.22
C ARG A 633 -42.61 -25.27 -11.57
N LEU A 634 -43.63 -24.92 -12.34
CA LEU A 634 -44.79 -24.20 -11.84
C LEU A 634 -45.99 -25.09 -11.57
N GLY A 635 -46.20 -26.13 -12.38
CA GLY A 635 -47.38 -26.95 -12.30
C GLY A 635 -48.58 -26.43 -13.06
N HIS A 636 -48.64 -25.12 -13.29
CA HIS A 636 -49.67 -24.49 -14.10
C HIS A 636 -49.07 -24.04 -15.44
N MSE A 637 -49.90 -23.45 -16.29
CA MSE A 637 -49.38 -22.85 -17.51
C MSE A 637 -48.82 -21.47 -17.17
O MSE A 637 -49.46 -20.68 -16.47
CB MSE A 637 -50.46 -22.75 -18.59
CG MSE A 637 -51.66 -21.88 -18.23
SE MSE A 637 -52.81 -21.54 -19.76
CE MSE A 637 -51.58 -20.48 -20.85
N PRO A 638 -47.58 -21.21 -17.63
CA PRO A 638 -46.87 -20.00 -17.21
C PRO A 638 -47.26 -18.80 -18.04
N LEU A 639 -47.56 -17.69 -17.36
CA LEU A 639 -47.66 -16.39 -18.01
C LEU A 639 -46.23 -15.87 -18.24
N LEU A 640 -46.10 -14.60 -18.59
CA LEU A 640 -44.78 -14.08 -18.88
C LEU A 640 -43.98 -13.72 -17.64
N MSE A 641 -44.64 -13.50 -16.52
CA MSE A 641 -43.95 -13.17 -15.28
C MSE A 641 -43.32 -14.41 -14.66
O MSE A 641 -42.39 -14.32 -13.85
CB MSE A 641 -44.90 -12.52 -14.28
CG MSE A 641 -45.06 -11.02 -14.50
SE MSE A 641 -43.32 -10.13 -14.42
CE MSE A 641 -42.73 -10.77 -12.68
N ASP A 642 -43.84 -15.59 -15.03
CA ASP A 642 -43.29 -16.85 -14.53
C ASP A 642 -41.95 -17.18 -15.19
N PHE A 643 -41.70 -16.67 -16.40
CA PHE A 643 -40.39 -16.85 -17.02
C PHE A 643 -39.31 -16.13 -16.23
N ILE A 644 -39.54 -14.85 -15.92
CA ILE A 644 -38.54 -14.07 -15.20
C ILE A 644 -38.42 -14.56 -13.76
N GLN A 645 -39.55 -14.75 -13.09
CA GLN A 645 -39.54 -15.18 -11.69
C GLN A 645 -38.84 -16.52 -11.50
N GLN A 646 -38.74 -17.33 -12.55
CA GLN A 646 -38.01 -18.60 -12.50
C GLN A 646 -36.67 -18.53 -13.22
N HIS A 647 -36.28 -17.35 -13.70
CA HIS A 647 -35.00 -17.13 -14.37
C HIS A 647 -34.88 -17.94 -15.66
N SER A 648 -36.01 -18.09 -16.36
CA SER A 648 -36.00 -18.62 -17.72
C SER A 648 -35.65 -17.50 -18.69
N ILE A 649 -35.70 -17.79 -19.99
CA ILE A 649 -35.37 -16.79 -20.99
C ILE A 649 -36.25 -15.56 -20.80
N ASP A 650 -35.63 -14.38 -20.94
CA ASP A 650 -36.38 -13.13 -20.85
C ASP A 650 -37.52 -13.13 -21.86
N PRO A 651 -38.69 -12.61 -21.49
CA PRO A 651 -39.83 -12.64 -22.41
C PRO A 651 -39.57 -11.95 -23.73
N SER A 652 -38.53 -11.09 -23.77
CA SER A 652 -38.12 -10.52 -25.03
C SER A 652 -37.64 -11.59 -26.00
N VAL A 653 -37.09 -12.68 -25.47
CA VAL A 653 -36.64 -13.77 -26.32
C VAL A 653 -37.82 -14.49 -26.96
N ILE A 654 -38.98 -14.52 -26.29
CA ILE A 654 -40.17 -15.06 -26.93
C ILE A 654 -40.72 -14.06 -27.95
N PHE A 655 -40.63 -12.77 -27.65
CA PHE A 655 -41.17 -11.73 -28.52
C PHE A 655 -40.37 -11.56 -29.81
N SER A 656 -39.19 -12.17 -29.92
CA SER A 656 -38.34 -11.93 -31.09
C SER A 656 -38.79 -12.74 -32.30
N LYS A 657 -39.26 -13.98 -32.10
CA LYS A 657 -39.71 -14.83 -33.20
C LYS A 657 -41.22 -14.87 -33.34
N PHE A 658 -41.95 -14.89 -32.24
CA PHE A 658 -43.41 -14.89 -32.27
C PHE A 658 -43.93 -13.50 -31.94
N SER A 659 -44.95 -13.06 -32.68
CA SER A 659 -45.47 -11.71 -32.56
C SER A 659 -45.77 -11.34 -31.12
N ASN A 660 -46.33 -12.27 -30.36
CA ASN A 660 -46.66 -12.04 -28.96
C ASN A 660 -46.85 -13.40 -28.31
N TYR A 661 -47.17 -13.39 -27.02
CA TYR A 661 -47.29 -14.63 -26.28
C TYR A 661 -48.55 -15.42 -26.63
N TYR A 662 -49.59 -14.76 -27.14
CA TYR A 662 -50.79 -15.48 -27.50
C TYR A 662 -50.60 -16.27 -28.79
N GLU A 663 -49.89 -15.69 -29.75
CA GLU A 663 -49.56 -16.42 -30.97
C GLU A 663 -48.53 -17.52 -30.72
N PHE A 664 -47.80 -17.45 -29.60
CA PHE A 664 -46.90 -18.54 -29.24
C PHE A 664 -47.66 -19.73 -28.68
N LEU A 665 -48.57 -19.48 -27.75
CA LEU A 665 -49.28 -20.57 -27.08
C LEU A 665 -50.15 -21.36 -28.06
N VAL A 666 -50.84 -20.67 -28.97
CA VAL A 666 -51.67 -21.37 -29.94
C VAL A 666 -50.82 -22.08 -30.98
N ARG A 667 -49.65 -21.52 -31.32
CA ARG A 667 -48.81 -22.11 -32.36
C ARG A 667 -48.30 -23.49 -31.95
N TYR A 668 -48.01 -23.68 -30.66
CA TYR A 668 -47.51 -24.95 -30.15
C TYR A 668 -48.47 -25.63 -29.19
N LYS A 669 -49.73 -25.20 -29.17
CA LYS A 669 -50.74 -25.74 -28.25
C LYS A 669 -50.27 -25.71 -26.80
N THR A 673 -58.09 -19.64 -29.34
CA THR A 673 -57.78 -18.24 -29.09
C THR A 673 -59.03 -17.46 -28.71
N LEU A 674 -59.02 -16.15 -28.94
CA LEU A 674 -60.10 -15.29 -28.46
C LEU A 674 -59.98 -13.88 -29.00
N LEU A 675 -61.03 -13.40 -29.68
CA LEU A 675 -61.03 -12.10 -30.37
C LEU A 675 -59.82 -11.95 -31.28
N THR A 676 -59.42 -13.06 -31.90
CA THR A 676 -58.13 -13.27 -32.57
C THR A 676 -57.53 -12.03 -33.21
N GLU A 677 -58.12 -11.56 -34.32
CA GLU A 677 -57.47 -10.53 -35.12
C GLU A 677 -57.30 -9.23 -34.33
N ASN A 678 -58.37 -8.74 -33.70
CA ASN A 678 -58.25 -7.51 -32.93
C ASN A 678 -57.41 -7.73 -31.67
N GLU A 679 -57.53 -8.91 -31.05
CA GLU A 679 -56.75 -9.19 -29.85
C GLU A 679 -55.28 -9.40 -30.17
N SER A 680 -54.96 -9.98 -31.33
CA SER A 680 -53.56 -10.22 -31.67
C SER A 680 -52.80 -8.91 -31.86
N LYS A 681 -53.35 -7.99 -32.67
CA LYS A 681 -52.71 -6.70 -32.85
C LYS A 681 -52.57 -5.98 -31.52
N ASN A 682 -53.59 -6.05 -30.68
CA ASN A 682 -53.50 -5.43 -29.36
C ASN A 682 -52.35 -6.01 -28.56
N LEU A 683 -52.07 -7.30 -28.72
CA LEU A 683 -51.02 -7.93 -27.93
C LEU A 683 -49.63 -7.56 -28.45
N VAL A 684 -49.47 -7.43 -29.77
CA VAL A 684 -48.17 -7.08 -30.32
C VAL A 684 -47.78 -5.66 -29.91
N PHE A 685 -48.71 -4.72 -30.04
CA PHE A 685 -48.43 -3.35 -29.59
C PHE A 685 -48.23 -3.32 -28.09
N PHE A 686 -49.09 -4.00 -27.34
CA PHE A 686 -48.93 -4.07 -25.89
C PHE A 686 -47.52 -4.49 -25.51
N SER A 687 -46.93 -5.40 -26.29
CA SER A 687 -45.54 -5.76 -26.08
C SER A 687 -44.64 -4.55 -26.27
N ARG A 688 -44.83 -3.81 -27.36
CA ARG A 688 -43.99 -2.64 -27.61
C ARG A 688 -44.16 -1.60 -26.51
N GLN A 689 -45.40 -1.28 -26.14
CA GLN A 689 -45.64 -0.18 -25.21
C GLN A 689 -45.13 -0.51 -23.81
N ILE A 690 -45.44 -1.71 -23.34
CA ILE A 690 -45.35 -2.07 -21.93
C ILE A 690 -44.11 -2.92 -21.65
N ALA A 691 -43.90 -3.98 -22.40
CA ALA A 691 -42.81 -4.93 -22.11
C ALA A 691 -41.43 -4.28 -21.90
N PRO A 692 -40.91 -3.40 -22.77
CA PRO A 692 -39.57 -2.83 -22.48
C PRO A 692 -39.52 -2.13 -21.13
N GLY A 693 -40.64 -1.59 -20.70
CA GLY A 693 -40.64 -0.75 -19.53
C GLY A 693 -40.02 0.62 -19.72
N LEU A 694 -39.72 1.04 -20.92
CA LEU A 694 -39.24 2.40 -21.08
C LEU A 694 -40.34 3.38 -20.68
N LYS A 695 -39.98 4.36 -19.83
CA LYS A 695 -40.88 5.46 -19.44
C LYS A 695 -42.07 4.98 -18.60
N ARG A 696 -41.93 5.06 -17.27
CA ARG A 696 -42.93 4.52 -16.35
C ARG A 696 -44.29 5.15 -16.56
N ILE A 697 -44.30 6.47 -16.76
CA ILE A 697 -45.55 7.21 -16.76
C ILE A 697 -46.51 6.63 -17.77
N ASP A 698 -45.99 6.16 -18.90
CA ASP A 698 -46.83 5.56 -19.93
C ASP A 698 -47.54 4.31 -19.41
N SER A 699 -46.84 3.49 -18.63
CA SER A 699 -47.47 2.33 -18.03
C SER A 699 -48.48 2.74 -16.96
N LEU A 700 -48.13 3.73 -16.13
CA LEU A 700 -49.05 4.17 -15.08
C LEU A 700 -50.29 4.86 -15.66
N VAL A 701 -50.13 5.56 -16.79
CA VAL A 701 -51.27 6.22 -17.43
C VAL A 701 -52.28 5.19 -17.91
N LEU A 702 -51.81 4.05 -18.40
CA LEU A 702 -52.72 2.98 -18.82
C LEU A 702 -53.55 2.48 -17.64
N GLU A 703 -52.94 2.36 -16.46
CA GLU A 703 -53.66 1.88 -15.29
C GLU A 703 -54.74 2.88 -14.86
N GLU A 704 -54.43 4.18 -14.90
CA GLU A 704 -55.42 5.19 -14.54
C GLU A 704 -56.60 5.16 -15.50
N LEU A 705 -56.34 5.08 -16.80
CA LEU A 705 -57.42 5.01 -17.78
C LEU A 705 -58.33 3.81 -17.52
N LEU A 706 -57.75 2.70 -17.07
CA LEU A 706 -58.55 1.50 -16.80
C LEU A 706 -59.50 1.72 -15.63
N LYS A 707 -59.06 2.44 -14.60
CA LYS A 707 -59.83 2.65 -13.39
C LYS A 707 -60.36 4.07 -13.24
N ASN A 708 -59.49 5.07 -13.36
CA ASN A 708 -59.89 6.45 -13.10
C ASN A 708 -60.91 6.95 -14.13
N GLU A 709 -60.71 6.64 -15.41
CA GLU A 709 -61.61 7.03 -16.49
C GLU A 709 -61.98 8.51 -16.39
N LEU A 710 -60.96 9.32 -16.17
CA LEU A 710 -61.25 10.69 -15.75
C LEU A 710 -61.34 11.63 -16.94
N THR A 711 -61.72 12.87 -16.64
CA THR A 711 -62.24 13.83 -17.62
C THR A 711 -61.09 14.50 -18.37
N TYR A 712 -60.63 13.82 -19.41
CA TYR A 712 -59.68 14.38 -20.39
C TYR A 712 -58.42 14.77 -19.64
N ASP A 713 -57.96 16.02 -19.72
CA ASP A 713 -56.68 16.45 -19.18
C ASP A 713 -56.74 16.85 -17.71
N GLU A 714 -57.93 16.87 -17.10
CA GLU A 714 -57.98 16.93 -15.64
C GLU A 714 -57.24 15.76 -15.02
N LEU A 715 -57.48 14.54 -15.51
CA LEU A 715 -56.64 13.38 -15.13
C LEU A 715 -55.19 13.63 -15.49
N LYS A 716 -54.96 14.05 -16.72
CA LYS A 716 -53.60 14.18 -17.24
C LYS A 716 -52.77 15.07 -16.34
N ASN A 717 -53.37 16.17 -15.87
CA ASN A 717 -52.66 17.05 -14.95
C ASN A 717 -52.40 16.33 -13.63
N LYS A 718 -53.41 15.64 -13.12
CA LYS A 718 -53.36 14.95 -11.83
C LYS A 718 -52.12 14.07 -11.73
N MSE A 719 -51.64 13.59 -12.87
CA MSE A 719 -50.44 12.75 -12.93
C MSE A 719 -49.21 13.45 -12.41
O MSE A 719 -48.40 12.84 -11.69
CB MSE A 719 -50.19 12.27 -14.35
CG MSE A 719 -51.19 11.26 -14.85
SE MSE A 719 -50.87 9.44 -14.20
CE MSE A 719 -51.65 9.55 -12.40
N LEU A 720 -49.04 14.73 -12.78
CA LEU A 720 -47.90 15.53 -12.35
C LEU A 720 -47.66 15.43 -10.85
N ASN A 721 -48.74 15.19 -10.09
CA ASN A 721 -48.64 14.96 -8.66
C ASN A 721 -48.87 13.49 -8.32
N ASP A 730 -42.46 18.30 -17.99
CA ASP A 730 -42.56 16.85 -18.10
C ASP A 730 -43.97 16.45 -18.49
N ILE A 731 -44.88 17.42 -18.50
CA ILE A 731 -46.22 17.18 -19.05
C ILE A 731 -46.11 16.74 -20.50
N ASP A 732 -45.15 17.29 -21.23
CA ASP A 732 -44.87 16.79 -22.57
C ASP A 732 -44.70 15.26 -22.55
N THR A 733 -44.15 14.72 -21.46
CA THR A 733 -43.97 13.27 -21.41
C THR A 733 -45.29 12.56 -21.22
N SER A 734 -46.16 13.13 -20.37
CA SER A 734 -47.51 12.59 -20.25
C SER A 734 -48.21 12.56 -21.60
N LEU A 735 -48.01 13.60 -22.41
CA LEU A 735 -48.74 13.71 -23.68
C LEU A 735 -48.35 12.63 -24.67
N ARG A 736 -47.10 12.16 -24.63
CA ARG A 736 -46.66 11.16 -25.60
C ARG A 736 -46.92 9.74 -25.14
N ILE A 737 -47.00 9.51 -23.83
CA ILE A 737 -47.63 8.30 -23.33
C ILE A 737 -49.02 8.16 -23.93
N LEU A 738 -49.78 9.26 -23.92
CA LEU A 738 -51.11 9.26 -24.52
C LEU A 738 -51.04 9.09 -26.03
N ASP A 739 -50.09 9.76 -26.67
CA ASP A 739 -49.89 9.59 -28.11
C ASP A 739 -49.60 8.14 -28.44
N PHE A 740 -48.65 7.53 -27.71
CA PHE A 740 -48.25 6.15 -27.98
C PHE A 740 -49.42 5.19 -27.88
N SER A 741 -50.29 5.39 -26.88
CA SER A 741 -51.49 4.57 -26.78
C SER A 741 -52.49 4.91 -27.87
N PHE A 742 -52.68 6.20 -28.16
CA PHE A 742 -53.67 6.61 -29.16
C PHE A 742 -53.21 6.28 -30.57
N TYR A 743 -52.04 6.78 -30.96
CA TYR A 743 -51.50 6.53 -32.30
C TYR A 743 -50.90 5.13 -32.40
N ASP A 767 -62.54 2.28 -28.22
CA ASP A 767 -63.88 1.73 -28.17
C ASP A 767 -63.85 0.20 -28.22
N ALA A 768 -62.99 -0.34 -29.10
CA ALA A 768 -62.88 -1.79 -29.23
C ALA A 768 -62.21 -2.42 -28.02
N PHE A 769 -61.40 -1.65 -27.28
CA PHE A 769 -60.65 -2.19 -26.15
C PHE A 769 -61.58 -2.68 -25.03
N THR A 770 -62.72 -2.00 -24.81
CA THR A 770 -63.68 -2.49 -23.83
C THR A 770 -64.20 -3.87 -24.20
N ASN A 771 -64.49 -4.08 -25.49
CA ASN A 771 -64.82 -5.42 -25.98
C ASN A 771 -63.68 -6.39 -25.73
N ALA A 772 -62.43 -5.94 -25.95
CA ALA A 772 -61.28 -6.74 -25.59
C ALA A 772 -61.23 -6.99 -24.09
N LEU A 773 -61.56 -5.98 -23.28
CA LEU A 773 -61.66 -6.18 -21.84
C LEU A 773 -62.79 -7.14 -21.48
N SER A 774 -63.89 -7.10 -22.23
CA SER A 774 -65.00 -8.02 -21.99
C SER A 774 -64.54 -9.47 -22.12
N ASN A 775 -63.59 -9.73 -23.02
CA ASN A 775 -62.97 -11.04 -23.10
C ASN A 775 -62.12 -11.29 -21.86
N GLN A 776 -62.22 -12.51 -21.32
CA GLN A 776 -61.48 -12.82 -20.11
C GLN A 776 -60.04 -13.22 -20.40
N THR A 777 -59.81 -13.88 -21.55
CA THR A 777 -58.44 -14.20 -21.94
C THR A 777 -57.62 -12.93 -22.14
N PHE A 778 -58.22 -11.91 -22.77
CA PHE A 778 -57.49 -10.68 -23.04
C PHE A 778 -57.19 -9.92 -21.75
N ASN A 779 -58.17 -9.87 -20.83
CA ASN A 779 -57.94 -9.20 -19.55
C ASN A 779 -56.86 -9.91 -18.75
N MSE A 780 -56.84 -11.24 -18.81
CA MSE A 780 -55.83 -12.04 -18.12
C MSE A 780 -54.43 -11.77 -18.67
O MSE A 780 -53.49 -11.56 -17.90
CB MSE A 780 -56.14 -13.53 -18.23
CG MSE A 780 -54.94 -14.42 -18.00
SE MSE A 780 -55.40 -16.16 -17.24
CE MSE A 780 -56.29 -15.54 -15.63
N PHE A 781 -54.31 -11.78 -19.99
CA PHE A 781 -53.02 -11.47 -20.62
C PHE A 781 -52.61 -10.03 -20.35
N LEU A 782 -53.58 -9.12 -20.19
CA LEU A 782 -53.25 -7.73 -19.86
C LEU A 782 -52.66 -7.63 -18.46
N GLU A 783 -53.36 -8.17 -17.47
CA GLU A 783 -52.83 -8.25 -16.11
C GLU A 783 -51.42 -8.86 -16.04
N ASP A 784 -50.94 -9.53 -17.09
CA ASP A 784 -49.59 -10.10 -17.14
C ASP A 784 -48.60 -9.11 -17.77
N LEU A 785 -48.97 -8.49 -18.88
CA LEU A 785 -48.05 -7.60 -19.56
C LEU A 785 -47.83 -6.33 -18.75
N ILE A 786 -48.87 -5.87 -18.04
CA ILE A 786 -48.74 -4.67 -17.22
C ILE A 786 -47.73 -4.91 -16.10
N GLU A 787 -47.85 -6.05 -15.41
CA GLU A 787 -46.86 -6.41 -14.42
C GLU A 787 -45.50 -6.62 -15.06
N LEU A 788 -45.47 -7.09 -16.31
CA LEU A 788 -44.21 -7.20 -17.05
C LEU A 788 -43.66 -5.82 -17.38
N SER A 789 -44.53 -4.86 -17.65
CA SER A 789 -44.11 -3.48 -17.81
C SER A 789 -43.46 -2.96 -16.54
N LYS A 790 -44.12 -3.17 -15.41
CA LYS A 790 -43.66 -2.61 -14.13
C LYS A 790 -42.29 -3.17 -13.74
N TYR A 791 -42.17 -4.51 -13.72
CA TYR A 791 -40.91 -5.13 -13.31
C TYR A 791 -39.75 -4.68 -14.19
N ASN A 792 -39.86 -4.89 -15.51
CA ASN A 792 -38.80 -4.50 -16.43
C ASN A 792 -38.37 -3.05 -16.22
N ASN A 793 -39.33 -2.14 -16.27
CA ASN A 793 -39.03 -0.72 -16.11
C ASN A 793 -38.33 -0.44 -14.79
N GLU A 794 -38.98 -0.81 -13.67
CA GLU A 794 -38.46 -0.49 -12.35
C GLU A 794 -36.99 -0.84 -12.23
N LYS A 795 -36.67 -2.10 -12.54
CA LYS A 795 -35.29 -2.55 -12.48
C LYS A 795 -34.43 -1.85 -13.52
N TYR A 796 -34.66 -2.14 -14.80
CA TYR A 796 -33.73 -1.72 -15.84
C TYR A 796 -33.69 -0.20 -16.00
N GLN A 797 -34.76 0.51 -15.66
CA GLN A 797 -34.80 1.93 -16.03
C GLN A 797 -35.10 2.86 -14.87
N LYS A 798 -35.87 2.42 -13.89
CA LYS A 798 -36.24 3.31 -12.81
C LYS A 798 -35.22 3.36 -11.68
N GLY A 799 -34.08 2.69 -11.82
CA GLY A 799 -33.05 2.72 -10.81
C GLY A 799 -31.80 3.46 -11.26
N LEU A 803 -33.60 7.73 -19.33
CA LEU A 803 -32.39 7.64 -20.15
C LEU A 803 -31.16 7.42 -19.26
N ILE A 804 -31.01 6.21 -18.73
CA ILE A 804 -29.86 5.90 -17.88
C ILE A 804 -28.61 5.78 -18.75
N LEU A 805 -27.50 6.27 -18.23
CA LEU A 805 -26.23 6.27 -18.97
C LEU A 805 -25.69 4.85 -19.11
N TYR A 806 -24.89 4.65 -20.16
CA TYR A 806 -24.28 3.35 -20.48
C TYR A 806 -25.32 2.25 -20.56
N ASN A 807 -26.42 2.53 -21.26
CA ASN A 807 -27.45 1.53 -21.50
C ASN A 807 -27.72 1.43 -22.99
N LYS A 808 -28.08 0.22 -23.43
CA LYS A 808 -28.53 0.01 -24.80
C LYS A 808 -29.87 0.71 -25.00
N TYR A 809 -29.93 1.63 -25.95
CA TYR A 809 -31.14 2.36 -26.24
C TYR A 809 -31.45 2.34 -27.74
N SER A 810 -32.73 2.37 -28.07
CA SER A 810 -33.20 2.18 -29.43
C SER A 810 -33.61 3.50 -30.05
N ARG A 811 -33.39 3.62 -31.37
CA ARG A 811 -33.90 4.75 -32.14
C ARG A 811 -35.34 5.06 -31.75
N GLU A 812 -36.21 4.05 -31.87
CA GLU A 812 -37.59 4.19 -31.42
C GLU A 812 -37.66 4.53 -29.94
N ASP A 813 -36.80 3.90 -29.13
CA ASP A 813 -36.84 4.14 -27.69
C ASP A 813 -36.44 5.57 -27.36
N PHE A 814 -35.48 6.14 -28.08
CA PHE A 814 -35.12 7.54 -27.83
C PHE A 814 -36.24 8.47 -28.27
N SER A 815 -36.76 8.27 -29.48
CA SER A 815 -37.87 9.08 -29.96
C SER A 815 -39.05 9.02 -28.99
N LYS A 816 -39.34 7.83 -28.47
CA LYS A 816 -40.42 7.69 -27.50
C LYS A 816 -40.08 8.38 -26.18
N ILE A 817 -38.82 8.29 -25.74
CA ILE A 817 -38.43 8.85 -24.45
C ILE A 817 -38.55 10.37 -24.47
N PHE A 818 -38.23 10.98 -25.60
CA PHE A 818 -38.13 12.44 -25.68
C PHE A 818 -39.36 13.11 -26.27
N ASN A 819 -40.52 12.43 -26.23
CA ASN A 819 -41.80 13.07 -26.50
C ASN A 819 -41.89 13.69 -27.87
N TRP A 820 -41.23 13.06 -28.83
CA TRP A 820 -41.44 13.40 -30.22
C TRP A 820 -42.87 13.07 -30.61
N ASN A 821 -43.44 13.89 -31.48
CA ASN A 821 -44.73 13.52 -32.04
C ASN A 821 -44.60 12.26 -32.87
N LYS A 822 -43.42 12.02 -33.43
CA LYS A 822 -43.30 11.09 -34.52
C LYS A 822 -43.08 9.65 -34.04
N ASN A 823 -42.36 9.50 -32.93
CA ASN A 823 -41.86 8.20 -32.51
C ASN A 823 -41.12 7.54 -33.67
N GLY A 824 -40.27 8.32 -34.35
CA GLY A 824 -39.65 7.84 -35.58
C GLY A 824 -38.51 6.86 -35.32
N SER A 825 -38.28 6.02 -36.32
CA SER A 825 -37.19 5.06 -36.27
C SER A 825 -36.44 5.13 -37.60
N SER A 826 -37.18 4.98 -38.70
CA SER A 826 -36.58 5.15 -40.01
C SER A 826 -36.11 6.58 -40.23
N VAL A 827 -36.76 7.54 -39.57
CA VAL A 827 -36.48 8.93 -39.86
C VAL A 827 -35.06 9.30 -39.42
N ILE A 828 -34.60 8.75 -38.29
CA ILE A 828 -33.25 9.03 -37.79
C ILE A 828 -32.26 8.18 -38.56
N MSE A 829 -31.17 8.81 -39.00
CA MSE A 829 -30.09 8.09 -39.66
C MSE A 829 -28.86 8.16 -38.78
O MSE A 829 -28.96 8.08 -37.54
CB MSE A 829 -29.82 8.70 -41.05
CG MSE A 829 -31.01 8.70 -42.01
SE MSE A 829 -31.52 6.88 -42.52
CE MSE A 829 -33.15 7.25 -43.53
N GLY A 830 -27.68 8.28 -39.39
CA GLY A 830 -26.48 8.56 -38.62
C GLY A 830 -26.59 9.89 -37.88
N TYR A 831 -26.99 10.93 -38.59
CA TYR A 831 -27.25 12.24 -38.00
C TYR A 831 -28.70 12.61 -38.26
N MSE A 832 -29.43 12.93 -37.19
CA MSE A 832 -30.71 13.62 -37.30
C MSE A 832 -30.90 14.53 -36.10
O MSE A 832 -30.55 14.18 -34.98
CB MSE A 832 -31.89 12.66 -37.40
CG MSE A 832 -33.20 13.44 -37.49
SE MSE A 832 -34.83 12.37 -37.59
CE MSE A 832 -36.16 13.76 -37.37
N ILE A 833 -31.45 15.72 -36.33
CA ILE A 833 -31.53 16.76 -35.32
C ILE A 833 -32.96 17.26 -35.23
N LYS A 834 -33.52 17.25 -34.03
CA LYS A 834 -34.81 17.83 -33.76
C LYS A 834 -34.58 19.19 -33.09
N SER A 835 -35.63 19.76 -32.47
CA SER A 835 -35.50 21.01 -31.73
C SER A 835 -34.67 20.76 -30.47
N GLN A 836 -33.42 21.24 -30.48
CA GLN A 836 -32.53 21.17 -29.34
C GLN A 836 -32.28 19.73 -28.91
N GLU A 837 -32.01 18.86 -29.89
CA GLU A 837 -31.76 17.46 -29.61
C GLU A 837 -30.52 16.92 -30.34
N MSE A 838 -30.69 16.55 -31.61
CA MSE A 838 -29.62 15.93 -32.41
C MSE A 838 -28.97 14.72 -31.75
O MSE A 838 -27.80 14.79 -31.37
CB MSE A 838 -28.52 16.93 -32.76
CG MSE A 838 -27.70 16.50 -33.97
SE MSE A 838 -25.88 17.21 -34.07
CE MSE A 838 -25.25 16.24 -35.63
N PRO A 839 -29.70 13.63 -31.63
CA PRO A 839 -29.06 12.37 -31.23
C PRO A 839 -28.28 11.79 -32.39
N ILE A 840 -27.13 11.20 -32.07
CA ILE A 840 -26.29 10.56 -33.08
C ILE A 840 -26.18 9.08 -32.75
N PHE A 841 -26.40 8.23 -33.76
CA PHE A 841 -26.27 6.78 -33.66
C PHE A 841 -25.15 6.34 -34.59
N ILE A 842 -24.15 5.67 -34.04
CA ILE A 842 -22.98 5.22 -34.81
C ILE A 842 -22.78 3.74 -34.54
N THR A 843 -22.53 2.99 -35.61
CA THR A 843 -22.13 1.60 -35.49
C THR A 843 -20.61 1.57 -35.61
N TYR A 844 -19.93 1.36 -34.47
CA TYR A 844 -18.49 1.50 -34.41
C TYR A 844 -17.82 0.23 -34.91
N ASP A 845 -16.85 0.38 -35.82
CA ASP A 845 -16.09 -0.76 -36.33
C ASP A 845 -14.75 -0.31 -36.90
N LYS A 846 -13.84 0.11 -36.01
CA LYS A 846 -12.52 0.49 -36.46
C LYS A 846 -11.68 -0.76 -36.73
N HIS A 847 -10.59 -0.56 -37.46
CA HIS A 847 -9.68 -1.65 -37.82
C HIS A 847 -8.29 -1.15 -38.19
N LYS A 855 -11.01 2.19 -44.24
CA LYS A 855 -10.35 3.49 -44.26
C LYS A 855 -10.98 4.45 -43.26
N TYR A 856 -11.48 5.58 -43.77
CA TYR A 856 -12.02 6.65 -42.92
C TYR A 856 -13.35 6.21 -42.33
N GLU A 857 -13.36 5.98 -41.02
CA GLU A 857 -14.57 5.62 -40.28
C GLU A 857 -14.57 6.38 -38.95
N ASP A 858 -15.74 6.37 -38.29
CA ASP A 858 -15.83 6.89 -36.93
C ASP A 858 -14.82 6.20 -36.04
N GLU A 859 -14.01 6.98 -35.34
CA GLU A 859 -12.90 6.45 -34.58
C GLU A 859 -12.77 7.17 -33.25
N PHE A 860 -12.72 6.39 -32.17
CA PHE A 860 -12.43 6.94 -30.85
C PHE A 860 -10.99 7.41 -30.79
N LEU A 861 -10.79 8.68 -30.44
CA LEU A 861 -9.45 9.23 -30.28
C LEU A 861 -8.97 9.20 -28.84
N SER A 862 -9.88 9.30 -27.88
CA SER A 862 -9.59 9.19 -26.46
C SER A 862 -10.87 8.76 -25.75
N GLN A 863 -10.86 8.82 -24.42
CA GLN A 863 -12.03 8.45 -23.65
C GLN A 863 -13.09 9.56 -23.61
N ASP A 864 -12.87 10.67 -24.33
CA ASP A 864 -13.86 11.74 -24.36
C ASP A 864 -13.91 12.46 -25.70
N GLU A 865 -13.37 11.87 -26.77
CA GLU A 865 -13.23 12.58 -28.03
C GLU A 865 -13.16 11.56 -29.15
N LEU A 866 -14.11 11.62 -30.08
CA LEU A 866 -14.11 10.74 -31.26
C LEU A 866 -14.26 11.58 -32.52
N LYS A 867 -14.26 10.91 -33.66
CA LYS A 867 -14.46 11.55 -34.95
C LYS A 867 -15.84 11.20 -35.50
N TRP A 868 -16.62 12.22 -35.84
CA TRP A 868 -17.94 12.03 -36.42
C TRP A 868 -17.85 12.16 -37.93
N PHE A 869 -18.61 11.32 -38.64
CA PHE A 869 -18.64 11.35 -40.10
C PHE A 869 -20.07 11.51 -40.58
N THR A 870 -20.32 12.50 -41.45
CA THR A 870 -21.66 12.70 -41.96
C THR A 870 -21.94 11.76 -43.12
N LYS A 871 -23.18 11.84 -43.63
CA LYS A 871 -23.61 10.88 -44.63
C LYS A 871 -23.13 11.28 -46.03
N SER A 872 -22.51 10.33 -46.73
CA SER A 872 -22.41 10.33 -48.18
C SER A 872 -21.72 11.58 -48.75
N ASN A 873 -20.54 11.88 -48.21
CA ASN A 873 -19.64 12.91 -48.76
C ASN A 873 -20.31 14.28 -48.91
N ARG A 874 -21.36 14.56 -48.16
CA ARG A 874 -21.87 15.92 -48.08
C ARG A 874 -20.74 16.86 -47.66
N THR A 875 -20.56 17.95 -48.38
CA THR A 875 -19.29 18.66 -48.36
C THR A 875 -19.39 20.02 -47.67
N LEU A 876 -18.29 20.39 -47.02
CA LEU A 876 -17.89 21.78 -46.73
C LEU A 876 -18.93 22.44 -45.85
N GLU A 877 -19.37 23.63 -46.17
CA GLU A 877 -20.37 24.34 -45.35
C GLU A 877 -21.75 24.29 -45.98
N SER A 878 -22.25 23.07 -46.04
CA SER A 878 -23.43 22.78 -46.83
C SER A 878 -24.71 23.20 -46.10
N LYS A 879 -25.87 22.73 -46.60
CA LYS A 879 -27.15 23.14 -46.06
C LYS A 879 -27.29 22.72 -44.61
N GLU A 880 -26.72 21.58 -44.24
CA GLU A 880 -26.90 20.98 -42.93
C GLU A 880 -25.68 21.13 -42.02
N VAL A 881 -24.47 21.10 -42.58
CA VAL A 881 -23.27 21.18 -41.75
C VAL A 881 -23.29 22.47 -40.93
N GLN A 882 -23.34 23.61 -41.62
CA GLN A 882 -23.40 24.91 -40.95
C GLN A 882 -24.52 24.95 -39.92
N LYS A 883 -25.64 24.30 -40.21
CA LYS A 883 -26.70 24.17 -39.22
C LYS A 883 -26.21 23.37 -38.03
N ILE A 884 -25.50 22.28 -38.27
CA ILE A 884 -24.99 21.44 -37.19
C ILE A 884 -23.98 22.21 -36.34
N LEU A 885 -23.08 22.97 -36.98
CA LEU A 885 -22.11 23.77 -36.23
C LEU A 885 -22.80 24.84 -35.39
N SER A 886 -23.72 25.60 -36.00
CA SER A 886 -24.49 26.59 -35.25
C SER A 886 -25.32 25.93 -34.15
N HIS A 887 -25.91 24.77 -34.44
CA HIS A 887 -26.73 24.08 -33.44
C HIS A 887 -25.91 23.61 -32.26
N ARG A 888 -24.78 22.94 -32.50
CA ARG A 888 -23.88 22.61 -31.40
C ARG A 888 -23.51 23.84 -30.60
N ALA A 889 -23.19 24.94 -31.29
CA ALA A 889 -22.80 26.18 -30.60
C ALA A 889 -23.99 26.83 -29.91
N LYS A 890 -25.15 26.88 -30.56
CA LYS A 890 -26.28 27.65 -30.05
C LYS A 890 -27.60 26.89 -30.03
N GLY A 891 -27.59 25.57 -30.11
CA GLY A 891 -28.83 24.82 -30.08
C GLY A 891 -28.69 23.48 -29.39
N ILE A 892 -28.75 22.40 -30.16
CA ILE A 892 -28.96 21.07 -29.60
C ILE A 892 -27.79 20.65 -28.72
N LYS A 893 -28.11 20.05 -27.57
CA LYS A 893 -27.14 19.26 -26.80
C LYS A 893 -27.03 17.91 -27.50
N MSE A 894 -25.85 17.62 -28.06
CA MSE A 894 -25.61 16.45 -28.92
C MSE A 894 -25.62 15.10 -28.19
O MSE A 894 -24.67 14.78 -27.47
CB MSE A 894 -24.26 16.67 -29.61
CG MSE A 894 -23.87 15.84 -30.81
SE MSE A 894 -22.54 16.94 -31.70
CE MSE A 894 -21.32 15.53 -32.18
N TYR A 895 -26.67 14.30 -28.35
CA TYR A 895 -26.72 12.98 -27.72
C TYR A 895 -26.14 11.93 -28.66
N ILE A 896 -25.39 10.98 -28.10
CA ILE A 896 -24.59 10.07 -28.89
C ILE A 896 -24.78 8.63 -28.42
N PHE A 897 -24.85 7.70 -29.38
CA PHE A 897 -25.09 6.30 -29.11
C PHE A 897 -24.12 5.45 -29.95
N VAL A 898 -23.51 4.45 -29.33
CA VAL A 898 -22.49 3.64 -29.99
C VAL A 898 -22.91 2.17 -29.96
N GLN A 899 -22.87 1.55 -31.14
CA GLN A 899 -23.09 0.12 -31.34
C GLN A 899 -21.78 -0.51 -31.79
N LYS A 900 -21.71 -1.83 -31.67
CA LYS A 900 -20.57 -2.57 -32.17
C LYS A 900 -20.91 -3.18 -33.53
N LYS A 901 -19.87 -3.51 -34.29
CA LYS A 901 -20.09 -4.05 -35.63
C LYS A 901 -20.90 -5.34 -35.56
N ASP A 902 -20.70 -6.14 -34.52
CA ASP A 902 -21.37 -7.44 -34.45
C ASP A 902 -22.81 -7.31 -34.00
N ASP A 903 -23.11 -6.39 -33.09
CA ASP A 903 -24.48 -6.25 -32.58
C ASP A 903 -25.42 -5.84 -33.70
N ASP A 904 -26.60 -6.45 -33.71
CA ASP A 904 -27.57 -6.23 -34.78
C ASP A 904 -28.73 -5.33 -34.38
N GLY A 905 -29.23 -5.49 -33.15
CA GLY A 905 -30.33 -4.66 -32.69
C GLY A 905 -30.05 -3.18 -32.84
N ILE A 906 -31.12 -2.40 -32.94
CA ILE A 906 -31.02 -0.95 -33.06
C ILE A 906 -30.74 -0.36 -31.69
N TYR A 907 -30.31 -1.19 -30.75
CA TYR A 907 -30.08 -0.79 -29.37
C TYR A 907 -28.60 -0.46 -29.23
N PHE A 908 -28.30 0.82 -28.99
CA PHE A 908 -26.92 1.31 -28.96
C PHE A 908 -26.64 1.90 -27.58
N TYR A 909 -25.39 1.79 -27.15
CA TYR A 909 -25.00 2.29 -25.82
C TYR A 909 -25.02 3.81 -25.81
N TYR A 910 -25.75 4.39 -24.88
CA TYR A 910 -25.74 5.83 -24.69
C TYR A 910 -24.52 6.23 -23.85
N LEU A 911 -23.83 7.30 -24.27
CA LEU A 911 -22.61 7.75 -23.60
C LEU A 911 -22.62 9.25 -23.39
N GLY A 912 -23.74 9.78 -22.90
CA GLY A 912 -23.77 11.17 -22.51
C GLY A 912 -24.04 12.10 -23.69
N THR A 913 -23.51 13.31 -23.57
CA THR A 913 -23.70 14.34 -24.58
C THR A 913 -22.34 14.84 -25.06
N ALA A 914 -22.35 15.49 -26.21
CA ALA A 914 -21.11 15.95 -26.84
C ALA A 914 -21.35 17.27 -27.56
N GLY A 915 -20.35 17.70 -28.31
CA GLY A 915 -20.41 18.95 -29.06
C GLY A 915 -19.19 19.16 -29.93
N TYR A 916 -19.35 19.93 -31.02
CA TYR A 916 -18.27 20.17 -31.97
C TYR A 916 -17.17 21.00 -31.32
N ILE A 917 -15.96 20.44 -31.25
CA ILE A 917 -14.80 21.24 -30.89
C ILE A 917 -14.64 22.35 -31.92
N GLU A 918 -14.25 23.53 -31.44
CA GLU A 918 -14.31 24.72 -32.29
C GLU A 918 -13.44 24.56 -33.54
N GLY A 919 -12.13 24.39 -33.37
CA GLY A 919 -11.23 24.30 -34.51
C GLY A 919 -11.33 23.01 -35.29
N SER A 920 -12.11 22.04 -34.81
CA SER A 920 -12.08 20.68 -35.36
C SER A 920 -12.70 20.57 -36.75
N GLU A 921 -13.15 21.67 -37.36
CA GLU A 921 -14.08 21.62 -38.47
C GLU A 921 -13.40 21.23 -39.77
N LYS A 922 -12.13 20.77 -39.69
CA LYS A 922 -11.41 20.44 -40.85
C LYS A 922 -11.90 19.11 -41.47
N VAL A 932 -16.92 14.33 -47.55
CA VAL A 932 -17.07 13.83 -46.18
C VAL A 932 -16.86 14.95 -45.19
N VAL A 933 -17.71 15.14 -44.20
CA VAL A 933 -17.43 16.12 -43.17
C VAL A 933 -16.87 15.32 -42.05
N THR A 934 -15.75 15.75 -41.49
CA THR A 934 -15.10 15.12 -40.36
C THR A 934 -14.92 16.21 -39.31
N MSE A 935 -15.33 15.94 -38.08
CA MSE A 935 -15.16 16.84 -36.96
C MSE A 935 -14.92 16.04 -35.68
O MSE A 935 -15.52 14.98 -35.46
CB MSE A 935 -16.37 17.75 -36.81
CG MSE A 935 -17.67 17.05 -36.45
SE MSE A 935 -19.13 18.33 -36.29
CE MSE A 935 -20.50 17.16 -35.55
N ASP A 936 -14.03 16.54 -34.85
CA ASP A 936 -13.76 15.95 -33.55
C ASP A 936 -14.65 16.60 -32.51
N LEU A 937 -15.41 15.78 -31.79
CA LEU A 937 -16.35 16.25 -30.81
C LEU A 937 -15.93 15.80 -29.42
N ALA A 938 -16.36 16.53 -28.40
CA ALA A 938 -15.95 16.29 -27.03
C ALA A 938 -17.16 15.81 -26.23
N LEU A 939 -17.05 14.61 -25.66
CA LEU A 939 -18.08 14.09 -24.78
C LEU A 939 -18.00 14.76 -23.42
N ASP A 940 -19.18 15.00 -22.81
CA ASP A 940 -19.21 15.69 -21.52
C ASP A 940 -18.80 14.77 -20.38
N LYS A 941 -19.07 13.47 -20.50
CA LYS A 941 -18.67 12.46 -19.53
C LYS A 941 -17.78 11.44 -20.22
N ALA A 942 -16.56 11.27 -19.71
CA ALA A 942 -15.64 10.31 -20.31
C ALA A 942 -16.21 8.91 -20.21
N VAL A 943 -16.03 8.11 -21.26
CA VAL A 943 -16.74 6.84 -21.34
C VAL A 943 -16.04 5.84 -20.43
N ARG A 944 -16.86 5.05 -19.73
CA ARG A 944 -16.39 4.11 -18.72
C ARG A 944 -15.39 3.11 -19.31
N ASP A 945 -14.51 2.60 -18.44
CA ASP A 945 -13.39 1.79 -18.92
C ASP A 945 -13.86 0.47 -19.52
N ASP A 946 -14.79 -0.22 -18.85
CA ASP A 946 -15.31 -1.47 -19.40
C ASP A 946 -16.01 -1.22 -20.73
N ILE A 947 -16.90 -0.22 -20.77
CA ILE A 947 -17.55 0.14 -22.02
C ILE A 947 -16.50 0.54 -23.05
N TYR A 948 -15.46 1.26 -22.63
CA TYR A 948 -14.42 1.68 -23.56
C TYR A 948 -13.70 0.48 -24.16
N ARG A 949 -13.25 -0.44 -23.30
CA ARG A 949 -12.49 -1.59 -23.79
C ARG A 949 -13.34 -2.45 -24.71
N TYR A 950 -14.62 -2.63 -24.39
CA TYR A 950 -15.48 -3.49 -25.19
C TYR A 950 -15.87 -2.83 -26.51
N LEU A 951 -16.01 -1.50 -26.52
CA LEU A 951 -16.41 -0.80 -27.73
C LEU A 951 -15.24 -0.64 -28.69
N THR A 952 -14.03 -0.48 -28.17
CA THR A 952 -12.84 -0.40 -29.00
C THR A 952 -12.17 -1.75 -29.18
N ASN A 953 -12.89 -2.84 -28.91
CA ASN A 953 -12.42 -4.22 -29.13
C ASN A 953 -11.04 -4.49 -28.53
N SER B 2 1.06 33.74 -17.86
CA SER B 2 1.22 33.46 -16.44
C SER B 2 2.44 32.58 -16.18
N ARG B 3 3.37 33.07 -15.35
CA ARG B 3 4.55 32.27 -15.03
C ARG B 3 4.16 30.97 -14.33
N LEU B 4 3.07 30.98 -13.58
CA LEU B 4 2.61 29.77 -12.90
C LEU B 4 2.39 28.65 -13.89
N LEU B 5 1.77 28.97 -15.04
CA LEU B 5 1.54 27.97 -16.07
C LEU B 5 2.82 27.68 -16.85
N ASN B 6 3.62 28.72 -17.13
CA ASN B 6 4.89 28.49 -17.82
C ASN B 6 5.82 27.62 -17.00
N ASP B 7 5.83 27.82 -15.68
CA ASP B 7 6.67 27.00 -14.80
C ASP B 7 6.19 25.56 -14.77
N PHE B 8 4.88 25.35 -14.59
CA PHE B 8 4.33 24.00 -14.55
C PHE B 8 4.63 23.25 -15.84
N ASN B 9 4.39 23.89 -16.99
CA ASN B 9 4.64 23.25 -18.28
C ASN B 9 6.06 22.72 -18.37
N GLN B 10 7.04 23.57 -18.03
CA GLN B 10 8.44 23.14 -18.06
C GLN B 10 8.66 21.95 -17.13
N SER B 11 8.19 22.05 -15.90
CA SER B 11 8.44 20.99 -14.92
C SER B 11 7.69 19.72 -15.30
N LEU B 12 6.40 19.86 -15.65
CA LEU B 12 5.65 18.75 -16.19
C LEU B 12 6.35 18.14 -17.40
N HIS B 13 7.08 18.96 -18.17
CA HIS B 13 7.81 18.48 -19.33
C HIS B 13 9.08 17.74 -18.96
N LYS B 14 9.68 18.05 -17.81
CA LYS B 14 10.86 17.31 -17.42
C LYS B 14 10.49 15.97 -16.80
N GLY B 15 9.42 15.92 -16.02
CA GLY B 15 9.07 14.71 -15.30
C GLY B 15 8.40 13.63 -16.12
N PHE B 16 7.88 13.98 -17.30
CA PHE B 16 7.15 13.00 -18.10
C PHE B 16 7.54 12.96 -19.58
N ILE B 17 8.41 13.86 -20.04
CA ILE B 17 8.68 13.97 -21.48
C ILE B 17 10.17 13.96 -21.77
N ASP B 18 10.90 14.93 -21.22
CA ASP B 18 12.32 15.09 -21.54
C ASP B 18 13.06 15.45 -20.26
N LYS B 19 13.89 14.53 -19.76
CA LYS B 19 14.64 14.73 -18.52
C LYS B 19 15.82 15.68 -18.67
N HIS B 20 16.41 15.80 -19.86
CA HIS B 20 17.55 16.70 -20.04
C HIS B 20 17.16 18.18 -20.01
N ILE B 21 15.89 18.51 -20.28
CA ILE B 21 15.45 19.91 -20.27
C ILE B 21 15.55 20.47 -18.86
N SER B 22 16.14 21.66 -18.74
CA SER B 22 16.34 22.31 -17.45
C SER B 22 15.18 23.27 -17.20
N HIS B 23 14.27 22.88 -16.31
CA HIS B 23 13.05 23.63 -16.09
C HIS B 23 13.29 24.78 -15.12
N LYS B 24 12.26 25.61 -14.96
CA LYS B 24 12.28 26.75 -14.04
C LYS B 24 11.04 26.72 -13.16
N GLY B 25 10.92 25.67 -12.36
CA GLY B 25 9.77 25.54 -11.48
C GLY B 25 9.94 24.50 -10.39
N ASN B 26 9.74 24.91 -9.14
CA ASN B 26 9.70 23.95 -8.05
C ASN B 26 8.45 23.08 -8.09
N TYR B 27 7.41 23.53 -8.80
CA TYR B 27 6.17 22.78 -8.90
C TYR B 27 6.36 21.55 -9.77
N THR B 28 6.13 20.38 -9.20
CA THR B 28 6.00 19.14 -9.96
C THR B 28 7.13 18.85 -10.95
N PRO B 29 8.36 18.70 -10.48
CA PRO B 29 9.30 17.85 -11.22
C PRO B 29 8.97 16.38 -11.07
N LYS B 30 7.95 16.05 -10.28
CA LYS B 30 7.43 14.70 -10.13
C LYS B 30 8.55 13.75 -9.71
N LEU B 31 9.03 13.96 -8.49
CA LEU B 31 10.14 13.20 -7.93
C LEU B 31 9.63 11.95 -7.22
N LEU B 32 10.46 10.91 -7.24
CA LEU B 32 10.19 9.63 -6.60
C LEU B 32 10.85 9.57 -5.22
N VAL B 33 10.05 9.51 -4.17
CA VAL B 33 10.57 9.56 -2.80
C VAL B 33 10.97 8.15 -2.37
N ASN B 34 12.26 7.98 -2.09
CA ASN B 34 12.84 6.72 -1.65
C ASN B 34 13.71 6.99 -0.44
N ASN B 35 13.79 6.00 0.46
CA ASN B 35 14.53 6.19 1.70
C ASN B 35 15.99 5.85 1.50
N LYS B 36 16.67 6.75 0.77
CA LYS B 36 18.10 6.65 0.47
C LYS B 36 18.72 8.03 0.67
N ASN B 37 18.77 8.48 1.91
CA ASN B 37 19.31 9.77 2.33
C ASN B 37 18.54 10.94 1.74
N GLU B 38 17.36 10.68 1.18
CA GLU B 38 16.35 11.70 0.88
C GLU B 38 15.02 11.18 1.41
N LYS B 39 15.01 10.91 2.72
CA LYS B 39 13.97 10.08 3.33
C LYS B 39 12.57 10.64 3.06
N VAL B 40 11.59 9.73 3.02
CA VAL B 40 10.21 10.09 2.72
C VAL B 40 9.69 11.10 3.73
N LEU B 41 10.22 11.06 4.97
CA LEU B 41 9.80 12.04 5.97
C LEU B 41 10.20 13.46 5.57
N SER B 42 11.28 13.61 4.80
CA SER B 42 11.78 14.96 4.50
C SER B 42 10.76 15.78 3.72
N THR B 43 10.26 15.24 2.60
CA THR B 43 9.38 16.05 1.76
C THR B 43 7.98 16.19 2.33
N ILE B 44 7.51 15.23 3.13
CA ILE B 44 6.20 15.38 3.73
C ILE B 44 6.23 16.45 4.83
N ILE B 45 7.39 16.63 5.48
CA ILE B 45 7.53 17.76 6.39
C ILE B 45 7.47 19.07 5.61
N ASP B 46 8.22 19.15 4.51
CA ASP B 46 8.23 20.35 3.68
C ASP B 46 6.85 20.69 3.17
N GLU B 47 6.14 19.71 2.60
CA GLU B 47 4.78 19.98 2.14
C GLU B 47 3.88 20.41 3.29
N LEU B 48 4.12 19.89 4.50
CA LEU B 48 3.34 20.35 5.65
C LEU B 48 3.68 21.79 6.01
N GLN B 49 4.96 22.16 5.94
CA GLN B 49 5.38 23.49 6.36
C GLN B 49 4.79 24.57 5.47
N LYS B 50 4.77 24.37 4.15
CA LYS B 50 4.29 25.40 3.24
C LYS B 50 2.97 25.02 2.58
N CYS B 51 1.95 24.72 3.38
CA CYS B 51 0.63 24.39 2.86
C CYS B 51 -0.43 25.13 3.64
N GLU B 52 -1.51 25.48 2.95
CA GLU B 52 -2.64 26.10 3.64
C GLU B 52 -3.47 25.06 4.38
N THR B 53 -3.77 23.94 3.72
CA THR B 53 -4.43 22.82 4.35
C THR B 53 -3.81 21.54 3.82
N PHE B 54 -4.17 20.43 4.49
CA PHE B 54 -3.75 19.11 4.09
C PHE B 54 -4.84 18.13 4.53
N TYR B 55 -5.05 17.10 3.74
CA TYR B 55 -5.85 15.98 4.17
C TYR B 55 -5.14 14.68 3.82
N PHE B 56 -4.97 13.82 4.80
CA PHE B 56 -4.33 12.54 4.63
C PHE B 56 -5.39 11.44 4.54
N SER B 57 -5.08 10.42 3.74
CA SER B 57 -5.89 9.20 3.67
C SER B 57 -4.94 8.01 3.88
N VAL B 58 -4.48 7.86 5.12
CA VAL B 58 -3.47 6.89 5.48
C VAL B 58 -4.13 5.77 6.27
N ALA B 59 -3.74 4.53 5.98
CA ALA B 59 -4.42 3.37 6.54
C ALA B 59 -3.82 2.89 7.84
N PHE B 60 -2.56 3.22 8.12
CA PHE B 60 -1.87 2.68 9.29
C PHE B 60 -1.04 3.78 9.92
N ILE B 61 -1.41 4.19 11.13
CA ILE B 61 -0.64 5.19 11.87
C ILE B 61 -0.06 4.52 13.10
N THR B 62 1.25 4.64 13.27
CA THR B 62 1.91 4.23 14.50
C THR B 62 2.24 5.47 15.32
N GLU B 63 2.29 5.29 16.65
CA GLU B 63 2.53 6.43 17.53
C GLU B 63 3.91 7.03 17.31
N SER B 64 4.92 6.19 17.11
CA SER B 64 6.26 6.69 16.84
C SER B 64 6.34 7.52 15.58
N GLY B 65 5.44 7.27 14.62
CA GLY B 65 5.40 8.01 13.38
C GLY B 65 4.69 9.35 13.52
N LEU B 66 3.57 9.34 14.24
CA LEU B 66 2.88 10.59 14.58
C LEU B 66 3.79 11.52 15.37
N ALA B 67 4.72 10.97 16.15
CA ALA B 67 5.67 11.81 16.86
C ALA B 67 6.55 12.60 15.90
N SER B 68 6.92 12.00 14.76
CA SER B 68 7.77 12.69 13.80
C SER B 68 7.08 13.92 13.22
N LEU B 69 5.76 13.86 13.07
CA LEU B 69 4.97 14.97 12.56
C LEU B 69 4.40 15.85 13.67
N LYS B 70 4.76 15.60 14.92
CA LYS B 70 3.98 16.17 16.02
C LYS B 70 4.35 17.63 16.27
N ALA B 71 5.62 17.99 16.13
CA ALA B 71 6.01 19.39 16.31
C ALA B 71 5.68 20.23 15.08
N GLN B 72 5.74 19.63 13.90
CA GLN B 72 5.40 20.36 12.68
C GLN B 72 3.91 20.71 12.66
N LEU B 73 3.06 19.87 13.24
CA LEU B 73 1.63 20.12 13.26
C LEU B 73 1.25 21.19 14.28
N LEU B 74 2.02 21.31 15.35
CA LEU B 74 1.75 22.35 16.35
C LEU B 74 2.09 23.72 15.79
N ASP B 75 3.30 23.88 15.24
CA ASP B 75 3.66 25.12 14.56
C ASP B 75 2.64 25.49 13.49
N LEU B 76 2.04 24.48 12.84
CA LEU B 76 0.95 24.74 11.90
C LEU B 76 -0.30 25.25 12.62
N SER B 77 -0.59 24.69 13.80
CA SER B 77 -1.77 25.15 14.53
C SER B 77 -1.61 26.59 14.98
N ASN B 78 -0.40 26.96 15.44
CA ASN B 78 -0.13 28.35 15.80
C ASN B 78 -0.16 29.26 14.58
N LYS B 79 0.08 28.73 13.39
CA LYS B 79 -0.09 29.46 12.13
C LYS B 79 -1.55 29.51 11.68
N GLY B 80 -2.44 28.71 12.28
CA GLY B 80 -3.80 28.64 11.83
C GLY B 80 -4.08 27.64 10.74
N VAL B 81 -3.18 26.71 10.49
CA VAL B 81 -3.36 25.69 9.46
C VAL B 81 -4.02 24.46 10.08
N LYS B 82 -5.23 24.14 9.62
CA LYS B 82 -5.92 22.94 10.05
C LYS B 82 -5.90 21.89 8.93
N GLY B 83 -6.17 20.64 9.30
CA GLY B 83 -6.10 19.55 8.36
C GLY B 83 -7.05 18.42 8.74
N LYS B 84 -7.07 17.39 7.91
CA LYS B 84 -7.88 16.21 8.15
C LYS B 84 -7.02 14.96 8.00
N ILE B 85 -7.36 13.92 8.76
CA ILE B 85 -6.74 12.60 8.63
C ILE B 85 -7.86 11.58 8.62
N LEU B 86 -7.75 10.58 7.73
CA LEU B 86 -8.73 9.51 7.61
C LEU B 86 -8.02 8.17 7.81
N THR B 87 -8.55 7.35 8.72
CA THR B 87 -8.01 6.02 9.01
C THR B 87 -9.17 5.06 9.23
N SER B 88 -8.82 3.83 9.61
CA SER B 88 -9.79 2.78 9.86
C SER B 88 -9.23 1.83 10.91
N ASN B 89 -10.09 0.94 11.40
CA ASN B 89 -9.70 -0.12 12.32
C ASN B 89 -9.53 -1.46 11.64
N TYR B 90 -9.11 -1.45 10.37
CA TYR B 90 -8.91 -2.70 9.64
C TYR B 90 -7.72 -3.45 10.23
N LEU B 91 -7.95 -4.72 10.58
CA LEU B 91 -6.97 -5.63 11.14
C LEU B 91 -6.51 -5.24 12.54
N GLY B 92 -7.30 -4.44 13.28
CA GLY B 92 -7.01 -4.12 14.66
C GLY B 92 -5.59 -3.68 14.92
N PHE B 93 -5.04 -2.89 14.01
CA PHE B 93 -3.62 -2.58 14.00
C PHE B 93 -3.31 -1.33 14.82
N ASN B 94 -4.20 -0.34 14.77
CA ASN B 94 -4.01 0.86 15.56
C ASN B 94 -4.45 0.60 17.00
N SER B 95 -3.74 1.20 17.94
CA SER B 95 -4.01 1.05 19.36
C SER B 95 -4.73 2.28 19.92
N PRO B 96 -5.44 2.13 21.03
CA PRO B 96 -6.09 3.31 21.63
C PRO B 96 -5.11 4.39 22.04
N LYS B 97 -3.97 4.03 22.63
CA LYS B 97 -2.96 5.03 22.99
C LYS B 97 -2.56 5.84 21.77
N MSE B 98 -2.46 5.19 20.62
CA MSE B 98 -2.20 5.85 19.37
C MSE B 98 -3.35 6.78 19.02
O MSE B 98 -3.16 7.95 18.67
CB MSE B 98 -1.99 4.81 18.27
CG MSE B 98 -1.03 5.23 17.16
SE MSE B 98 -1.67 6.71 16.08
CE MSE B 98 -3.40 5.93 15.61
N TYR B 99 -4.58 6.26 19.13
CA TYR B 99 -5.77 7.07 18.87
C TYR B 99 -5.86 8.25 19.82
N GLY B 100 -5.34 8.09 21.04
CA GLY B 100 -5.33 9.20 21.98
C GLY B 100 -4.42 10.33 21.52
N GLU B 101 -3.25 9.97 20.98
CA GLU B 101 -2.33 11.00 20.48
C GLU B 101 -2.93 11.76 19.31
N LEU B 102 -3.83 11.13 18.55
CA LEU B 102 -4.49 11.83 17.46
C LEU B 102 -5.38 12.95 18.00
N LEU B 103 -6.15 12.66 19.05
CA LEU B 103 -7.02 13.67 19.64
C LEU B 103 -6.24 14.88 20.16
N LYS B 104 -4.96 14.69 20.49
CA LYS B 104 -4.15 15.81 20.96
C LYS B 104 -3.87 16.81 19.85
N LEU B 105 -3.97 16.39 18.59
CA LEU B 105 -3.84 17.29 17.45
C LEU B 105 -5.15 18.08 17.35
N LYS B 106 -5.19 19.23 18.02
CA LYS B 106 -6.41 20.03 18.04
C LYS B 106 -6.73 20.62 16.67
N ASN B 107 -5.72 20.83 15.84
CA ASN B 107 -5.89 21.40 14.51
C ASN B 107 -6.08 20.35 13.43
N VAL B 108 -6.11 19.07 13.79
CA VAL B 108 -6.26 17.98 12.84
C VAL B 108 -7.59 17.30 13.11
N GLU B 109 -8.44 17.22 12.09
CA GLU B 109 -9.72 16.55 12.19
C GLU B 109 -9.54 15.10 11.77
N VAL B 110 -10.07 14.18 12.55
CA VAL B 110 -9.84 12.76 12.34
C VAL B 110 -11.18 12.02 12.37
N ARG B 111 -11.43 11.23 11.31
CA ARG B 111 -12.59 10.33 11.27
C ARG B 111 -12.14 8.89 11.00
N LEU B 112 -13.01 7.96 11.35
CA LEU B 112 -12.71 6.52 11.31
C LEU B 112 -13.67 5.85 10.34
N THR B 113 -13.14 5.40 9.20
CA THR B 113 -13.94 4.73 8.19
C THR B 113 -14.00 3.23 8.45
N ASP B 114 -15.05 2.61 7.90
CA ASP B 114 -15.25 1.18 8.03
C ASP B 114 -15.49 0.54 6.66
N ILE B 115 -14.82 1.04 5.64
CA ILE B 115 -14.79 0.34 4.36
C ILE B 115 -13.86 -0.85 4.48
N ALA B 116 -14.27 -1.98 3.88
CA ALA B 116 -13.54 -3.22 4.04
C ALA B 116 -12.13 -3.08 3.47
N GLY B 117 -11.15 -3.48 4.26
CA GLY B 117 -9.78 -3.50 3.79
C GLY B 117 -9.23 -2.15 3.41
N PHE B 118 -9.41 -1.14 4.27
CA PHE B 118 -8.88 0.19 4.01
C PHE B 118 -7.36 0.13 4.00
N HIS B 119 -6.76 0.28 2.82
CA HIS B 119 -5.31 0.22 2.67
C HIS B 119 -4.74 1.47 2.01
N ALA B 120 -5.53 2.54 1.88
CA ALA B 120 -5.08 3.74 1.18
C ALA B 120 -3.93 4.39 1.94
N LYS B 121 -2.99 4.98 1.20
CA LYS B 121 -1.86 5.69 1.79
C LYS B 121 -1.64 6.95 0.94
N GLY B 122 -2.53 7.93 1.09
CA GLY B 122 -2.45 9.15 0.31
C GLY B 122 -2.36 10.42 1.14
N TYR B 123 -1.34 11.23 0.88
CA TYR B 123 -1.14 12.50 1.56
C TYR B 123 -1.30 13.61 0.54
N ILE B 124 -2.15 14.59 0.84
CA ILE B 124 -2.46 15.65 -0.10
C ILE B 124 -2.35 17.00 0.57
N PHE B 125 -1.56 17.88 -0.02
CA PHE B 125 -1.27 19.19 0.54
C PHE B 125 -1.80 20.26 -0.39
N GLU B 126 -2.79 21.02 0.09
CA GLU B 126 -3.37 22.11 -0.69
C GLU B 126 -2.59 23.39 -0.41
N HIS B 127 -1.93 23.93 -1.43
CA HIS B 127 -1.24 25.20 -1.31
C HIS B 127 -2.18 26.33 -1.71
N LYS B 128 -1.65 27.56 -1.69
CA LYS B 128 -2.45 28.72 -2.08
C LYS B 128 -2.81 28.67 -3.56
N ASP B 129 -1.84 28.30 -4.41
CA ASP B 129 -2.02 28.31 -5.85
C ASP B 129 -2.06 26.91 -6.45
N TYR B 130 -1.24 26.00 -5.98
CA TYR B 130 -1.20 24.65 -6.55
C TYR B 130 -1.49 23.64 -5.44
N SER B 131 -1.29 22.36 -5.76
CA SER B 131 -1.44 21.27 -4.80
C SER B 131 -0.33 20.26 -5.04
N SER B 132 -0.04 19.49 -4.00
CA SER B 132 0.92 18.38 -4.09
C SER B 132 0.27 17.13 -3.53
N MSE B 133 0.54 16.00 -4.17
CA MSE B 133 0.05 14.74 -3.64
C MSE B 133 1.19 13.74 -3.58
O MSE B 133 2.03 13.66 -4.49
CB MSE B 133 -1.11 14.21 -4.47
CG MSE B 133 -0.76 13.81 -5.88
SE MSE B 133 -2.39 13.68 -6.94
CE MSE B 133 -2.37 15.41 -7.81
N VAL B 134 1.26 13.01 -2.48
CA VAL B 134 2.19 11.89 -2.30
C VAL B 134 1.34 10.64 -2.23
N ILE B 135 1.50 9.77 -3.21
CA ILE B 135 0.79 8.50 -3.24
C ILE B 135 1.83 7.38 -3.34
N GLY B 136 1.60 6.30 -2.62
CA GLY B 136 2.55 5.22 -2.62
C GLY B 136 2.28 4.16 -1.55
N SER B 137 3.36 3.63 -1.00
CA SER B 137 3.31 2.51 -0.08
C SER B 137 3.61 2.88 1.36
N SER B 138 4.03 4.11 1.63
CA SER B 138 4.43 4.48 2.97
C SER B 138 3.21 4.75 3.84
N ASN B 139 3.11 4.06 4.97
CA ASN B 139 2.13 4.37 5.99
C ASN B 139 2.61 5.57 6.81
N LEU B 140 1.82 5.94 7.82
CA LEU B 140 2.21 6.95 8.80
C LEU B 140 2.91 6.24 9.95
N THR B 141 4.12 5.77 9.67
CA THR B 141 4.90 5.06 10.67
C THR B 141 6.38 5.27 10.40
N SER B 142 7.15 5.40 11.49
CA SER B 142 8.54 5.80 11.35
C SER B 142 9.33 4.83 10.47
N ASN B 143 8.84 3.60 10.31
CA ASN B 143 9.51 2.67 9.41
C ASN B 143 9.28 3.07 7.96
N ALA B 144 8.01 3.23 7.57
CA ALA B 144 7.71 3.67 6.22
C ALA B 144 8.22 5.09 5.97
N LEU B 145 8.24 5.94 6.99
CA LEU B 145 8.61 7.33 6.81
C LEU B 145 10.12 7.50 6.67
N LYS B 146 10.91 6.84 7.53
CA LYS B 146 12.36 7.05 7.57
C LYS B 146 13.16 5.89 6.99
N VAL B 147 13.02 4.68 7.53
CA VAL B 147 13.91 3.57 7.20
C VAL B 147 13.07 2.40 6.71
N ASN B 148 13.08 2.18 5.39
CA ASN B 148 12.36 1.10 4.71
C ASN B 148 12.69 1.19 3.23
N TYR B 149 12.15 0.30 2.42
CA TYR B 149 12.23 0.46 0.97
C TYR B 149 10.79 0.67 0.48
N GLU B 150 10.39 1.93 0.43
CA GLU B 150 9.04 2.32 0.09
C GLU B 150 9.02 3.09 -1.21
N HIS B 151 8.02 2.83 -2.04
CA HIS B 151 7.81 3.56 -3.29
C HIS B 151 6.63 4.50 -3.11
N ASN B 152 6.88 5.80 -3.17
CA ASN B 152 5.82 6.78 -3.33
C ASN B 152 6.27 7.80 -4.38
N VAL B 153 5.30 8.51 -4.94
CA VAL B 153 5.58 9.53 -5.95
C VAL B 153 5.01 10.85 -5.45
N LEU B 154 5.81 11.91 -5.52
CA LEU B 154 5.35 13.27 -5.23
C LEU B 154 4.85 13.87 -6.52
N LEU B 155 3.55 14.15 -6.59
CA LEU B 155 2.94 14.81 -7.74
C LEU B 155 2.39 16.15 -7.30
N SER B 156 2.92 17.22 -7.89
CA SER B 156 2.33 18.55 -7.76
C SER B 156 1.49 18.82 -9.00
N THR B 157 0.60 19.80 -8.88
CA THR B 157 -0.47 19.94 -9.84
C THR B 157 -1.19 21.25 -9.57
N MSE B 158 -1.96 21.69 -10.56
CA MSE B 158 -2.74 22.91 -10.41
C MSE B 158 -4.16 22.56 -10.00
O MSE B 158 -4.63 21.45 -10.23
CB MSE B 158 -2.73 23.73 -11.71
CG MSE B 158 -1.36 24.31 -12.01
SE MSE B 158 -1.21 25.41 -13.61
CE MSE B 158 -2.54 26.77 -13.18
N LYS B 159 -4.85 23.53 -9.38
CA LYS B 159 -6.09 23.25 -8.67
C LYS B 159 -7.20 22.69 -9.55
N ASN B 160 -7.01 22.64 -10.87
CA ASN B 160 -8.05 22.14 -11.77
C ASN B 160 -7.68 20.81 -12.42
N GLY B 161 -6.76 20.06 -11.82
CA GLY B 161 -6.35 18.79 -12.41
C GLY B 161 -7.42 17.73 -12.28
N ASP B 162 -7.47 16.84 -13.27
CA ASP B 162 -8.40 15.72 -13.22
C ASP B 162 -8.00 14.74 -12.12
N LEU B 163 -6.69 14.53 -11.93
CA LEU B 163 -6.22 13.61 -10.90
C LEU B 163 -6.61 14.10 -9.51
N VAL B 164 -6.48 15.40 -9.26
CA VAL B 164 -6.89 15.97 -7.98
C VAL B 164 -8.37 15.78 -7.75
N ASP B 165 -9.18 16.08 -8.77
CA ASP B 165 -10.62 15.93 -8.61
C ASP B 165 -10.98 14.51 -8.27
N SER B 166 -10.42 13.55 -9.00
CA SER B 166 -10.69 12.14 -8.72
C SER B 166 -10.31 11.79 -7.30
N VAL B 167 -9.25 12.39 -6.78
CA VAL B 167 -8.80 12.03 -5.44
C VAL B 167 -9.64 12.73 -4.38
N LYS B 168 -9.77 14.06 -4.47
CA LYS B 168 -10.60 14.77 -3.51
C LYS B 168 -12.02 14.24 -3.49
N SER B 169 -12.59 13.98 -4.66
CA SER B 169 -13.96 13.46 -4.70
C SER B 169 -14.03 12.05 -4.11
N GLU B 170 -12.92 11.31 -4.16
CA GLU B 170 -12.89 10.00 -3.50
C GLU B 170 -12.79 10.16 -2.00
N PHE B 171 -11.90 11.04 -1.54
CA PHE B 171 -11.77 11.33 -0.12
C PHE B 171 -13.10 11.80 0.47
N ASP B 172 -13.66 12.88 -0.09
CA ASP B 172 -14.90 13.45 0.43
C ASP B 172 -16.04 12.44 0.44
N LEU B 173 -15.94 11.40 -0.38
CA LEU B 173 -16.97 10.36 -0.41
C LEU B 173 -16.94 9.52 0.86
N LEU B 174 -15.78 8.93 1.17
CA LEU B 174 -15.70 8.18 2.42
C LEU B 174 -15.49 9.07 3.63
N TRP B 175 -15.28 10.36 3.43
CA TRP B 175 -15.23 11.28 4.57
C TRP B 175 -16.64 11.67 4.99
N GLN B 176 -17.55 11.79 4.02
CA GLN B 176 -18.94 12.09 4.34
C GLN B 176 -19.59 10.98 5.13
N LYS B 177 -19.05 9.76 5.06
CA LYS B 177 -19.67 8.58 5.68
C LYS B 177 -18.71 7.87 6.63
N SER B 178 -17.81 8.63 7.25
CA SER B 178 -16.95 8.14 8.31
C SER B 178 -17.37 8.75 9.64
N THR B 179 -17.00 8.07 10.72
CA THR B 179 -17.42 8.63 12.00
C THR B 179 -16.26 9.35 12.66
N PRO B 180 -16.55 10.51 13.27
CA PRO B 180 -15.48 11.30 13.89
C PRO B 180 -14.92 10.64 15.12
N LEU B 181 -13.84 11.25 15.63
CA LEU B 181 -13.04 10.68 16.69
C LEU B 181 -13.22 11.48 17.97
N THR B 182 -13.67 10.81 19.03
CA THR B 182 -13.77 11.39 20.36
C THR B 182 -13.44 10.32 21.39
N GLU B 183 -13.29 10.75 22.64
CA GLU B 183 -12.99 9.82 23.72
C GLU B 183 -14.11 8.79 23.91
N GLN B 184 -15.36 9.20 23.70
CA GLN B 184 -16.47 8.25 23.78
C GLN B 184 -16.29 7.09 22.81
N TRP B 185 -15.83 7.39 21.59
CA TRP B 185 -15.58 6.33 20.61
C TRP B 185 -14.43 5.45 21.06
N ILE B 186 -13.42 6.02 21.72
CA ILE B 186 -12.29 5.23 22.18
C ILE B 186 -12.75 4.20 23.21
N ASN B 187 -13.70 4.56 24.07
CA ASN B 187 -14.15 3.64 25.11
C ASN B 187 -14.83 2.41 24.51
N SER B 188 -15.58 2.59 23.42
CA SER B 188 -16.20 1.46 22.74
C SER B 188 -15.16 0.53 22.13
N TYR B 189 -14.05 1.08 21.63
CA TYR B 189 -13.01 0.25 21.03
C TYR B 189 -12.24 -0.55 22.08
N LYS B 190 -11.90 0.09 23.20
CA LYS B 190 -11.13 -0.59 24.23
C LYS B 190 -11.91 -1.75 24.85
N GLU B 191 -13.25 -1.64 24.90
CA GLU B 191 -14.06 -2.74 25.41
C GLU B 191 -14.10 -3.90 24.42
N SER B 192 -14.40 -3.61 23.15
CA SER B 192 -14.42 -4.64 22.11
C SER B 192 -13.01 -4.91 21.58
N VAL B 219 21.40 -20.10 17.48
CA VAL B 219 21.64 -18.71 17.11
C VAL B 219 22.84 -18.17 17.87
N GLU B 220 23.72 -17.47 17.16
CA GLU B 220 24.88 -16.81 17.75
C GLU B 220 24.80 -15.33 17.45
N ILE B 221 24.96 -14.51 18.48
CA ILE B 221 24.96 -13.06 18.30
C ILE B 221 26.33 -12.63 17.80
N VAL B 222 26.35 -11.97 16.65
CA VAL B 222 27.62 -11.62 16.00
C VAL B 222 27.85 -10.12 16.17
N PRO B 223 29.10 -9.68 16.27
CA PRO B 223 29.35 -8.23 16.43
C PRO B 223 29.00 -7.49 15.14
N ASN B 224 28.45 -6.29 15.31
CA ASN B 224 28.15 -5.45 14.16
C ASN B 224 29.34 -4.53 13.89
N LEU B 225 29.11 -3.45 13.13
CA LEU B 225 30.23 -2.65 12.64
C LEU B 225 30.99 -1.96 13.75
N MSE B 226 30.27 -1.39 14.72
CA MSE B 226 30.89 -0.64 15.80
C MSE B 226 31.63 -1.56 16.76
O MSE B 226 32.77 -1.31 17.14
CB MSE B 226 29.85 0.16 16.57
CG MSE B 226 30.45 1.23 17.46
SE MSE B 226 29.59 1.33 19.22
CE MSE B 226 30.17 -0.41 19.90
N GLN B 227 30.95 -2.64 17.16
CA GLN B 227 31.53 -3.56 18.12
C GLN B 227 32.78 -4.22 17.55
N ALA B 228 32.65 -4.85 16.38
CA ALA B 228 33.81 -5.48 15.73
C ALA B 228 34.96 -4.48 15.57
N GLU B 229 34.65 -3.22 15.30
CA GLU B 229 35.68 -2.18 15.33
C GLU B 229 36.23 -2.00 16.74
N ALA B 230 35.34 -1.94 17.74
CA ALA B 230 35.79 -1.85 19.12
C ALA B 230 36.57 -3.08 19.53
N LEU B 231 36.11 -4.27 19.09
CA LEU B 231 36.78 -5.51 19.44
C LEU B 231 38.24 -5.52 18.98
N ARG B 232 38.49 -4.99 17.78
CA ARG B 232 39.83 -5.01 17.23
C ARG B 232 40.80 -4.17 18.06
N SER B 233 40.31 -3.10 18.67
CA SER B 233 41.18 -2.25 19.50
C SER B 233 41.58 -2.97 20.79
N LEU B 234 40.63 -3.64 21.44
CA LEU B 234 40.96 -4.45 22.60
C LEU B 234 41.98 -5.52 22.25
N LYS B 235 41.78 -6.20 21.12
CA LYS B 235 42.72 -7.23 20.69
C LYS B 235 44.12 -6.67 20.51
N ALA B 236 44.23 -5.44 19.99
CA ALA B 236 45.54 -4.82 19.81
C ALA B 236 46.22 -4.59 21.15
N ILE B 237 45.46 -4.17 22.17
CA ILE B 237 46.03 -3.97 23.50
C ILE B 237 46.46 -5.32 24.08
N ARG B 238 45.62 -6.35 23.92
CA ARG B 238 46.01 -7.69 24.34
C ARG B 238 47.25 -8.16 23.61
N ASP B 239 47.21 -8.09 22.27
CA ASP B 239 48.32 -8.56 21.46
C ASP B 239 49.57 -7.71 21.58
N LYS B 240 49.52 -6.59 22.30
CA LYS B 240 50.70 -5.79 22.58
C LYS B 240 51.19 -5.96 24.02
N ALA B 241 50.63 -6.91 24.76
CA ALA B 241 51.07 -7.29 26.10
C ALA B 241 50.90 -6.13 27.08
N LYS B 242 49.64 -5.86 27.38
CA LYS B 242 49.22 -5.00 28.48
C LYS B 242 48.03 -5.66 29.16
N ASP B 243 47.56 -5.07 30.27
CA ASP B 243 46.45 -5.71 30.98
C ASP B 243 45.47 -4.75 31.64
N LYS B 244 45.55 -3.44 31.39
CA LYS B 244 44.61 -2.48 31.97
C LYS B 244 44.10 -1.58 30.86
N ALA B 245 42.86 -1.80 30.43
CA ALA B 245 42.22 -1.02 29.39
C ALA B 245 40.95 -0.39 29.95
N LEU B 246 40.37 0.52 29.17
CA LEU B 246 39.15 1.21 29.55
C LEU B 246 38.27 1.43 28.32
N ILE B 247 36.97 1.48 28.56
CA ILE B 247 35.96 1.75 27.54
C ILE B 247 35.03 2.81 28.12
N ILE B 248 34.87 3.93 27.42
CA ILE B 248 33.96 4.97 27.84
C ILE B 248 32.77 5.02 26.89
N SER B 249 31.58 5.24 27.45
CA SER B 249 30.35 5.40 26.69
C SER B 249 29.72 6.70 27.13
N ALA B 250 29.66 7.67 26.21
CA ALA B 250 29.08 8.96 26.54
C ALA B 250 27.71 8.81 27.18
N THR B 251 26.81 8.07 26.51
CA THR B 251 25.49 7.82 27.08
C THR B 251 25.57 7.06 28.39
N GLY B 252 26.58 6.21 28.53
CA GLY B 252 26.64 5.28 29.65
C GLY B 252 26.03 3.94 29.36
N THR B 253 25.66 3.66 28.12
CA THR B 253 24.98 2.44 27.73
C THR B 253 25.69 1.81 26.55
N GLY B 254 25.21 0.63 26.15
CA GLY B 254 25.79 -0.13 25.06
C GLY B 254 27.08 -0.84 25.39
N LYS B 255 27.43 -0.97 26.66
CA LYS B 255 28.70 -1.54 27.08
C LYS B 255 28.63 -3.04 27.36
N THR B 256 27.67 -3.47 28.17
CA THR B 256 27.68 -4.85 28.64
C THR B 256 27.76 -5.85 27.49
N ILE B 257 26.98 -5.64 26.44
CA ILE B 257 27.03 -6.52 25.29
C ILE B 257 28.41 -6.48 24.63
N LEU B 258 29.00 -5.30 24.51
CA LEU B 258 30.35 -5.19 23.95
C LEU B 258 31.33 -6.04 24.75
N CYS B 259 31.24 -5.98 26.08
CA CYS B 259 32.12 -6.77 26.93
C CYS B 259 31.95 -8.26 26.68
N ALA B 260 30.70 -8.73 26.63
CA ALA B 260 30.46 -10.15 26.46
C ALA B 260 31.03 -10.66 25.14
N LEU B 261 30.84 -9.91 24.05
CA LEU B 261 31.48 -10.26 22.79
C LEU B 261 32.98 -10.42 22.98
N ASP B 262 33.58 -9.52 23.76
CA ASP B 262 35.02 -9.56 23.98
C ASP B 262 35.42 -10.71 24.89
N VAL B 263 34.62 -10.97 25.92
CA VAL B 263 34.86 -12.12 26.78
C VAL B 263 34.81 -13.41 25.98
N ARG B 264 33.85 -13.50 25.04
CA ARG B 264 33.67 -14.71 24.24
C ARG B 264 34.89 -15.02 23.40
N GLU B 265 35.60 -14.01 22.91
CA GLU B 265 36.80 -14.26 22.12
C GLU B 265 37.94 -14.77 22.99
N VAL B 266 38.20 -14.10 24.12
CA VAL B 266 39.29 -14.51 25.00
C VAL B 266 39.02 -15.90 25.56
N ASN B 267 37.76 -16.22 25.83
CA ASN B 267 37.36 -17.50 26.42
C ASN B 267 38.17 -17.78 27.69
N PRO B 268 38.03 -16.95 28.72
CA PRO B 268 38.81 -17.15 29.95
C PRO B 268 38.28 -18.32 30.76
N ASN B 269 39.18 -18.87 31.58
CA ASN B 269 38.78 -19.94 32.49
C ASN B 269 37.78 -19.42 33.53
N LYS B 270 38.08 -18.27 34.12
CA LYS B 270 37.19 -17.65 35.08
C LYS B 270 37.04 -16.17 34.76
N PHE B 271 35.89 -15.62 35.11
CA PHE B 271 35.58 -14.23 34.75
C PHE B 271 34.71 -13.62 35.83
N LEU B 272 35.04 -12.39 36.22
CA LEU B 272 34.36 -11.67 37.29
C LEU B 272 33.90 -10.31 36.78
N PHE B 273 32.63 -10.00 36.98
CA PHE B 273 32.00 -8.80 36.44
C PHE B 273 31.52 -7.96 37.61
N ILE B 274 32.24 -6.90 37.90
CA ILE B 274 31.92 -6.04 39.03
C ILE B 274 31.02 -4.90 38.57
N VAL B 275 30.09 -4.50 39.43
CA VAL B 275 29.16 -3.42 39.13
C VAL B 275 28.87 -2.68 40.43
N HIS B 276 28.45 -1.43 40.31
CA HIS B 276 28.06 -0.66 41.48
C HIS B 276 26.56 -0.76 41.76
N ASN B 277 25.75 -0.98 40.73
CA ASN B 277 24.30 -1.00 40.87
C ASN B 277 23.77 -2.42 40.68
N GLU B 278 22.88 -2.85 41.59
CA GLU B 278 22.45 -4.25 41.60
C GLU B 278 21.45 -4.57 40.49
N GLY B 279 20.54 -3.64 40.17
CA GLY B 279 19.59 -3.91 39.11
C GLY B 279 20.27 -4.13 37.78
N ILE B 280 21.27 -3.30 37.46
CA ILE B 280 22.05 -3.47 36.24
C ILE B 280 22.78 -4.79 36.25
N LEU B 281 23.18 -5.26 37.44
CA LEU B 281 23.98 -6.47 37.56
C LEU B 281 23.26 -7.68 36.96
N ASN B 282 22.05 -7.95 37.43
CA ASN B 282 21.31 -9.12 36.95
C ASN B 282 21.00 -8.99 35.47
N ARG B 283 20.64 -7.78 35.02
CA ARG B 283 20.41 -7.54 33.59
C ARG B 283 21.66 -7.82 32.79
N ALA B 284 22.83 -7.40 33.29
CA ALA B 284 24.07 -7.70 32.60
C ALA B 284 24.33 -9.20 32.56
N LYS B 285 24.00 -9.90 33.64
CA LYS B 285 24.19 -11.35 33.67
C LYS B 285 23.33 -12.03 32.62
N GLU B 286 22.04 -11.71 32.59
CA GLU B 286 21.16 -12.26 31.55
C GLU B 286 21.68 -11.91 30.16
N GLU B 287 22.22 -10.70 30.01
CA GLU B 287 22.77 -10.29 28.73
C GLU B 287 23.99 -11.13 28.36
N PHE B 288 24.83 -11.46 29.36
CA PHE B 288 25.97 -12.32 29.10
C PHE B 288 25.53 -13.72 28.71
N LYS B 289 24.44 -14.20 29.31
CA LYS B 289 23.94 -15.53 28.97
C LYS B 289 23.57 -15.62 27.50
N LYS B 290 23.05 -14.54 26.92
CA LYS B 290 22.65 -14.58 25.52
C LYS B 290 23.85 -14.78 24.61
N VAL B 291 24.94 -14.05 24.87
CA VAL B 291 26.12 -14.16 24.02
C VAL B 291 26.84 -15.49 24.19
N LEU B 292 26.61 -16.21 25.30
CA LEU B 292 27.43 -17.36 25.62
C LEU B 292 26.59 -18.64 25.77
N PRO B 293 27.08 -19.77 25.28
CA PRO B 293 26.25 -20.98 25.20
C PRO B 293 26.34 -21.95 26.37
N ILE B 294 27.02 -21.60 27.46
CA ILE B 294 27.32 -22.55 28.53
C ILE B 294 26.10 -22.73 29.44
N LYS B 295 26.10 -23.81 30.23
CA LYS B 295 25.05 -24.11 31.20
C LYS B 295 24.75 -22.91 32.09
N ASN B 296 23.46 -22.74 32.43
CA ASN B 296 23.04 -21.66 33.31
C ASN B 296 23.66 -21.79 34.70
N ASP B 297 23.55 -22.98 35.29
CA ASP B 297 23.92 -23.16 36.70
C ASP B 297 25.44 -23.17 36.90
N SER B 298 26.17 -23.89 36.05
CA SER B 298 27.59 -24.13 36.31
C SER B 298 28.38 -22.83 36.41
N ASP B 299 28.18 -21.93 35.45
CA ASP B 299 29.12 -20.83 35.25
C ASP B 299 28.62 -19.47 35.74
N PHE B 300 27.31 -19.26 35.80
CA PHE B 300 26.75 -17.94 36.08
C PHE B 300 26.30 -17.86 37.53
N GLY B 301 27.03 -17.11 38.34
CA GLY B 301 26.71 -16.91 39.73
C GLY B 301 26.55 -15.44 40.05
N LEU B 302 25.52 -15.12 40.82
CA LEU B 302 25.39 -13.80 41.42
C LEU B 302 26.13 -13.78 42.75
N LEU B 303 26.67 -12.61 43.07
CA LEU B 303 27.28 -12.37 44.37
C LEU B 303 26.74 -11.04 44.90
N THR B 304 25.42 -10.99 45.08
CA THR B 304 24.74 -9.86 45.66
C THR B 304 24.67 -10.03 47.17
N GLY B 305 23.82 -9.23 47.82
CA GLY B 305 23.66 -9.37 49.26
C GLY B 305 23.11 -10.72 49.67
N LYS B 306 22.20 -11.27 48.87
CA LYS B 306 21.51 -12.51 49.20
C LYS B 306 22.05 -13.73 48.46
N HIS B 307 23.06 -13.56 47.62
CA HIS B 307 23.61 -14.66 46.84
C HIS B 307 25.12 -14.71 46.98
N ARG B 308 25.65 -15.92 47.18
CA ARG B 308 27.08 -16.13 47.33
C ARG B 308 27.54 -17.33 46.49
N ASP B 309 27.36 -17.24 45.18
CA ASP B 309 27.80 -18.27 44.25
C ASP B 309 29.29 -18.08 43.93
N VAL B 310 30.11 -18.29 44.97
CA VAL B 310 31.55 -18.03 44.83
C VAL B 310 32.23 -19.10 44.00
N ASP B 311 31.62 -20.27 43.84
CA ASP B 311 32.22 -21.34 43.05
C ASP B 311 32.02 -21.15 41.55
N ALA B 312 31.15 -20.24 41.14
CA ALA B 312 30.78 -20.10 39.72
C ALA B 312 31.97 -19.65 38.87
N LYS B 313 31.91 -20.00 37.58
CA LYS B 313 33.01 -19.67 36.67
C LYS B 313 32.92 -18.24 36.18
N TYR B 314 31.71 -17.76 35.90
CA TYR B 314 31.46 -16.35 35.60
C TYR B 314 30.70 -15.77 36.78
N LEU B 315 31.36 -14.92 37.54
CA LEU B 315 30.77 -14.32 38.74
C LEU B 315 30.40 -12.87 38.48
N PHE B 316 29.21 -12.49 38.94
CA PHE B 316 28.67 -11.14 38.77
C PHE B 316 28.32 -10.58 40.15
N ALA B 317 29.04 -9.54 40.57
CA ALA B 317 28.96 -9.10 41.95
C ALA B 317 28.93 -7.58 42.04
N THR B 318 28.21 -7.06 43.05
CA THR B 318 28.37 -5.66 43.43
C THR B 318 29.61 -5.50 44.31
N ILE B 319 30.29 -4.35 44.19
CA ILE B 319 31.45 -4.07 45.03
C ILE B 319 31.09 -4.09 46.51
N GLN B 320 29.90 -3.58 46.85
CA GLN B 320 29.47 -3.51 48.25
C GLN B 320 29.63 -4.86 48.94
N THR B 321 29.22 -5.94 48.26
CA THR B 321 29.32 -7.28 48.81
C THR B 321 30.74 -7.83 48.74
N LEU B 322 31.51 -7.46 47.70
CA LEU B 322 32.91 -7.90 47.64
C LEU B 322 33.78 -7.22 48.68
N SER B 323 33.47 -5.97 49.04
CA SER B 323 34.30 -5.25 50.02
C SER B 323 33.91 -5.56 51.46
N ARG B 324 32.61 -5.61 51.76
CA ARG B 324 32.14 -5.82 53.13
C ARG B 324 32.75 -7.08 53.73
N ASP B 325 33.38 -6.92 54.89
CA ASP B 325 33.90 -8.03 55.67
C ASP B 325 34.93 -8.85 54.89
N ASP B 326 35.71 -8.16 54.06
CA ASP B 326 36.80 -8.79 53.31
C ASP B 326 36.33 -9.99 52.50
N ASN B 327 35.14 -9.88 51.92
CA ASN B 327 34.63 -10.97 51.08
C ASN B 327 35.53 -11.24 49.89
N PHE B 328 36.20 -10.20 49.39
CA PHE B 328 37.15 -10.40 48.31
C PHE B 328 38.35 -11.23 48.76
N LYS B 329 38.62 -11.27 50.07
CA LYS B 329 39.79 -11.99 50.55
C LYS B 329 39.63 -13.51 50.40
N GLN B 330 38.41 -14.04 50.55
CA GLN B 330 38.20 -15.48 50.39
C GLN B 330 38.42 -15.96 48.97
N PHE B 331 38.29 -15.09 47.98
CA PHE B 331 38.64 -15.48 46.61
C PHE B 331 40.15 -15.59 46.46
N ASP B 332 40.58 -16.63 45.75
CA ASP B 332 42.00 -16.75 45.41
C ASP B 332 42.42 -15.59 44.53
N GLU B 333 43.47 -14.90 44.96
CA GLU B 333 44.04 -13.84 44.13
C GLU B 333 44.49 -14.41 42.79
N ASN B 334 44.22 -13.67 41.72
CA ASN B 334 44.59 -14.09 40.37
C ASN B 334 43.96 -15.42 39.99
N GLU B 335 42.77 -15.70 40.51
CA GLU B 335 42.03 -16.89 40.10
C GLU B 335 41.05 -16.61 38.98
N PHE B 336 40.56 -15.38 38.88
CA PHE B 336 39.77 -14.95 37.74
C PHE B 336 40.72 -14.45 36.66
N ASP B 337 40.53 -14.92 35.43
CA ASP B 337 41.38 -14.50 34.32
C ASP B 337 40.97 -13.16 33.73
N TYR B 338 39.72 -12.75 33.92
CA TYR B 338 39.17 -11.56 33.29
C TYR B 338 38.28 -10.85 34.30
N ILE B 339 38.54 -9.56 34.54
CA ILE B 339 37.74 -8.76 35.45
C ILE B 339 37.16 -7.57 34.71
N VAL B 340 35.98 -7.14 35.14
CA VAL B 340 35.31 -5.97 34.59
C VAL B 340 34.70 -5.19 35.74
N PHE B 341 35.29 -4.05 36.08
CA PHE B 341 34.63 -3.06 36.91
C PHE B 341 34.06 -1.96 36.02
N ASP B 342 33.13 -1.19 36.60
CA ASP B 342 32.65 0.06 36.04
C ASP B 342 33.08 1.19 36.96
N GLU B 343 33.89 2.12 36.44
CA GLU B 343 34.81 2.88 37.28
C GLU B 343 34.20 3.97 38.13
N ALA B 344 32.90 3.85 38.48
CA ALA B 344 32.41 4.58 39.62
C ALA B 344 32.72 3.85 40.92
N HIS B 345 33.15 2.60 40.82
CA HIS B 345 33.48 1.72 41.95
C HIS B 345 34.99 1.69 42.13
N ARG B 346 35.53 2.77 42.70
CA ARG B 346 36.96 2.95 42.86
C ARG B 346 37.20 3.99 43.95
N SER B 347 38.43 4.00 44.49
CA SER B 347 38.81 4.89 45.59
C SER B 347 37.89 4.70 46.80
N TYR B 352 31.54 0.64 46.78
CA TYR B 352 32.84 1.02 46.25
C TYR B 352 33.94 0.43 47.07
N GLN B 353 35.12 0.23 46.44
CA GLN B 353 36.26 -0.30 47.16
C GLN B 353 37.60 -0.11 46.46
N ARG B 354 38.40 0.88 46.90
CA ARG B 354 39.77 0.99 46.36
C ARG B 354 40.60 -0.24 46.71
N VAL B 355 40.45 -0.75 47.94
CA VAL B 355 41.28 -1.85 48.42
C VAL B 355 41.04 -3.12 47.63
N PHE B 356 39.87 -3.26 47.01
CA PHE B 356 39.51 -4.48 46.28
C PHE B 356 40.09 -4.52 44.86
N ASN B 357 41.04 -3.65 44.51
CA ASN B 357 41.74 -3.73 43.23
C ASN B 357 42.93 -4.69 43.27
N TYR B 358 43.03 -5.57 44.28
CA TYR B 358 44.28 -6.29 44.53
C TYR B 358 44.46 -7.51 43.63
N PHE B 359 43.39 -7.99 43.01
CA PHE B 359 43.49 -9.15 42.11
C PHE B 359 44.55 -8.89 41.06
N LYS B 360 45.24 -9.95 40.65
CA LYS B 360 46.23 -9.85 39.58
C LYS B 360 45.76 -10.71 38.40
N PRO B 361 44.72 -10.29 37.69
CA PRO B 361 44.21 -11.10 36.58
C PRO B 361 45.01 -10.86 35.30
N LYS B 362 44.74 -11.69 34.30
CA LYS B 362 45.43 -11.54 33.02
C LYS B 362 45.03 -10.25 32.32
N PHE B 363 43.75 -9.87 32.39
CA PHE B 363 43.29 -8.63 31.77
C PHE B 363 42.33 -7.90 32.70
N MSE B 364 42.67 -6.66 33.04
CA MSE B 364 41.77 -5.77 33.78
C MSE B 364 41.08 -4.78 32.85
O MSE B 364 41.75 -4.00 32.16
CB MSE B 364 42.55 -4.98 34.84
CG MSE B 364 43.00 -5.80 36.01
SE MSE B 364 42.41 -4.98 37.68
CE MSE B 364 43.64 -3.47 37.76
N LEU B 365 39.75 -4.77 32.83
CA LEU B 365 39.01 -3.87 31.96
C LEU B 365 37.99 -3.12 32.78
N GLY B 366 38.08 -1.79 32.75
CA GLY B 366 37.07 -0.92 33.35
C GLY B 366 36.24 -0.26 32.28
N MSE B 367 35.01 0.08 32.64
CA MSE B 367 34.08 0.74 31.72
C MSE B 367 33.32 1.84 32.45
O MSE B 367 32.71 1.57 33.47
CB MSE B 367 33.09 -0.26 31.15
CG MSE B 367 33.68 -1.30 30.24
SE MSE B 367 32.36 -2.67 29.85
CE MSE B 367 33.06 -3.26 28.13
N THR B 368 33.31 3.05 31.91
CA THR B 368 32.66 4.13 32.63
C THR B 368 31.93 5.04 31.67
N ALA B 369 30.92 5.74 32.21
CA ALA B 369 30.44 6.94 31.57
C ALA B 369 31.56 7.97 31.53
N THR B 370 31.61 8.73 30.45
CA THR B 370 32.77 9.58 30.21
C THR B 370 32.94 10.60 31.34
N PRO B 371 34.18 10.95 31.68
CA PRO B 371 34.43 11.79 32.85
C PRO B 371 34.48 13.28 32.57
N GLU B 372 33.87 14.03 33.47
CA GLU B 372 34.04 15.48 33.47
C GLU B 372 35.44 15.86 33.93
N ARG B 373 35.94 15.22 35.00
CA ARG B 373 37.30 15.39 35.49
C ARG B 373 37.65 16.85 35.77
N PHE B 380 41.80 7.13 31.83
CA PHE B 380 41.87 7.13 33.28
C PHE B 380 43.29 6.89 33.76
N GLU B 381 43.61 7.53 34.89
CA GLU B 381 44.88 7.27 35.56
C GLU B 381 44.97 5.84 36.07
N LEU B 382 43.83 5.27 36.50
CA LEU B 382 43.83 3.94 37.07
C LEU B 382 44.22 2.88 36.05
N PHE B 383 43.75 3.03 34.81
CA PHE B 383 43.92 2.02 33.79
C PHE B 383 45.09 2.30 32.85
N ASP B 384 46.13 2.97 33.37
CA ASP B 384 47.41 3.14 32.68
C ASP B 384 47.27 3.85 31.34
N TYR B 385 46.28 4.73 31.21
CA TYR B 385 46.13 5.62 30.06
C TYR B 385 46.01 4.85 28.75
N ASN B 386 45.08 3.91 28.72
CA ASN B 386 44.80 3.11 27.53
C ASN B 386 43.30 3.07 27.32
N ILE B 387 42.82 3.73 26.27
CA ILE B 387 41.41 3.75 25.93
C ILE B 387 41.20 2.72 24.83
N ALA B 388 40.43 1.67 25.14
CA ALA B 388 40.12 0.66 24.15
C ALA B 388 39.21 1.21 23.06
N TYR B 389 38.07 1.75 23.45
CA TYR B 389 37.13 2.30 22.49
C TYR B 389 36.25 3.33 23.16
N GLU B 390 35.77 4.29 22.36
CA GLU B 390 34.87 5.32 22.85
C GLU B 390 33.55 5.19 22.10
N ILE B 391 32.46 5.13 22.84
CA ILE B 391 31.12 5.03 22.26
C ILE B 391 30.53 6.43 22.18
N ARG B 392 30.30 6.90 20.96
CA ARG B 392 29.68 8.20 20.75
C ARG B 392 28.22 8.01 20.35
N LEU B 393 27.42 9.05 20.59
CA LEU B 393 25.99 8.95 20.32
C LEU B 393 25.72 8.66 18.85
N GLN B 394 26.33 9.42 17.95
CA GLN B 394 26.03 9.26 16.53
C GLN B 394 26.42 7.87 16.05
N ALA B 395 27.59 7.39 16.46
CA ALA B 395 28.03 6.06 16.05
C ALA B 395 27.09 4.98 16.58
N ALA B 396 26.66 5.10 17.84
CA ALA B 396 25.84 4.07 18.45
C ALA B 396 24.45 3.99 17.82
N LEU B 397 23.95 5.12 17.29
CA LEU B 397 22.64 5.10 16.67
C LEU B 397 22.64 4.29 15.38
N GLU B 398 23.72 4.41 14.60
CA GLU B 398 23.84 3.61 13.38
C GLU B 398 23.90 2.12 13.69
N SER B 399 24.45 1.76 14.85
CA SER B 399 24.66 0.36 15.21
C SER B 399 23.43 -0.30 15.79
N ASP B 400 22.35 0.46 16.04
CA ASP B 400 21.08 -0.06 16.54
C ASP B 400 21.24 -0.72 17.91
N ILE B 401 22.20 -0.27 18.70
CA ILE B 401 22.38 -0.76 20.07
C ILE B 401 21.76 0.17 21.09
N LEU B 402 21.16 1.27 20.65
CA LEU B 402 20.52 2.24 21.52
C LEU B 402 19.01 2.23 21.26
N CYS B 403 18.26 2.58 22.29
CA CYS B 403 16.83 2.76 22.12
C CYS B 403 16.59 4.02 21.29
N PRO B 404 15.76 3.95 20.24
CA PRO B 404 15.49 5.14 19.44
C PRO B 404 14.84 6.24 20.28
N PHE B 405 15.03 7.48 19.85
CA PHE B 405 14.53 8.62 20.61
C PHE B 405 13.97 9.69 19.69
N HIS B 406 13.00 10.43 20.20
CA HIS B 406 12.41 11.57 19.51
C HIS B 406 12.63 12.82 20.35
N TYR B 407 13.67 13.58 20.02
CA TYR B 407 13.99 14.81 20.74
C TYR B 407 13.02 15.90 20.33
N PHE B 408 12.57 16.69 21.31
CA PHE B 408 11.61 17.76 21.05
C PHE B 408 12.04 19.00 21.83
N GLY B 409 12.45 20.05 21.14
CA GLY B 409 12.81 21.31 21.76
C GLY B 409 11.65 22.27 21.74
N VAL B 410 11.43 22.97 22.86
CA VAL B 410 10.22 23.75 23.11
C VAL B 410 10.59 25.05 23.80
N THR B 411 9.68 26.02 23.76
CA THR B 411 9.84 27.35 24.31
C THR B 411 9.62 27.38 25.82
N ASP B 412 9.91 28.54 26.42
CA ASP B 412 9.68 28.85 27.83
C ASP B 412 9.95 27.68 28.78
N LEU B 429 12.75 29.95 36.88
CA LEU B 429 12.40 28.67 37.48
C LEU B 429 11.07 28.81 38.25
N THR B 430 10.26 29.79 37.85
CA THR B 430 9.08 30.18 38.61
C THR B 430 7.99 29.12 38.47
N SER B 431 7.53 28.61 39.62
CA SER B 431 6.76 27.36 39.63
C SER B 431 5.41 27.52 38.94
N ASP B 432 4.59 28.48 39.39
CA ASP B 432 3.18 28.51 38.99
C ASP B 432 3.01 28.50 37.47
N GLU B 433 3.54 29.52 36.78
CA GLU B 433 3.38 29.60 35.34
C GLU B 433 4.08 28.45 34.62
N ARG B 434 5.31 28.14 35.02
CA ARG B 434 6.07 27.09 34.35
C ARG B 434 5.39 25.73 34.47
N VAL B 435 4.84 25.41 35.64
CA VAL B 435 4.27 24.09 35.88
C VAL B 435 3.12 23.81 34.92
N ASN B 436 2.19 24.77 34.80
CA ASN B 436 1.03 24.55 33.93
C ASN B 436 1.43 24.53 32.47
N TYR B 437 2.40 25.35 32.08
CA TYR B 437 2.92 25.30 30.71
C TYR B 437 3.60 23.97 30.43
N ILE B 438 4.40 23.49 31.40
CA ILE B 438 5.12 22.21 31.24
C ILE B 438 4.14 21.04 31.14
N ILE B 439 3.12 21.02 32.01
CA ILE B 439 2.14 19.93 31.96
C ILE B 439 1.53 19.81 30.58
N GLN B 440 1.08 20.93 30.00
CA GLN B 440 0.38 20.87 28.73
C GLN B 440 1.32 20.58 27.57
N LYS B 441 2.61 20.89 27.72
CA LYS B 441 3.56 20.56 26.66
C LYS B 441 4.02 19.11 26.75
N THR B 442 4.27 18.61 27.95
CA THR B 442 4.57 17.19 28.10
C THR B 442 3.39 16.32 27.71
N ASP B 443 2.16 16.81 27.95
CA ASP B 443 0.96 16.06 27.55
C ASP B 443 0.93 15.87 26.04
N TYR B 444 1.18 16.95 25.29
CA TYR B 444 1.09 16.90 23.84
C TYR B 444 2.07 15.88 23.26
N TYR B 445 3.36 16.09 23.50
CA TYR B 445 4.38 15.23 22.90
C TYR B 445 4.32 13.81 23.47
N GLY B 446 3.87 13.66 24.72
CA GLY B 446 3.54 12.35 25.24
C GLY B 446 4.74 11.44 25.50
N TYR B 447 4.40 10.21 25.88
CA TYR B 447 5.38 9.18 26.21
C TYR B 447 5.16 7.96 25.33
N SER B 448 6.21 7.16 25.18
CA SER B 448 6.24 6.14 24.13
C SER B 448 5.58 4.83 24.54
N GLY B 449 5.51 4.52 25.82
CA GLY B 449 4.95 3.27 26.29
C GLY B 449 3.48 3.37 26.64
N GLU B 450 3.05 2.48 27.53
CA GLU B 450 1.68 2.50 28.04
C GLU B 450 1.54 3.33 29.32
N ILE B 451 2.61 3.50 30.09
CA ILE B 451 2.57 4.29 31.31
C ILE B 451 3.79 5.21 31.36
N LEU B 452 3.65 6.31 32.09
CA LEU B 452 4.67 7.35 32.12
C LEU B 452 5.70 7.04 33.19
N GLN B 453 6.95 6.90 32.78
CA GLN B 453 8.09 6.70 33.69
C GLN B 453 9.21 7.61 33.24
N GLY B 454 9.39 8.74 33.92
CA GLY B 454 10.24 9.79 33.40
C GLY B 454 11.16 10.39 34.44
N LEU B 455 12.30 10.87 33.97
CA LEU B 455 13.25 11.63 34.78
C LEU B 455 13.28 13.06 34.28
N ILE B 456 13.13 14.02 35.19
CA ILE B 456 13.12 15.44 34.87
C ILE B 456 14.42 16.07 35.40
N PHE B 457 15.08 16.84 34.56
CA PHE B 457 16.36 17.47 34.89
C PHE B 457 16.14 18.97 35.02
N VAL B 458 16.50 19.51 36.19
CA VAL B 458 16.22 20.91 36.53
C VAL B 458 17.55 21.61 36.82
N SER B 459 17.45 22.92 37.03
CA SER B 459 18.64 23.76 37.17
C SER B 459 19.22 23.74 38.58
N SER B 460 18.40 23.53 39.60
CA SER B 460 18.88 23.61 40.98
C SER B 460 17.99 22.78 41.88
N LYS B 461 18.56 22.42 43.05
CA LYS B 461 17.90 21.50 43.97
C LYS B 461 16.64 22.09 44.57
N LYS B 462 16.67 23.37 44.94
CA LYS B 462 15.46 24.03 45.42
C LYS B 462 14.32 23.88 44.40
N GLU B 463 14.64 24.05 43.12
CA GLU B 463 13.63 23.91 42.07
C GLU B 463 13.13 22.47 41.98
N ALA B 464 14.03 21.50 42.11
CA ALA B 464 13.65 20.09 41.98
C ALA B 464 12.62 19.69 43.03
N TYR B 465 12.91 19.95 44.30
CA TYR B 465 11.99 19.59 45.37
C TYR B 465 10.68 20.34 45.25
N ASP B 466 10.76 21.66 45.00
CA ASP B 466 9.55 22.44 44.80
C ASP B 466 8.73 21.88 43.65
N LEU B 467 9.36 21.73 42.49
CA LEU B 467 8.66 21.28 41.28
C LEU B 467 7.92 19.97 41.55
N ALA B 468 8.58 19.05 42.26
CA ALA B 468 7.96 17.76 42.57
C ALA B 468 6.66 17.94 43.34
N ASP B 469 6.69 18.71 44.43
CA ASP B 469 5.47 18.90 45.19
C ASP B 469 4.42 19.65 44.37
N LYS B 470 4.86 20.64 43.59
CA LYS B 470 3.93 21.35 42.73
C LYS B 470 3.32 20.40 41.71
N LEU B 471 4.15 19.62 41.04
CA LEU B 471 3.63 18.64 40.09
C LEU B 471 2.73 17.62 40.78
N SER B 472 3.02 17.28 42.05
CA SER B 472 2.22 16.29 42.76
C SER B 472 0.74 16.66 42.79
N SER B 473 0.44 17.95 42.82
CA SER B 473 -0.95 18.39 42.74
C SER B 473 -1.53 18.02 41.38
N LYS B 474 -2.72 17.42 41.42
CA LYS B 474 -3.48 17.02 40.23
C LYS B 474 -2.82 15.87 39.48
N GLY B 475 -2.32 14.88 40.22
CA GLY B 475 -2.10 13.54 39.72
C GLY B 475 -0.68 13.19 39.34
N ILE B 476 0.18 14.18 39.11
CA ILE B 476 1.55 13.85 38.74
C ILE B 476 2.27 13.29 39.95
N LYS B 477 3.09 12.27 39.72
CA LYS B 477 3.69 11.54 40.83
C LYS B 477 4.79 12.37 41.49
N SER B 478 5.80 12.76 40.72
CA SER B 478 6.65 13.89 41.09
C SER B 478 7.37 13.70 42.41
N VAL B 479 8.51 13.03 42.39
CA VAL B 479 9.36 12.85 43.56
C VAL B 479 10.76 13.26 43.17
N ALA B 480 11.42 14.03 44.04
CA ALA B 480 12.71 14.64 43.73
C ALA B 480 13.84 13.93 44.48
N LEU B 481 14.91 13.60 43.76
CA LEU B 481 16.17 13.16 44.36
C LEU B 481 17.24 14.20 44.10
N THR B 482 18.25 14.21 44.98
CA THR B 482 19.31 15.19 44.91
C THR B 482 20.56 14.57 45.50
N GLY B 483 21.72 15.18 45.24
CA GLY B 483 22.96 14.84 45.92
C GLY B 483 22.87 14.87 47.44
N ASP B 484 21.94 15.66 47.99
CA ASP B 484 21.76 15.68 49.44
C ASP B 484 21.19 14.37 49.98
N ASP B 485 20.32 13.72 49.21
CA ASP B 485 19.51 12.64 49.73
C ASP B 485 20.34 11.36 49.94
N SER B 486 19.84 10.52 50.84
CA SER B 486 20.54 9.33 51.29
C SER B 486 20.45 8.20 50.26
N VAL B 487 21.40 7.27 50.37
CA VAL B 487 21.42 6.13 49.45
C VAL B 487 20.14 5.34 49.56
N ASN B 488 19.69 5.07 50.78
CA ASN B 488 18.47 4.31 50.98
C ASN B 488 17.27 5.03 50.38
N TYR B 489 17.20 6.35 50.52
CA TYR B 489 16.08 7.06 49.94
C TYR B 489 16.13 7.03 48.42
N ARG B 490 17.33 7.18 47.84
CA ARG B 490 17.47 7.08 46.38
C ARG B 490 17.02 5.71 45.88
N GLN B 491 17.44 4.64 46.55
CA GLN B 491 17.07 3.30 46.11
C GLN B 491 15.57 3.08 46.20
N ILE B 492 14.96 3.49 47.31
CA ILE B 492 13.53 3.27 47.52
C ILE B 492 12.72 3.91 46.40
N VAL B 493 13.00 5.18 46.11
CA VAL B 493 12.20 5.90 45.13
C VAL B 493 12.53 5.45 43.70
N ILE B 494 13.76 4.96 43.48
CA ILE B 494 14.07 4.35 42.19
C ILE B 494 13.20 3.12 41.98
N GLU B 495 13.10 2.27 43.00
CA GLU B 495 12.20 1.13 42.92
C GLU B 495 10.76 1.59 42.69
N LYS B 496 10.38 2.72 43.29
CA LYS B 496 9.02 3.22 43.13
C LYS B 496 8.73 3.55 41.67
N LEU B 497 9.67 4.22 41.00
CA LEU B 497 9.48 4.52 39.58
C LEU B 497 9.49 3.23 38.76
N LYS B 498 10.48 2.37 39.00
CA LYS B 498 10.56 1.11 38.27
C LYS B 498 9.28 0.31 38.42
N GLU B 499 8.75 0.23 39.63
CA GLU B 499 7.48 -0.45 39.90
C GLU B 499 6.27 0.35 39.47
N GLY B 500 6.45 1.48 38.78
CA GLY B 500 5.35 2.28 38.29
C GLY B 500 4.53 2.88 39.42
N LYS B 501 5.11 2.87 40.62
CA LYS B 501 4.45 3.54 41.74
C LYS B 501 4.37 5.04 41.52
N ILE B 502 5.38 5.62 40.84
CA ILE B 502 5.39 7.04 40.53
C ILE B 502 5.88 7.20 39.09
N ASN B 503 5.48 8.31 38.46
CA ASN B 503 5.76 8.60 37.07
C ASN B 503 7.04 9.38 36.85
N TYR B 504 7.33 10.36 37.73
CA TYR B 504 8.44 11.28 37.53
C TYR B 504 9.43 11.21 38.69
N ILE B 505 10.72 11.14 38.36
CA ILE B 505 11.81 11.38 39.30
C ILE B 505 12.53 12.63 38.84
N ILE B 506 12.79 13.55 39.78
CA ILE B 506 13.34 14.86 39.45
C ILE B 506 14.67 15.04 40.18
N THR B 507 15.73 15.32 39.43
CA THR B 507 17.08 15.46 39.95
C THR B 507 17.77 16.60 39.22
N VAL B 508 19.05 16.82 39.55
CA VAL B 508 19.87 17.78 38.82
C VAL B 508 21.29 17.24 38.66
N ASP B 509 21.74 16.43 39.62
CA ASP B 509 23.13 16.00 39.64
C ASP B 509 23.33 14.50 39.51
N LEU B 510 22.32 13.69 39.85
CA LEU B 510 22.51 12.25 39.95
C LEU B 510 22.24 11.58 38.60
N PHE B 511 23.03 11.99 37.62
CA PHE B 511 22.90 11.50 36.26
C PHE B 511 24.13 10.74 35.79
N ASN B 512 25.18 10.68 36.61
CA ASN B 512 26.46 10.09 36.22
C ASN B 512 26.65 8.77 36.96
N GLU B 513 26.65 7.67 36.22
CA GLU B 513 26.80 6.32 36.77
C GLU B 513 25.77 6.04 37.89
N GLY B 514 24.68 6.80 37.91
CA GLY B 514 23.64 6.57 38.88
C GLY B 514 22.29 6.69 38.22
N ILE B 515 21.28 6.20 38.93
CA ILE B 515 19.88 6.12 38.49
C ILE B 515 19.79 5.69 37.03
N ASP B 516 20.61 4.71 36.66
CA ASP B 516 20.55 4.11 35.33
C ASP B 516 19.37 3.15 35.28
N ILE B 517 18.24 3.61 34.74
CA ILE B 517 16.99 2.85 34.70
C ILE B 517 16.64 2.62 33.24
N PRO B 518 16.41 1.38 32.79
CA PRO B 518 16.01 1.15 31.40
C PRO B 518 14.57 1.49 31.08
N GLU B 519 13.67 1.51 32.05
CA GLU B 519 12.25 1.58 31.76
C GLU B 519 11.73 2.97 31.39
N VAL B 520 12.57 4.01 31.48
CA VAL B 520 12.06 5.38 31.40
C VAL B 520 11.55 5.70 30.00
N ASN B 521 10.31 6.19 29.92
CA ASN B 521 9.74 6.63 28.66
C ASN B 521 10.20 8.03 28.28
N GLN B 522 10.31 8.92 29.26
CA GLN B 522 10.41 10.37 29.02
C GLN B 522 11.58 10.95 29.78
N VAL B 523 12.35 11.81 29.10
CA VAL B 523 13.42 12.57 29.72
C VAL B 523 13.12 14.03 29.46
N VAL B 524 12.89 14.79 30.52
CA VAL B 524 12.55 16.21 30.43
C VAL B 524 13.73 17.02 30.91
N MSE B 525 14.07 18.07 30.16
CA MSE B 525 15.18 18.93 30.48
C MSE B 525 14.70 20.35 30.73
O MSE B 525 14.23 21.04 29.83
CB MSE B 525 16.22 18.92 29.36
CG MSE B 525 16.99 17.61 29.28
SE MSE B 525 18.25 17.48 27.81
CE MSE B 525 16.99 17.23 26.36
N LEU B 526 14.83 20.79 31.99
CA LEU B 526 14.38 22.10 32.44
C LEU B 526 15.55 22.96 32.93
N ARG B 527 16.71 22.81 32.29
CA ARG B 527 17.92 23.47 32.73
C ARG B 527 18.74 23.89 31.52
N PRO B 528 19.50 24.99 31.63
CA PRO B 528 20.50 25.27 30.61
C PRO B 528 21.44 24.10 30.46
N THR B 529 21.74 23.76 29.21
CA THR B 529 22.66 22.67 28.93
C THR B 529 24.06 23.12 29.31
N GLU B 530 24.55 22.63 30.45
CA GLU B 530 25.86 23.03 30.93
C GLU B 530 26.95 22.60 29.97
N SER B 531 26.89 21.35 29.50
CA SER B 531 27.91 20.86 28.58
C SER B 531 27.30 19.81 27.66
N SER B 532 27.96 19.60 26.53
CA SER B 532 27.56 18.54 25.61
C SER B 532 27.57 17.18 26.32
N ILE B 533 28.65 16.89 27.05
CA ILE B 533 28.78 15.64 27.77
C ILE B 533 27.61 15.46 28.75
N ILE B 534 27.32 16.51 29.53
CA ILE B 534 26.16 16.49 30.40
C ILE B 534 24.90 16.19 29.58
N PHE B 535 24.69 16.96 28.51
CA PHE B 535 23.50 16.78 27.67
C PHE B 535 23.34 15.34 27.20
N ILE B 536 24.44 14.73 26.78
CA ILE B 536 24.40 13.36 26.28
C ILE B 536 24.06 12.39 27.41
N GLN B 537 24.76 12.51 28.54
CA GLN B 537 24.58 11.55 29.63
C GLN B 537 23.13 11.48 30.09
N GLN B 538 22.40 12.59 30.00
CA GLN B 538 21.01 12.61 30.43
C GLN B 538 20.09 12.06 29.34
N LEU B 539 20.44 12.30 28.08
CA LEU B 539 19.87 11.53 26.99
C LEU B 539 20.17 10.04 27.18
N GLY B 540 21.41 9.72 27.58
CA GLY B 540 21.80 8.33 27.80
C GLY B 540 21.03 7.63 28.88
N ARG B 541 20.40 8.37 29.80
CA ARG B 541 19.61 7.74 30.84
C ARG B 541 18.37 7.06 30.27
N GLY B 542 17.84 7.57 29.17
CA GLY B 542 16.67 6.96 28.57
C GLY B 542 16.93 5.98 27.44
N LEU B 543 18.17 5.86 26.98
CA LEU B 543 18.47 5.18 25.73
C LEU B 543 18.61 3.68 25.86
N ARG B 544 18.37 3.10 27.04
CA ARG B 544 18.42 1.66 27.21
C ARG B 544 17.13 1.04 26.71
N LYS B 545 17.23 -0.01 25.91
CA LYS B 545 16.05 -0.66 25.35
C LYS B 545 15.28 -1.40 26.44
N SER B 546 13.96 -1.37 26.32
CA SER B 546 13.11 -2.04 27.30
C SER B 546 11.81 -2.48 26.64
N SER B 547 11.11 -3.39 27.32
CA SER B 547 9.88 -3.95 26.76
C SER B 547 8.77 -2.91 26.73
N ASN B 548 8.73 -2.02 27.72
CA ASN B 548 7.60 -1.11 27.87
C ASN B 548 7.59 -0.02 26.81
N LYS B 549 8.75 0.33 26.26
CA LYS B 549 8.87 1.48 25.37
C LYS B 549 9.42 1.05 24.02
N GLU B 550 8.80 1.56 22.95
CA GLU B 550 9.34 1.39 21.61
C GLU B 550 10.40 2.44 21.30
N TYR B 551 10.24 3.65 21.84
CA TYR B 551 11.19 4.74 21.67
C TYR B 551 11.23 5.51 22.99
N VAL B 552 12.02 6.59 23.04
CA VAL B 552 12.06 7.46 24.20
C VAL B 552 11.93 8.90 23.74
N THR B 553 10.93 9.61 24.25
CA THR B 553 10.72 11.02 23.93
C THR B 553 11.43 11.88 24.96
N VAL B 554 12.37 12.68 24.50
CA VAL B 554 13.01 13.67 25.35
C VAL B 554 12.45 15.04 24.96
N ILE B 555 11.87 15.73 25.95
CA ILE B 555 11.25 17.03 25.76
C ILE B 555 12.16 18.06 26.40
N ASP B 556 12.80 18.88 25.57
CA ASP B 556 13.81 19.83 26.00
C ASP B 556 13.21 21.23 25.97
N PHE B 557 12.93 21.78 27.15
CA PHE B 557 12.47 23.15 27.24
C PHE B 557 13.63 24.12 27.05
N ILE B 558 13.47 25.04 26.10
CA ILE B 558 14.49 26.04 25.78
C ILE B 558 14.04 27.39 26.33
N GLY B 559 14.93 28.04 27.07
CA GLY B 559 14.69 29.38 27.56
C GLY B 559 15.80 30.32 27.14
N ASN B 560 15.79 31.54 27.66
CA ASN B 560 16.83 32.50 27.34
C ASN B 560 18.14 32.09 28.01
N TYR B 561 18.75 30.99 27.54
CA TYR B 561 20.02 30.53 28.05
C TYR B 561 21.13 30.89 27.06
N LYS B 562 22.26 31.35 27.58
CA LYS B 562 23.37 31.76 26.74
C LYS B 562 23.99 30.60 25.98
N THR B 563 23.74 29.36 26.41
CA THR B 563 24.48 28.20 25.92
C THR B 563 23.62 27.26 25.08
N ASN B 564 22.73 27.83 24.26
CA ASN B 564 21.91 26.97 23.42
C ASN B 564 22.63 26.54 22.14
N TYR B 565 23.70 27.23 21.75
CA TYR B 565 24.54 26.71 20.68
C TYR B 565 25.01 25.31 21.02
N LEU B 566 25.18 25.02 22.30
CA LEU B 566 25.75 23.75 22.74
C LEU B 566 24.81 22.57 22.49
N ILE B 567 23.49 22.78 22.45
CA ILE B 567 22.61 21.62 22.35
C ILE B 567 22.55 21.06 20.93
N PRO B 568 22.51 21.87 19.86
CA PRO B 568 22.77 21.27 18.55
C PRO B 568 24.17 20.72 18.42
N ILE B 569 25.13 21.20 19.22
CA ILE B 569 26.50 20.72 19.09
C ILE B 569 26.59 19.27 19.52
N ALA B 570 25.89 18.89 20.58
CA ALA B 570 26.01 17.53 21.11
C ALA B 570 25.38 16.52 20.16
N LEU B 571 24.22 16.85 19.58
CA LEU B 571 23.46 15.88 18.82
C LEU B 571 24.19 15.42 17.57
N SER B 572 25.04 16.27 16.99
CA SER B 572 25.88 15.87 15.88
C SER B 572 27.30 15.59 16.38
N GLY B 573 27.96 14.63 15.77
CA GLY B 573 29.36 14.40 16.06
C GLY B 573 30.21 15.35 15.25
N ASP B 574 30.13 16.64 15.56
CA ASP B 574 30.78 17.69 14.76
C ASP B 574 31.62 18.54 15.72
N GLN B 575 32.83 18.07 16.04
CA GLN B 575 33.71 18.84 16.91
C GLN B 575 34.26 20.07 16.20
N SER B 576 34.35 20.03 14.87
CA SER B 576 34.74 21.23 14.12
C SER B 576 33.68 22.29 14.26
N GLN B 577 34.06 23.44 14.82
CA GLN B 577 33.13 24.52 15.11
C GLN B 577 33.02 25.42 13.88
N ASN B 578 32.12 25.05 12.98
CA ASN B 578 31.62 25.95 11.94
C ASN B 578 30.16 26.20 12.23
N LYS B 579 29.80 27.47 12.42
CA LYS B 579 28.39 27.78 12.67
C LYS B 579 27.51 27.39 11.50
N ASP B 580 28.05 27.28 10.29
CA ASP B 580 27.25 26.81 9.17
C ASP B 580 27.00 25.30 9.26
N ASN B 581 28.03 24.53 9.63
CA ASN B 581 27.84 23.09 9.78
C ASN B 581 26.75 22.79 10.79
N TYR B 582 26.69 23.57 11.88
CA TYR B 582 25.71 23.29 12.92
C TYR B 582 24.35 23.85 12.57
N LYS B 583 24.30 24.93 11.80
CA LYS B 583 23.02 25.41 11.29
C LYS B 583 22.49 24.49 10.21
N LYS B 584 23.37 23.96 9.35
CA LYS B 584 22.93 23.02 8.33
C LYS B 584 22.37 21.75 8.94
N PHE B 585 23.14 21.10 9.83
CA PHE B 585 22.63 19.96 10.59
C PHE B 585 21.35 20.33 11.35
N LEU B 586 21.27 21.58 11.81
CA LEU B 586 20.12 21.99 12.60
C LEU B 586 18.84 21.98 11.78
N THR B 587 18.90 22.48 10.56
CA THR B 587 17.70 22.69 9.75
C THR B 587 17.54 21.58 8.72
N ASN B 588 16.48 20.79 8.88
CA ASN B 588 16.02 19.81 7.90
C ASN B 588 17.18 19.03 7.26
N ASN B 589 18.07 18.56 8.12
CA ASN B 589 19.06 17.60 7.64
C ASN B 589 18.95 16.32 8.47
N ASP B 590 17.82 15.63 8.36
CA ASP B 590 17.52 14.48 9.19
C ASP B 590 17.67 13.16 8.45
N SER B 591 18.18 13.21 7.22
CA SER B 591 18.35 12.00 6.41
C SER B 591 19.48 11.10 6.91
N ILE B 592 20.21 11.51 7.95
CA ILE B 592 21.39 10.77 8.40
C ILE B 592 21.08 9.65 9.39
N ASN B 593 20.06 9.81 10.23
CA ASN B 593 19.83 8.93 11.36
C ASN B 593 19.16 7.62 10.91
N GLY B 594 18.71 6.82 11.87
CA GLY B 594 17.94 5.62 11.60
C GLY B 594 16.45 5.87 11.68
N VAL B 595 15.81 5.45 12.77
CA VAL B 595 14.40 5.72 13.00
C VAL B 595 14.18 6.92 13.94
N SER B 596 15.21 7.38 14.63
CA SER B 596 15.11 8.48 15.57
C SER B 596 15.00 9.83 14.85
N THR B 597 14.27 10.77 15.47
CA THR B 597 14.06 12.10 14.89
C THR B 597 14.45 13.20 15.87
N ILE B 598 14.79 14.36 15.31
CA ILE B 598 15.13 15.55 16.07
C ILE B 598 14.25 16.69 15.56
N ASN B 599 13.34 17.17 16.40
CA ASN B 599 12.40 18.21 16.02
C ASN B 599 12.56 19.41 16.92
N PHE B 600 12.52 20.59 16.33
CA PHE B 600 12.48 21.84 17.06
C PHE B 600 11.22 22.60 16.69
N GLU B 601 10.57 23.16 17.70
CA GLU B 601 9.53 24.14 17.40
C GLU B 601 10.17 25.36 16.76
N GLU B 602 9.36 26.09 16.00
CA GLU B 602 9.88 27.22 15.24
C GLU B 602 10.58 28.22 16.15
N VAL B 603 9.90 28.64 17.20
CA VAL B 603 10.42 29.65 18.11
C VAL B 603 11.68 29.15 18.81
N ALA B 604 11.68 27.88 19.22
CA ALA B 604 12.88 27.30 19.84
C ALA B 604 14.04 27.25 18.85
N LYS B 605 13.75 26.93 17.59
CA LYS B 605 14.80 26.93 16.57
C LYS B 605 15.45 28.29 16.46
N LYS B 606 14.64 29.35 16.48
CA LYS B 606 15.18 30.70 16.46
C LYS B 606 16.01 30.98 17.71
N GLN B 607 15.58 30.45 18.85
CA GLN B 607 16.32 30.66 20.10
C GLN B 607 17.74 30.10 20.01
N ILE B 608 17.85 28.89 19.46
CA ILE B 608 19.17 28.30 19.27
C ILE B 608 19.96 29.09 18.24
N TYR B 609 19.31 29.46 17.13
CA TYR B 609 19.97 30.29 16.13
C TYR B 609 20.53 31.55 16.75
N ASN B 610 19.71 32.27 17.52
CA ASN B 610 20.17 33.48 18.20
C ASN B 610 21.36 33.17 19.10
N SER B 611 21.27 32.09 19.87
CA SER B 611 22.35 31.74 20.78
C SER B 611 23.62 31.38 20.04
N LEU B 612 23.51 30.61 18.96
CA LEU B 612 24.69 30.24 18.19
C LEU B 612 25.31 31.46 17.50
N ASP B 613 24.50 32.45 17.12
CA ASP B 613 25.02 33.64 16.46
C ASP B 613 25.74 34.56 17.44
N ALA B 614 25.11 34.84 18.59
CA ALA B 614 25.64 35.82 19.53
C ALA B 614 26.76 35.27 20.41
N VAL B 615 27.16 34.01 20.23
CA VAL B 615 28.19 33.38 21.05
C VAL B 615 29.39 33.07 20.16
N SER B 616 30.59 33.40 20.65
CA SER B 616 31.81 33.08 19.94
C SER B 616 32.24 31.66 20.26
N LEU B 617 32.56 30.88 19.22
CA LEU B 617 33.03 29.51 19.38
C LEU B 617 34.55 29.41 19.35
N ASN B 618 35.25 30.51 19.16
CA ASN B 618 36.70 30.55 19.19
C ASN B 618 37.24 31.08 20.53
N GLN B 619 36.39 31.14 21.55
CA GLN B 619 36.79 31.75 22.81
C GLN B 619 38.02 31.07 23.37
N ASN B 620 38.90 31.87 24.00
CA ASN B 620 40.13 31.33 24.55
C ASN B 620 39.85 30.45 25.77
N LYS B 621 38.76 30.70 26.48
CA LYS B 621 38.39 29.83 27.59
C LYS B 621 38.02 28.44 27.10
N LEU B 622 37.29 28.37 25.98
CA LEU B 622 36.85 27.08 25.46
C LEU B 622 38.01 26.26 24.91
N ILE B 623 38.99 26.90 24.27
CA ILE B 623 40.11 26.14 23.74
C ILE B 623 41.01 25.64 24.86
N LEU B 624 41.17 26.44 25.92
CA LEU B 624 41.97 25.98 27.06
C LEU B 624 41.35 24.75 27.71
N LYS B 625 40.03 24.79 27.95
CA LYS B 625 39.36 23.65 28.54
C LYS B 625 39.48 22.42 27.64
N ALA B 626 39.40 22.60 26.33
CA ALA B 626 39.53 21.48 25.40
C ALA B 626 40.90 20.85 25.50
N TYR B 627 41.95 21.67 25.62
CA TYR B 627 43.29 21.13 25.75
C TYR B 627 43.42 20.31 27.03
N GLU B 628 42.87 20.81 28.14
CA GLU B 628 42.95 20.08 29.40
C GLU B 628 42.21 18.76 29.32
N GLU B 629 41.04 18.74 28.67
CA GLU B 629 40.31 17.50 28.46
C GLU B 629 41.15 16.50 27.69
N VAL B 630 41.74 16.94 26.58
CA VAL B 630 42.55 16.05 25.77
C VAL B 630 43.74 15.54 26.57
N GLU B 631 44.34 16.41 27.40
CA GLU B 631 45.45 15.98 28.24
C GLU B 631 45.03 14.86 29.20
N ASN B 632 43.85 14.98 29.79
CA ASN B 632 43.36 13.93 30.69
C ASN B 632 43.16 12.62 29.95
N ARG B 633 42.68 12.68 28.71
CA ARG B 633 42.40 11.48 27.94
C ARG B 633 43.65 10.59 27.81
N LEU B 634 44.83 11.22 27.72
CA LEU B 634 46.08 10.52 27.46
C LEU B 634 47.16 10.74 28.50
N GLY B 635 46.98 11.66 29.43
CA GLY B 635 48.03 11.92 30.41
C GLY B 635 49.33 12.43 29.80
N HIS B 636 49.24 13.31 28.81
CA HIS B 636 50.40 13.82 28.09
C HIS B 636 50.14 15.27 27.70
N MSE B 637 51.17 15.89 27.14
CA MSE B 637 50.96 17.08 26.32
C MSE B 637 50.74 16.55 24.91
O MSE B 637 51.69 16.12 24.25
CB MSE B 637 52.15 18.04 26.39
CG MSE B 637 52.07 19.21 25.39
SE MSE B 637 53.59 20.44 25.47
CE MSE B 637 53.23 21.27 27.19
N PRO B 638 49.49 16.56 24.46
CA PRO B 638 49.13 15.84 23.23
C PRO B 638 49.43 16.62 21.96
N LEU B 639 49.45 15.88 20.86
CA LEU B 639 49.50 16.45 19.54
C LEU B 639 48.08 16.73 19.05
N LEU B 640 47.97 17.35 17.87
CA LEU B 640 46.66 17.67 17.33
C LEU B 640 45.84 16.42 17.06
N MSE B 641 46.48 15.27 16.89
CA MSE B 641 45.79 14.01 16.65
C MSE B 641 44.80 13.71 17.74
O MSE B 641 43.64 13.40 17.49
CB MSE B 641 46.80 12.87 16.53
CG MSE B 641 47.38 12.74 15.15
SE MSE B 641 46.02 13.24 13.85
CE MSE B 641 46.51 12.00 12.44
N ASP B 642 45.27 13.84 18.99
CA ASP B 642 44.47 13.51 20.15
C ASP B 642 43.25 14.41 20.29
N PHE B 643 43.14 15.45 19.48
CA PHE B 643 41.89 16.18 19.39
C PHE B 643 40.92 15.53 18.41
N ILE B 644 41.44 14.71 17.49
CA ILE B 644 40.64 14.02 16.49
C ILE B 644 40.20 12.67 17.06
N GLN B 645 41.17 11.82 17.40
CA GLN B 645 40.87 10.47 17.84
C GLN B 645 39.97 10.44 19.05
N GLN B 646 40.01 11.49 19.88
CA GLN B 646 39.17 11.57 21.06
C GLN B 646 38.00 12.51 20.90
N HIS B 647 37.79 13.08 19.70
CA HIS B 647 36.64 13.91 19.37
C HIS B 647 36.44 15.04 20.40
N SER B 648 37.35 16.00 20.34
CA SER B 648 37.36 17.12 21.28
C SER B 648 37.29 18.47 20.58
N ILE B 649 38.18 18.72 19.63
CA ILE B 649 38.26 19.99 18.90
C ILE B 649 38.97 19.72 17.59
N ASP B 650 38.34 20.03 16.47
CA ASP B 650 39.03 19.87 15.19
C ASP B 650 40.15 20.89 15.09
N PRO B 651 41.36 20.48 14.72
CA PRO B 651 42.48 21.43 14.68
C PRO B 651 42.26 22.63 13.77
N SER B 652 41.33 22.54 12.81
CA SER B 652 40.95 23.72 12.06
C SER B 652 40.35 24.79 12.94
N VAL B 653 39.78 24.40 14.09
CA VAL B 653 39.25 25.36 15.06
C VAL B 653 40.38 25.97 15.88
N ILE B 654 41.45 25.21 16.11
CA ILE B 654 42.60 25.75 16.84
C ILE B 654 43.26 26.86 16.05
N PHE B 655 43.25 26.75 14.72
CA PHE B 655 43.97 27.72 13.91
C PHE B 655 43.19 29.02 13.77
N SER B 656 41.88 28.94 13.95
CA SER B 656 41.05 30.14 13.79
C SER B 656 41.38 31.19 14.83
N LYS B 657 41.84 30.76 16.01
CA LYS B 657 42.19 31.70 17.08
C LYS B 657 43.69 31.90 17.22
N PHE B 658 44.48 30.88 16.98
CA PHE B 658 45.93 30.96 17.07
C PHE B 658 46.57 30.49 15.78
N SER B 659 47.56 31.24 15.29
CA SER B 659 48.27 30.85 14.08
C SER B 659 49.02 29.53 14.27
N ASN B 660 49.28 29.14 15.51
CA ASN B 660 49.96 27.88 15.79
C ASN B 660 49.40 27.29 17.07
N TYR B 661 49.42 25.96 17.15
CA TYR B 661 49.24 25.28 18.43
C TYR B 661 50.28 25.74 19.44
N TYR B 662 51.52 25.94 18.96
CA TYR B 662 52.63 26.33 19.83
C TYR B 662 52.35 27.66 20.53
N GLU B 663 51.88 28.65 19.78
CA GLU B 663 51.61 29.96 20.38
C GLU B 663 50.55 29.86 21.47
N PHE B 664 49.53 29.02 21.25
CA PHE B 664 48.53 28.77 22.29
C PHE B 664 49.17 28.12 23.52
N LEU B 665 50.07 27.15 23.31
CA LEU B 665 50.84 26.60 24.41
C LEU B 665 51.61 27.69 25.16
N VAL B 666 52.03 28.73 24.42
CA VAL B 666 52.94 29.73 24.99
C VAL B 666 52.19 30.71 25.89
N ARG B 667 50.96 31.07 25.51
CA ARG B 667 50.16 31.94 26.37
C ARG B 667 50.02 31.35 27.78
N TYR B 668 50.01 30.03 27.88
CA TYR B 668 49.97 29.34 29.17
C TYR B 668 51.03 28.25 29.17
N SER B 680 57.40 29.22 13.66
CA SER B 680 56.25 30.11 13.55
C SER B 680 55.70 30.11 12.13
N LYS B 681 56.39 30.81 11.22
CA LYS B 681 55.97 30.83 9.82
C LYS B 681 55.91 29.42 9.25
N ASN B 682 56.90 28.58 9.59
CA ASN B 682 56.91 27.20 9.13
C ASN B 682 55.68 26.46 9.63
N LEU B 683 55.36 26.61 10.92
CA LEU B 683 54.18 25.97 11.48
C LEU B 683 52.91 26.45 10.78
N VAL B 684 52.71 27.77 10.72
CA VAL B 684 51.49 28.32 10.13
C VAL B 684 51.35 27.91 8.67
N PHE B 685 52.44 28.00 7.90
CA PHE B 685 52.38 27.54 6.51
C PHE B 685 52.11 26.05 6.44
N PHE B 686 52.89 25.26 7.18
CA PHE B 686 52.88 23.81 6.98
C PHE B 686 51.51 23.23 7.29
N SER B 687 50.91 23.67 8.39
CA SER B 687 49.52 23.35 8.65
C SER B 687 48.69 23.81 7.45
N ARG B 688 48.60 25.14 7.26
CA ARG B 688 47.74 25.70 6.22
C ARG B 688 47.95 25.01 4.87
N GLN B 689 49.20 24.75 4.49
CA GLN B 689 49.47 24.12 3.21
C GLN B 689 48.92 22.69 3.18
N ILE B 690 49.10 21.95 4.26
CA ILE B 690 48.75 20.54 4.28
C ILE B 690 47.50 20.24 5.11
N ALA B 691 47.08 21.12 6.04
CA ALA B 691 45.97 20.80 6.94
C ALA B 691 44.74 20.29 6.19
N PRO B 692 44.40 20.79 5.01
CA PRO B 692 43.54 19.98 4.11
C PRO B 692 44.35 19.24 3.07
N GLY B 693 43.84 18.09 2.63
CA GLY B 693 44.52 17.20 1.69
C GLY B 693 44.65 17.67 0.26
N LEU B 694 43.52 17.96 -0.37
CA LEU B 694 43.47 18.58 -1.69
C LEU B 694 44.16 17.72 -2.76
N LYS B 695 43.49 16.59 -3.04
CA LYS B 695 43.75 15.68 -4.14
C LYS B 695 44.98 14.81 -3.91
N ARG B 696 45.81 15.12 -2.91
CA ARG B 696 46.95 14.31 -2.47
C ARG B 696 48.12 14.30 -3.45
N ILE B 697 48.07 15.11 -4.51
CA ILE B 697 49.27 15.31 -5.33
C ILE B 697 50.39 15.85 -4.46
N ASP B 698 50.10 16.86 -3.65
CA ASP B 698 51.04 17.27 -2.61
C ASP B 698 51.29 16.14 -1.60
N SER B 699 50.23 15.45 -1.16
CA SER B 699 50.40 14.45 -0.11
C SER B 699 51.40 13.36 -0.49
N LEU B 700 51.32 12.86 -1.73
CA LEU B 700 52.21 11.78 -2.16
C LEU B 700 53.52 12.30 -2.76
N VAL B 701 53.45 13.33 -3.61
CA VAL B 701 54.68 13.83 -4.23
C VAL B 701 55.55 14.56 -3.21
N LEU B 702 54.97 15.31 -2.28
CA LEU B 702 55.79 15.93 -1.23
C LEU B 702 56.28 14.89 -0.22
N GLU B 703 55.55 13.79 -0.07
CA GLU B 703 56.07 12.67 0.72
C GLU B 703 57.34 12.13 0.09
N GLU B 704 57.35 11.97 -1.23
CA GLU B 704 58.57 11.57 -1.92
C GLU B 704 59.67 12.63 -1.77
N LEU B 705 59.30 13.91 -1.83
CA LEU B 705 60.27 14.98 -1.61
C LEU B 705 60.78 14.98 -0.17
N LEU B 706 59.92 14.62 0.79
CA LEU B 706 60.35 14.57 2.19
C LEU B 706 61.38 13.46 2.42
N LYS B 707 61.24 12.34 1.70
CA LYS B 707 62.16 11.21 1.85
C LYS B 707 62.16 10.33 0.59
N ILE B 731 49.31 15.94 -15.22
CA ILE B 731 50.66 16.30 -14.80
C ILE B 731 50.71 17.75 -14.32
N ASP B 732 49.78 18.56 -14.82
CA ASP B 732 49.75 19.97 -14.43
C ASP B 732 49.45 20.14 -12.95
N THR B 733 48.54 19.32 -12.41
CA THR B 733 48.23 19.40 -10.98
C THR B 733 49.45 19.07 -10.14
N SER B 734 50.25 18.09 -10.58
CA SER B 734 51.54 17.81 -9.95
C SER B 734 52.37 19.08 -9.93
N LEU B 735 52.70 19.60 -11.11
CA LEU B 735 53.44 20.86 -11.24
C LEU B 735 52.90 21.93 -10.29
N ARG B 736 51.57 22.12 -10.30
CA ARG B 736 50.95 23.12 -9.44
C ARG B 736 51.32 22.91 -7.97
N ILE B 737 51.43 21.65 -7.55
CA ILE B 737 51.77 21.36 -6.16
C ILE B 737 53.18 21.81 -5.84
N LEU B 738 54.11 21.62 -6.79
CA LEU B 738 55.49 22.04 -6.56
C LEU B 738 55.60 23.56 -6.46
N ASP B 739 54.92 24.27 -7.36
CA ASP B 739 54.97 25.73 -7.33
C ASP B 739 54.40 26.27 -6.03
N PHE B 740 53.34 25.62 -5.51
CA PHE B 740 52.71 26.11 -4.28
C PHE B 740 53.64 25.95 -3.08
N SER B 741 54.33 24.81 -3.00
CA SER B 741 55.25 24.59 -1.89
C SER B 741 56.44 25.55 -1.96
N PHE B 742 56.94 25.82 -3.17
CA PHE B 742 58.04 26.76 -3.32
C PHE B 742 57.59 28.18 -3.01
N TYR B 743 56.64 28.69 -3.79
CA TYR B 743 56.12 30.05 -3.64
C TYR B 743 55.40 30.21 -2.30
N SER B 774 63.11 24.17 19.10
CA SER B 774 64.10 23.18 18.72
C SER B 774 63.87 22.65 17.30
N ASN B 775 64.75 21.78 16.84
CA ASN B 775 64.67 21.18 15.52
C ASN B 775 64.12 19.75 15.57
N GLN B 776 64.63 18.93 16.49
CA GLN B 776 64.10 17.58 16.65
C GLN B 776 62.64 17.63 17.08
N THR B 777 62.31 18.55 17.99
CA THR B 777 60.91 18.79 18.33
C THR B 777 60.13 19.23 17.09
N PHE B 778 60.76 20.01 16.21
CA PHE B 778 60.09 20.49 15.02
C PHE B 778 59.72 19.34 14.09
N ASN B 779 60.61 18.35 13.96
CA ASN B 779 60.32 17.19 13.11
C ASN B 779 59.14 16.41 13.66
N MSE B 780 59.12 16.17 14.97
CA MSE B 780 57.99 15.52 15.63
C MSE B 780 56.71 16.31 15.39
O MSE B 780 55.65 15.73 15.14
CB MSE B 780 58.26 15.37 17.12
CG MSE B 780 57.01 15.36 17.99
SE MSE B 780 57.43 15.42 19.89
CE MSE B 780 56.28 16.91 20.40
N PHE B 781 56.82 17.63 15.46
CA PHE B 781 55.65 18.48 15.29
C PHE B 781 55.18 18.50 13.84
N LEU B 782 56.12 18.39 12.90
CA LEU B 782 55.73 18.22 11.50
C LEU B 782 54.92 16.93 11.33
N GLU B 783 55.27 15.89 12.10
CA GLU B 783 54.63 14.59 11.95
C GLU B 783 53.14 14.66 12.28
N ASP B 784 52.79 15.35 13.37
CA ASP B 784 51.38 15.45 13.75
C ASP B 784 50.59 16.24 12.70
N LEU B 785 51.17 17.33 12.20
CA LEU B 785 50.46 18.15 11.22
C LEU B 785 50.27 17.39 9.91
N ILE B 786 51.32 16.72 9.43
CA ILE B 786 51.21 15.99 8.18
C ILE B 786 50.29 14.78 8.35
N GLU B 787 50.29 14.17 9.53
CA GLU B 787 49.39 13.05 9.77
C GLU B 787 47.95 13.50 9.80
N LEU B 788 47.67 14.62 10.47
CA LEU B 788 46.34 15.24 10.38
C LEU B 788 46.00 15.56 8.94
N SER B 789 46.97 16.09 8.18
CA SER B 789 46.75 16.39 6.77
C SER B 789 46.20 15.19 6.02
N LYS B 790 46.89 14.05 6.13
CA LYS B 790 46.48 12.86 5.39
C LYS B 790 45.13 12.32 5.88
N TYR B 791 44.93 12.27 7.20
CA TYR B 791 43.63 11.84 7.73
C TYR B 791 42.53 12.77 7.27
N ASN B 792 42.73 14.08 7.41
CA ASN B 792 41.76 15.06 6.94
C ASN B 792 41.45 14.87 5.46
N ASN B 793 42.47 14.57 4.66
CA ASN B 793 42.29 14.33 3.23
C ASN B 793 41.27 13.21 2.98
N GLU B 794 41.58 12.01 3.47
CA GLU B 794 40.74 10.84 3.19
C GLU B 794 39.31 11.05 3.68
N LYS B 795 39.14 11.43 4.96
CA LYS B 795 37.82 11.58 5.54
C LYS B 795 36.97 12.61 4.80
N TYR B 796 37.59 13.66 4.27
CA TYR B 796 36.85 14.75 3.64
C TYR B 796 37.00 14.83 2.12
N GLN B 797 38.10 14.35 1.54
CA GLN B 797 38.35 14.51 0.11
C GLN B 797 38.64 13.21 -0.64
N LYS B 798 38.63 12.06 0.05
CA LYS B 798 38.94 10.77 -0.56
C LYS B 798 40.28 10.81 -1.29
N GLY B 799 40.27 10.58 -2.61
CA GLY B 799 41.47 10.62 -3.43
C GLY B 799 41.42 11.75 -4.45
N LEU B 803 38.17 17.75 -5.56
CA LEU B 803 37.01 18.18 -6.31
C LEU B 803 35.82 17.23 -6.11
N ILE B 804 35.12 17.38 -4.98
CA ILE B 804 34.03 16.50 -4.60
C ILE B 804 32.75 17.31 -4.49
N LEU B 805 31.64 16.73 -4.96
CA LEU B 805 30.39 17.46 -5.06
C LEU B 805 29.79 17.77 -3.69
N TYR B 806 28.98 18.82 -3.66
CA TYR B 806 28.23 19.25 -2.47
C TYR B 806 29.14 19.39 -1.26
N ASN B 807 30.42 19.59 -1.52
CA ASN B 807 31.42 19.84 -0.50
C ASN B 807 31.60 21.33 -0.31
N LYS B 808 32.56 21.69 0.52
CA LYS B 808 32.87 23.10 0.77
C LYS B 808 34.30 23.37 0.31
N TYR B 809 34.46 24.41 -0.50
CA TYR B 809 35.77 24.84 -0.93
C TYR B 809 35.83 26.35 -0.81
N SER B 810 37.05 26.88 -0.72
CA SER B 810 37.29 28.30 -0.73
C SER B 810 38.09 28.64 -1.98
N ARG B 811 37.80 29.79 -2.58
CA ARG B 811 38.45 30.27 -3.79
C ARG B 811 39.91 29.86 -3.88
N GLU B 812 40.65 30.05 -2.77
CA GLU B 812 42.04 29.63 -2.73
C GLU B 812 42.18 28.13 -2.94
N ASP B 813 41.34 27.33 -2.27
CA ASP B 813 41.39 25.88 -2.46
C ASP B 813 41.09 25.50 -3.91
N PHE B 814 40.26 26.27 -4.59
CA PHE B 814 39.99 26.01 -6.00
C PHE B 814 41.21 26.38 -6.86
N ILE B 833 36.95 34.13 -14.81
CA ILE B 833 37.05 33.26 -15.98
C ILE B 833 38.50 33.11 -16.44
N LYS B 834 38.94 31.86 -16.58
CA LYS B 834 40.28 31.58 -17.07
C LYS B 834 40.20 30.84 -18.42
N SER B 835 41.24 30.07 -18.75
CA SER B 835 41.29 29.37 -20.02
C SER B 835 40.15 28.36 -20.15
N GLN B 836 40.18 27.32 -19.32
CA GLN B 836 39.10 26.33 -19.26
C GLN B 836 38.45 26.34 -17.89
N GLU B 837 38.30 27.53 -17.30
CA GLU B 837 37.76 27.67 -15.96
C GLU B 837 36.88 28.90 -15.91
N MSE B 838 35.62 28.71 -15.53
CA MSE B 838 34.77 29.83 -15.15
C MSE B 838 34.12 29.55 -13.79
O MSE B 838 33.05 28.97 -13.72
CB MSE B 838 33.71 30.14 -16.19
CG MSE B 838 32.85 31.34 -15.81
SE MSE B 838 31.79 32.11 -17.26
CE MSE B 838 30.71 33.37 -16.24
N PRO B 839 34.80 29.97 -12.73
CA PRO B 839 34.29 29.73 -11.37
C PRO B 839 33.38 30.85 -10.89
N ILE B 840 32.14 30.52 -10.55
CA ILE B 840 31.18 31.49 -10.04
C ILE B 840 31.00 31.25 -8.55
N PHE B 841 31.15 32.31 -7.76
CA PHE B 841 31.06 32.25 -6.30
C PHE B 841 29.96 33.20 -5.84
N ILE B 842 28.81 32.64 -5.47
CA ILE B 842 27.64 33.41 -5.06
C ILE B 842 27.46 33.29 -3.55
N THR B 843 27.02 34.36 -2.91
CA THR B 843 26.61 34.35 -1.51
C THR B 843 25.10 34.61 -1.52
N TYR B 844 24.33 33.54 -1.52
CA TYR B 844 22.87 33.62 -1.71
C TYR B 844 22.24 34.56 -0.69
N ASP B 845 21.53 35.57 -1.19
CA ASP B 845 20.97 36.63 -0.37
C ASP B 845 19.65 37.10 -1.00
N LYS B 846 18.69 36.18 -1.13
CA LYS B 846 17.43 36.52 -1.78
C LYS B 846 16.51 37.30 -0.85
N HIS B 847 16.31 36.80 0.37
CA HIS B 847 15.45 37.44 1.36
C HIS B 847 14.03 37.63 0.82
N GLU B 857 19.08 40.53 -7.05
CA GLU B 857 20.10 39.62 -6.50
C GLU B 857 19.96 38.18 -7.03
N ASP B 858 21.07 37.44 -7.00
CA ASP B 858 21.07 36.05 -7.45
C ASP B 858 20.07 35.24 -6.65
N GLU B 859 19.20 34.53 -7.35
CA GLU B 859 18.14 33.75 -6.72
C GLU B 859 17.93 32.47 -7.51
N PHE B 860 17.57 31.40 -6.80
CA PHE B 860 17.27 30.13 -7.43
C PHE B 860 15.85 30.15 -7.99
N LEU B 861 15.69 29.66 -9.21
CA LEU B 861 14.37 29.53 -9.82
C LEU B 861 13.81 28.12 -9.70
N SER B 862 14.67 27.12 -9.57
CA SER B 862 14.27 25.73 -9.36
C SER B 862 15.53 24.99 -8.91
N GLN B 863 15.43 23.66 -8.82
CA GLN B 863 16.61 22.85 -8.55
C GLN B 863 17.53 22.71 -9.75
N ASP B 864 17.21 23.39 -10.86
CA ASP B 864 17.97 23.32 -12.10
C ASP B 864 18.48 24.66 -12.60
N GLU B 865 17.84 25.77 -12.22
CA GLU B 865 18.19 27.09 -12.74
C GLU B 865 18.31 28.10 -11.62
N LEU B 866 19.10 29.15 -11.88
CA LEU B 866 19.18 30.31 -11.02
C LEU B 866 19.38 31.54 -11.90
N LYS B 867 19.15 32.71 -11.32
CA LYS B 867 19.38 33.97 -12.02
C LYS B 867 20.77 34.51 -11.66
N TRP B 868 21.55 34.84 -12.68
CA TRP B 868 22.93 35.26 -12.49
C TRP B 868 23.08 36.74 -12.83
N PHE B 869 23.53 37.52 -11.85
CA PHE B 869 23.89 38.92 -12.07
C PHE B 869 25.39 39.04 -12.24
N THR B 870 25.81 39.96 -13.11
CA THR B 870 27.22 40.30 -13.23
C THR B 870 27.54 41.44 -12.28
N LYS B 871 28.73 42.02 -12.41
CA LYS B 871 29.08 43.19 -11.61
C LYS B 871 28.27 44.38 -12.08
N SER B 872 28.24 45.41 -11.24
CA SER B 872 27.56 46.65 -11.61
C SER B 872 28.32 47.36 -12.73
N ASN B 873 27.58 48.08 -13.56
CA ASN B 873 28.13 48.78 -14.73
C ASN B 873 28.78 47.81 -15.72
N ARG B 874 28.24 46.61 -15.83
CA ARG B 874 28.73 45.67 -16.83
C ARG B 874 28.06 45.93 -18.17
N THR B 875 28.86 45.86 -19.24
CA THR B 875 28.59 46.52 -20.51
C THR B 875 27.37 45.97 -21.24
N LEU B 876 26.79 44.85 -20.79
CA LEU B 876 25.74 44.12 -21.53
C LEU B 876 26.13 43.85 -22.98
N GLU B 877 27.42 43.99 -23.30
CA GLU B 877 27.92 43.85 -24.65
C GLU B 877 29.44 43.77 -24.58
N SER B 878 30.04 43.38 -25.70
CA SER B 878 31.51 43.38 -25.89
C SER B 878 32.13 42.45 -24.83
N LYS B 879 33.23 42.88 -24.21
CA LYS B 879 34.09 41.93 -23.49
C LYS B 879 33.42 41.34 -22.27
N GLU B 880 32.56 42.11 -21.59
CA GLU B 880 32.01 41.67 -20.32
C GLU B 880 31.03 40.52 -20.50
N VAL B 881 30.20 40.58 -21.53
CA VAL B 881 29.09 39.66 -21.71
C VAL B 881 29.36 38.70 -22.87
N GLN B 882 29.80 39.22 -24.02
CA GLN B 882 30.09 38.36 -25.16
C GLN B 882 31.15 37.30 -24.86
N LYS B 883 32.04 37.56 -23.91
CA LYS B 883 32.91 36.49 -23.41
C LYS B 883 32.11 35.49 -22.60
N ILE B 884 31.21 35.97 -21.75
CA ILE B 884 30.38 35.08 -20.93
C ILE B 884 29.37 34.35 -21.79
N LEU B 885 28.63 35.09 -22.63
CA LEU B 885 27.65 34.46 -23.50
C LEU B 885 28.28 33.44 -24.44
N SER B 886 29.59 33.53 -24.68
CA SER B 886 30.28 32.49 -25.44
C SER B 886 30.65 31.30 -24.55
N HIS B 887 31.06 31.58 -23.31
CA HIS B 887 31.59 30.53 -22.44
C HIS B 887 30.52 29.49 -22.09
N ARG B 888 29.42 29.94 -21.48
CA ARG B 888 28.34 29.02 -21.15
C ARG B 888 27.69 28.42 -22.39
N ALA B 889 27.81 29.09 -23.54
CA ALA B 889 27.31 28.51 -24.79
C ALA B 889 28.21 27.41 -25.29
N LYS B 890 29.50 27.70 -25.46
CA LYS B 890 30.45 26.73 -26.00
C LYS B 890 31.79 26.92 -25.34
N GLY B 891 32.62 25.88 -25.42
CA GLY B 891 33.98 25.97 -24.90
C GLY B 891 34.10 25.73 -23.41
N ILE B 892 34.28 26.81 -22.64
CA ILE B 892 34.54 26.68 -21.21
C ILE B 892 33.29 26.19 -20.49
N LYS B 893 33.51 25.51 -19.36
CA LYS B 893 32.43 25.03 -18.51
C LYS B 893 32.42 25.85 -17.22
N MSE B 894 31.21 26.11 -16.71
CA MSE B 894 31.05 26.91 -15.49
C MSE B 894 31.19 26.07 -14.23
O MSE B 894 30.96 24.85 -14.25
CB MSE B 894 29.68 27.60 -15.49
CG MSE B 894 29.63 28.89 -16.32
SE MSE B 894 27.82 29.54 -16.66
CE MSE B 894 27.16 29.59 -14.83
N TYR B 895 31.57 26.72 -13.13
CA TYR B 895 31.68 26.08 -11.83
C TYR B 895 31.01 27.00 -10.81
N ILE B 896 29.83 26.60 -10.35
CA ILE B 896 28.98 27.44 -9.51
C ILE B 896 29.21 27.08 -8.04
N PHE B 897 29.43 28.10 -7.22
CA PHE B 897 29.58 27.95 -5.79
C PHE B 897 28.61 28.90 -5.08
N VAL B 898 27.91 28.38 -4.07
CA VAL B 898 26.88 29.14 -3.37
C VAL B 898 27.18 29.09 -1.87
N GLN B 899 27.29 30.27 -1.28
CA GLN B 899 27.39 30.45 0.16
C GLN B 899 26.04 30.87 0.70
N LYS B 900 25.86 30.70 2.01
CA LYS B 900 24.76 31.32 2.72
C LYS B 900 25.29 32.55 3.45
N LYS B 901 24.44 33.57 3.58
CA LYS B 901 24.92 34.89 3.95
C LYS B 901 25.54 34.94 5.35
N ASP B 902 25.29 33.93 6.19
CA ASP B 902 25.89 33.88 7.51
C ASP B 902 27.29 33.29 7.51
N ASP B 903 27.71 32.67 6.41
CA ASP B 903 28.90 31.84 6.34
C ASP B 903 30.17 32.68 6.17
N ASP B 904 31.33 32.02 6.07
CA ASP B 904 32.62 32.68 5.98
C ASP B 904 33.44 32.08 4.83
N GLY B 905 34.68 32.55 4.70
CA GLY B 905 35.35 32.48 3.41
C GLY B 905 35.75 31.07 3.01
N ILE B 906 36.13 30.25 4.00
CA ILE B 906 36.74 28.95 3.71
C ILE B 906 35.60 28.02 3.36
N TYR B 907 34.39 28.56 3.34
CA TYR B 907 33.21 27.73 3.19
C TYR B 907 32.37 28.25 2.04
N PHE B 908 32.39 27.52 0.92
CA PHE B 908 31.55 27.82 -0.23
C PHE B 908 31.13 26.49 -0.86
N TYR B 909 29.84 26.17 -0.81
CA TYR B 909 29.36 24.92 -1.37
C TYR B 909 29.66 24.83 -2.86
N TYR B 910 29.83 23.61 -3.34
CA TYR B 910 30.04 23.34 -4.76
C TYR B 910 28.83 22.58 -5.29
N LEU B 911 28.17 23.16 -6.29
CA LEU B 911 26.93 22.58 -6.81
C LEU B 911 27.11 21.89 -8.15
N GLY B 912 28.23 22.10 -8.84
CA GLY B 912 28.47 21.42 -10.10
C GLY B 912 28.78 22.36 -11.24
N THR B 913 28.37 21.98 -12.44
CA THR B 913 28.60 22.78 -13.64
C THR B 913 27.27 23.27 -14.20
N ALA B 914 27.36 24.24 -15.12
CA ALA B 914 26.17 24.90 -15.66
C ALA B 914 26.46 25.41 -17.06
N GLY B 915 25.46 26.07 -17.65
CA GLY B 915 25.61 26.70 -18.94
C GLY B 915 24.78 27.96 -19.03
N TYR B 916 23.97 28.07 -20.08
CA TYR B 916 23.03 29.17 -20.21
C TYR B 916 21.73 28.62 -20.77
N ILE B 917 20.63 29.34 -20.49
CA ILE B 917 19.38 29.01 -21.14
C ILE B 917 19.41 29.41 -22.62
N GLU B 918 20.34 30.30 -22.98
CA GLU B 918 20.62 30.69 -24.36
C GLU B 918 19.48 31.48 -24.99
N GLY B 919 18.33 31.54 -24.32
CA GLY B 919 17.17 32.23 -24.85
C GLY B 919 16.66 33.35 -23.97
N SER B 920 16.87 34.59 -24.41
CA SER B 920 16.32 35.78 -23.76
C SER B 920 16.77 35.91 -22.31
N GLU B 921 17.99 35.45 -22.00
CA GLU B 921 18.59 35.74 -20.70
C GLU B 921 19.39 37.04 -20.75
N LYS B 922 18.74 38.07 -21.28
CA LYS B 922 19.31 39.40 -21.36
C LYS B 922 18.54 40.35 -20.44
N GLN B 923 19.16 41.47 -20.09
CA GLN B 923 18.54 42.44 -19.20
C GLN B 923 19.39 43.71 -19.16
N ASP B 924 19.00 44.63 -18.29
CA ASP B 924 19.76 45.83 -17.96
C ASP B 924 19.47 46.19 -16.50
N LYS B 925 19.77 47.43 -16.12
CA LYS B 925 19.72 47.82 -14.73
C LYS B 925 18.49 48.67 -14.40
N MSE B 926 18.37 49.02 -13.13
CA MSE B 926 17.35 49.94 -12.65
C MSE B 926 17.71 51.36 -13.08
O MSE B 926 18.85 51.63 -13.48
CB MSE B 926 17.26 49.87 -11.12
N PRO B 927 16.74 52.28 -13.01
CA PRO B 927 17.06 53.67 -13.38
C PRO B 927 18.18 54.27 -12.52
N ASN B 928 18.36 53.81 -11.29
CA ASN B 928 19.22 54.52 -10.35
C ASN B 928 20.70 54.16 -10.52
N GLY B 929 20.98 52.92 -10.92
CA GLY B 929 22.24 52.29 -10.68
C GLY B 929 23.08 52.08 -11.93
N SER B 930 24.08 51.21 -11.81
CA SER B 930 25.05 50.95 -12.86
C SER B 930 24.76 49.63 -13.58
N ASN B 931 24.67 49.69 -14.92
CA ASN B 931 24.17 48.60 -15.76
C ASN B 931 24.65 47.20 -15.41
N VAL B 932 23.74 46.37 -14.89
CA VAL B 932 24.01 44.97 -14.60
C VAL B 932 23.27 44.11 -15.62
N VAL B 933 23.76 42.90 -15.80
CA VAL B 933 23.16 41.92 -16.70
C VAL B 933 22.65 40.74 -15.88
N THR B 934 21.47 40.24 -16.23
CA THR B 934 20.90 39.07 -15.59
C THR B 934 20.75 37.98 -16.64
N MSE B 935 21.18 36.77 -16.29
CA MSE B 935 21.03 35.63 -17.18
C MSE B 935 20.69 34.38 -16.38
O MSE B 935 21.16 34.20 -15.26
CB MSE B 935 22.29 35.42 -18.01
CG MSE B 935 23.52 35.04 -17.19
SE MSE B 935 25.10 34.86 -18.31
CE MSE B 935 26.02 33.45 -17.30
N ASP B 936 19.84 33.52 -16.95
CA ASP B 936 19.37 32.31 -16.29
C ASP B 936 20.20 31.13 -16.80
N LEU B 937 21.03 30.58 -15.92
CA LEU B 937 21.90 29.48 -16.30
C LEU B 937 21.27 28.13 -15.97
N ALA B 938 21.77 27.09 -16.63
CA ALA B 938 21.19 25.74 -16.55
C ALA B 938 22.18 24.81 -15.88
N LEU B 939 21.89 24.41 -14.64
CA LEU B 939 22.76 23.50 -13.90
C LEU B 939 22.76 22.12 -14.55
N ASP B 940 23.96 21.55 -14.66
CA ASP B 940 24.09 20.22 -15.27
C ASP B 940 23.64 19.12 -14.30
N LYS B 941 23.96 19.25 -13.02
CA LYS B 941 23.53 18.32 -11.99
C LYS B 941 22.61 19.03 -11.02
N ALA B 942 21.36 18.58 -10.94
CA ALA B 942 20.38 19.24 -10.09
C ALA B 942 20.81 19.18 -8.64
N VAL B 943 20.44 20.21 -7.89
CA VAL B 943 20.90 20.34 -6.51
C VAL B 943 20.09 19.41 -5.61
N ARG B 944 20.76 18.81 -4.63
CA ARG B 944 20.09 17.91 -3.70
C ARG B 944 19.02 18.64 -2.91
N ASP B 945 18.10 17.85 -2.35
CA ASP B 945 17.01 18.42 -1.58
C ASP B 945 17.52 19.16 -0.36
N ASP B 946 18.25 18.47 0.52
CA ASP B 946 18.68 19.09 1.77
C ASP B 946 19.56 20.30 1.54
N ILE B 947 20.41 20.26 0.52
CA ILE B 947 21.20 21.44 0.16
C ILE B 947 20.29 22.56 -0.32
N TYR B 948 19.31 22.23 -1.15
CA TYR B 948 18.40 23.23 -1.69
C TYR B 948 17.57 23.88 -0.57
N ARG B 949 17.12 23.08 0.40
CA ARG B 949 16.25 23.62 1.43
C ARG B 949 17.01 24.50 2.41
N TYR B 950 18.32 24.27 2.60
CA TYR B 950 19.09 25.09 3.51
C TYR B 950 19.53 26.40 2.86
N LEU B 951 19.79 26.38 1.56
CA LEU B 951 20.23 27.60 0.87
C LEU B 951 19.07 28.57 0.63
N THR B 952 17.85 28.06 0.48
CA THR B 952 16.72 28.90 0.12
C THR B 952 15.86 29.30 1.31
N ASN B 953 16.37 29.13 2.53
CA ASN B 953 15.66 29.53 3.76
C ASN B 953 14.22 29.02 3.80
S SO4 C . -5.27 -12.83 -1.03
O1 SO4 C . -4.73 -13.37 -2.27
O2 SO4 C . -6.69 -12.57 -1.17
O3 SO4 C . -5.09 -13.80 0.04
O4 SO4 C . -4.59 -11.58 -0.68
S SO4 D . 1.11 -2.95 4.14
O1 SO4 D . 0.31 -1.73 4.19
O2 SO4 D . 1.71 -3.09 2.81
O3 SO4 D . 0.26 -4.10 4.40
O4 SO4 D . 2.13 -2.88 5.18
S SO4 E . 23.22 -1.78 27.47
O1 SO4 E . 22.10 -1.17 26.77
O2 SO4 E . 24.09 -0.76 28.03
O3 SO4 E . 23.97 -2.62 26.54
O4 SO4 E . 22.70 -2.61 28.57
S SO4 F . 7.23 1.96 13.59
O1 SO4 F . 7.16 3.37 13.24
O2 SO4 F . 6.10 1.62 14.47
O3 SO4 F . 7.15 1.10 12.41
O4 SO4 F . 8.49 1.67 14.28
#